data_7UIB
#
_entry.id   7UIB
#
_cell.length_a   141.368
_cell.length_b   172.178
_cell.length_c   137.054
_cell.angle_alpha   90.00
_cell.angle_beta   90.00
_cell.angle_gamma   90.00
#
_symmetry.space_group_name_H-M   'C 2 2 21'
#
loop_
_entity.id
_entity.type
_entity.pdbx_description
1 polymer VHH-G6
2 polymer SV2
3 polymer 'Neurotoxin type E'
4 branched 2-acetamido-2-deoxy-beta-D-glucopyranose-(1-4)-2-acetamido-2-deoxy-beta-D-glucopyranose
5 non-polymer 2-acetamido-2-deoxy-beta-D-glucopyranose
6 non-polymer 'SULFATE ION'
7 non-polymer 'TETRAETHYLENE GLYCOL'
8 non-polymer 'N-acetyl-beta-neuraminic acid'
9 water water
#
loop_
_entity_poly.entity_id
_entity_poly.type
_entity_poly.pdbx_seq_one_letter_code
_entity_poly.pdbx_strand_id
1 'polypeptide(L)'
;QLQLVETGGGLVKPGGSLRLSCVVSGFTFDDYRMAWVRQAPGKELEWVSSIDSWSINTYYEDSVKGRFTISTDNAKNTLY
LQMSSLKPEDTAVYYCAAEDRLGVPTINAHPSKYDYNYWGQGTQVTVSS
;
B,E
2 'polypeptide(L)'
;VERDKYANFTINFTMENQIHTGMEYDNGRFIGVKFKSVTFKDSVFKECYFEDVTSSNTFFRNCTFINTVFYNTDLFEYKF
VNSRLINSTFLHNKEGTSPSASGGS
;
C,F
3 'polypeptide(L)'
;RIKSSSVLNMRYKNDKYVDTSGYDSNININGDVYKYPTNKNQFGIYNDKLSEVNISQNDYIIYDNKYKNFSISFWVRIPN
YDNKIVNVNNEYTIINCMRDNNSGWKVSLNHNEIIWTLQDNAGINQKLAFNYGNANGISDYINKWIFVTITNDRLGDSKL
YINGNLIDQKSILNLGNIHVSDNILFKIVNCSYTRYIGIRYFNIFDKELDETEIQTLYSNEPNTNILKDFWGNYLLYDKE
YYLLNVLKPNNFIDRRKDSTLSINNIRSTILLANRLYSGIKVKIQRVNNSSTNDNLVRKNDQVYINFVASKTHLFPLYAD
TATTNKEKTIKISSSGNRFNQVVVMNSVGNNCTMNFKNNNGNNIGLLGFKADTVVASTWYYTHMRDHTNSNGCFWNFISE
EHGWQEK
;
D,A
#
loop_
_chem_comp.id
_chem_comp.type
_chem_comp.name
_chem_comp.formula
NAG D-saccharide, beta linking 2-acetamido-2-deoxy-beta-D-glucopyranose 'C8 H15 N O6'
PG4 non-polymer 'TETRAETHYLENE GLYCOL' 'C8 H18 O5'
SLB D-saccharide, beta linking 'N-acetyl-beta-neuraminic acid' 'C11 H19 N O9'
SO4 non-polymer 'SULFATE ION' 'O4 S -2'
#
# COMPACT_ATOMS: atom_id res chain seq x y z
N LEU A 2 5.02 -2.27 -12.99
CA LEU A 2 6.41 -1.74 -13.11
C LEU A 2 7.39 -2.91 -13.22
N GLN A 3 7.35 -3.60 -14.38
CA GLN A 3 8.21 -4.75 -14.61
C GLN A 3 8.75 -4.71 -16.04
N LEU A 4 9.95 -5.30 -16.20
CA LEU A 4 10.57 -5.53 -17.48
C LEU A 4 10.98 -7.01 -17.55
N VAL A 5 10.73 -7.65 -18.70
CA VAL A 5 11.11 -9.04 -18.90
C VAL A 5 11.81 -9.17 -20.25
N GLU A 6 13.05 -9.68 -20.22
CA GLU A 6 13.84 -9.86 -21.43
C GLU A 6 13.74 -11.30 -21.92
N THR A 7 13.91 -11.47 -23.24
CA THR A 7 14.04 -12.75 -23.89
C THR A 7 14.79 -12.59 -25.21
N GLY A 8 15.18 -13.71 -25.82
CA GLY A 8 15.79 -13.69 -27.14
C GLY A 8 17.28 -14.05 -27.11
N GLY A 9 17.83 -14.24 -25.90
CA GLY A 9 19.21 -14.64 -25.74
C GLY A 9 19.40 -16.14 -26.03
N GLY A 10 20.59 -16.49 -26.52
CA GLY A 10 20.92 -17.88 -26.78
C GLY A 10 22.43 -18.10 -26.96
N LEU A 11 22.76 -19.22 -27.60
CA LEU A 11 24.13 -19.57 -27.90
C LEU A 11 24.35 -19.45 -29.41
N VAL A 12 25.47 -18.83 -29.80
CA VAL A 12 25.78 -18.56 -31.20
C VAL A 12 27.28 -18.69 -31.42
N LYS A 13 27.67 -18.70 -32.70
CA LYS A 13 29.06 -18.74 -33.11
C LYS A 13 29.53 -17.33 -33.46
N PRO A 14 30.85 -17.07 -33.50
CA PRO A 14 31.38 -15.79 -33.94
C PRO A 14 30.86 -15.42 -35.33
N GLY A 15 30.10 -14.32 -35.40
CA GLY A 15 29.56 -13.82 -36.66
C GLY A 15 28.05 -14.02 -36.76
N GLY A 16 27.46 -14.72 -35.79
CA GLY A 16 26.02 -14.98 -35.75
C GLY A 16 25.22 -13.72 -35.46
N SER A 17 23.93 -13.92 -35.15
CA SER A 17 23.03 -12.81 -34.88
C SER A 17 21.97 -13.23 -33.86
N LEU A 18 21.54 -12.25 -33.04
CA LEU A 18 20.47 -12.44 -32.07
C LEU A 18 19.57 -11.21 -32.08
N ARG A 19 18.33 -11.37 -31.60
CA ARG A 19 17.40 -10.27 -31.42
C ARG A 19 16.80 -10.32 -30.01
N LEU A 20 17.27 -9.42 -29.15
CA LEU A 20 16.83 -9.36 -27.78
C LEU A 20 15.59 -8.47 -27.69
N SER A 21 14.60 -8.91 -26.91
CA SER A 21 13.41 -8.13 -26.66
C SER A 21 13.18 -7.98 -25.16
N CYS A 22 12.60 -6.84 -24.78
CA CYS A 22 12.22 -6.57 -23.40
C CYS A 22 10.82 -5.98 -23.39
N VAL A 23 9.87 -6.74 -22.81
CA VAL A 23 8.49 -6.31 -22.68
C VAL A 23 8.34 -5.58 -21.34
N VAL A 24 7.57 -4.49 -21.36
CA VAL A 24 7.41 -3.68 -20.16
C VAL A 24 5.94 -3.70 -19.73
N SER A 25 5.72 -3.53 -18.42
CA SER A 25 4.39 -3.36 -17.86
C SER A 25 4.43 -2.26 -16.81
N GLY A 26 3.45 -1.34 -16.89
CA GLY A 26 3.29 -0.28 -15.90
C GLY A 26 3.57 1.11 -16.45
N PHE A 27 4.32 1.20 -17.55
CA PHE A 27 4.71 2.48 -18.11
C PHE A 27 4.98 2.36 -19.61
N THR A 28 4.95 3.50 -20.29
CA THR A 28 5.32 3.59 -21.70
C THR A 28 6.66 4.31 -21.82
N PHE A 29 7.25 4.25 -23.03
CA PHE A 29 8.58 4.76 -23.28
C PHE A 29 8.58 6.29 -23.38
N ASP A 30 7.41 6.91 -23.18
CA ASP A 30 7.32 8.37 -23.28
C ASP A 30 8.01 9.03 -22.09
N ASP A 31 7.93 8.37 -20.92
CA ASP A 31 8.39 8.97 -19.66
C ASP A 31 9.71 8.34 -19.21
N TYR A 32 10.28 7.44 -20.01
CA TYR A 32 11.49 6.72 -19.63
C TYR A 32 12.39 6.51 -20.84
N ARG A 33 13.69 6.73 -20.63
CA ARG A 33 14.71 6.35 -21.60
C ARG A 33 15.05 4.87 -21.36
N MET A 34 15.13 4.10 -22.46
CA MET A 34 15.39 2.68 -22.32
C MET A 34 16.86 2.39 -22.61
N ALA A 35 17.36 1.32 -21.98
CA ALA A 35 18.78 1.00 -22.01
C ALA A 35 19.00 -0.52 -22.00
N TRP A 36 20.08 -0.94 -22.65
CA TRP A 36 20.62 -2.28 -22.52
C TRP A 36 21.97 -2.19 -21.80
N VAL A 37 22.16 -3.06 -20.80
CA VAL A 37 23.39 -3.11 -20.02
C VAL A 37 23.86 -4.55 -19.93
N ARG A 38 25.17 -4.75 -20.10
CA ARG A 38 25.73 -6.10 -20.13
C ARG A 38 26.55 -6.35 -18.86
N GLN A 39 26.57 -7.61 -18.45
CA GLN A 39 27.45 -8.10 -17.39
C GLN A 39 28.15 -9.37 -17.86
N ALA A 40 29.43 -9.25 -18.20
CA ALA A 40 30.23 -10.39 -18.59
C ALA A 40 30.87 -11.00 -17.33
N PRO A 41 31.10 -12.33 -17.30
CA PRO A 41 31.63 -12.99 -16.09
C PRO A 41 32.96 -12.39 -15.67
N GLY A 42 33.04 -11.97 -14.40
CA GLY A 42 34.25 -11.41 -13.83
C GLY A 42 34.26 -9.89 -13.78
N LYS A 43 33.58 -9.24 -14.75
CA LYS A 43 33.61 -7.79 -14.84
C LYS A 43 32.35 -7.21 -14.21
N GLU A 44 32.37 -5.89 -14.00
CA GLU A 44 31.25 -5.15 -13.45
C GLU A 44 30.26 -4.82 -14.58
N LEU A 45 29.12 -4.24 -14.21
CA LEU A 45 28.08 -3.86 -15.17
C LEU A 45 28.63 -2.86 -16.17
N GLU A 46 28.24 -3.03 -17.43
CA GLU A 46 28.75 -2.23 -18.54
C GLU A 46 27.59 -1.87 -19.47
N TRP A 47 27.37 -0.56 -19.63
CA TRP A 47 26.27 -0.03 -20.43
C TRP A 47 26.49 -0.32 -21.91
N VAL A 48 25.45 -0.85 -22.57
CA VAL A 48 25.53 -1.26 -23.96
C VAL A 48 24.94 -0.17 -24.85
N SER A 49 23.65 0.15 -24.65
CA SER A 49 22.94 1.08 -25.50
C SER A 49 21.78 1.76 -24.77
N SER A 50 21.27 2.84 -25.38
CA SER A 50 20.14 3.59 -24.86
C SER A 50 19.37 4.23 -26.00
N ILE A 51 18.07 4.50 -25.74
CA ILE A 51 17.18 5.09 -26.73
C ILE A 51 16.22 6.05 -26.02
N ASP A 52 15.98 7.19 -26.68
CA ASP A 52 14.93 8.12 -26.27
C ASP A 52 13.81 8.04 -27.30
N SER A 53 12.60 7.67 -26.84
CA SER A 53 11.49 7.42 -27.74
C SER A 53 10.87 8.72 -28.25
N TRP A 54 10.71 9.70 -27.35
CA TRP A 54 10.16 11.00 -27.70
C TRP A 54 10.96 11.61 -28.87
N SER A 55 12.28 11.42 -28.83
CA SER A 55 13.18 11.94 -29.84
C SER A 55 13.64 10.81 -30.76
N ILE A 56 14.60 11.11 -31.65
CA ILE A 56 15.19 10.11 -32.52
C ILE A 56 16.64 9.88 -32.09
N ASN A 57 16.89 10.02 -30.79
CA ASN A 57 18.23 9.98 -30.23
C ASN A 57 18.52 8.59 -29.64
N THR A 58 19.45 7.88 -30.28
CA THR A 58 19.96 6.62 -29.79
C THR A 58 21.43 6.78 -29.42
N TYR A 59 21.85 6.08 -28.36
CA TYR A 59 23.21 6.18 -27.85
C TYR A 59 23.83 4.79 -27.82
N TYR A 60 25.11 4.72 -28.17
CA TYR A 60 25.86 3.48 -28.15
C TYR A 60 27.21 3.72 -27.50
N GLU A 61 27.89 2.62 -27.14
CA GLU A 61 29.27 2.67 -26.71
C GLU A 61 30.17 2.32 -27.89
N ASP A 62 31.43 2.76 -27.83
CA ASP A 62 32.37 2.70 -28.94
C ASP A 62 32.53 1.28 -29.46
N SER A 63 32.31 0.30 -28.58
CA SER A 63 32.73 -1.08 -28.81
C SER A 63 31.64 -1.91 -29.50
N VAL A 64 30.45 -1.34 -29.70
CA VAL A 64 29.32 -2.11 -30.19
C VAL A 64 28.64 -1.41 -31.35
N LYS A 65 28.96 -0.12 -31.55
CA LYS A 65 28.34 0.69 -32.59
C LYS A 65 28.61 0.05 -33.95
N GLY A 66 27.53 -0.13 -34.72
CA GLY A 66 27.61 -0.73 -36.05
C GLY A 66 27.00 -2.12 -36.08
N ARG A 67 27.20 -2.88 -34.99
CA ARG A 67 26.77 -4.27 -34.93
C ARG A 67 25.44 -4.39 -34.17
N PHE A 68 25.24 -3.50 -33.18
CA PHE A 68 24.06 -3.52 -32.34
C PHE A 68 23.17 -2.32 -32.67
N THR A 69 21.87 -2.57 -32.73
CA THR A 69 20.89 -1.52 -33.00
C THR A 69 19.76 -1.60 -31.98
N ILE A 70 19.48 -0.46 -31.33
CA ILE A 70 18.38 -0.36 -30.39
C ILE A 70 17.14 0.13 -31.13
N SER A 71 15.97 -0.40 -30.73
CA SER A 71 14.71 -0.12 -31.38
C SER A 71 13.57 -0.12 -30.35
N THR A 72 12.49 0.60 -30.69
CA THR A 72 11.24 0.50 -29.98
C THR A 72 10.11 0.38 -31.00
N ASP A 73 8.97 -0.15 -30.55
CA ASP A 73 7.78 -0.26 -31.37
C ASP A 73 7.01 1.06 -31.32
N ASN A 74 5.90 1.11 -32.06
CA ASN A 74 5.03 2.28 -32.11
C ASN A 74 4.06 2.26 -30.94
N ALA A 75 3.96 1.11 -30.26
CA ALA A 75 3.14 0.97 -29.07
C ALA A 75 3.87 1.54 -27.86
N LYS A 76 5.20 1.66 -27.97
CA LYS A 76 6.08 2.27 -26.97
C LYS A 76 6.08 1.46 -25.67
N ASN A 77 6.09 0.12 -25.79
CA ASN A 77 6.08 -0.75 -24.62
C ASN A 77 6.97 -1.98 -24.81
N THR A 78 7.63 -2.09 -25.97
CA THR A 78 8.56 -3.17 -26.22
C THR A 78 9.89 -2.62 -26.73
N LEU A 79 10.99 -3.08 -26.13
CA LEU A 79 12.33 -2.63 -26.46
C LEU A 79 13.08 -3.76 -27.17
N TYR A 80 13.80 -3.39 -28.23
CA TYR A 80 14.52 -4.36 -29.05
C TYR A 80 16.00 -3.98 -29.12
N LEU A 81 16.85 -5.00 -29.18
CA LEU A 81 18.25 -4.84 -29.54
C LEU A 81 18.63 -5.93 -30.55
N GLN A 82 18.76 -5.53 -31.81
CA GLN A 82 19.25 -6.40 -32.87
C GLN A 82 20.77 -6.43 -32.81
N MET A 83 21.31 -7.61 -32.52
CA MET A 83 22.75 -7.81 -32.39
C MET A 83 23.24 -8.67 -33.54
N SER A 84 24.24 -8.17 -34.27
CA SER A 84 24.79 -8.87 -35.43
C SER A 84 26.32 -8.89 -35.34
N SER A 85 26.94 -9.77 -36.13
CA SER A 85 28.39 -9.92 -36.21
C SER A 85 28.99 -10.12 -34.82
N LEU A 86 28.39 -11.05 -34.06
CA LEU A 86 28.68 -11.23 -32.65
C LEU A 86 30.11 -11.75 -32.47
N LYS A 87 30.84 -11.14 -31.54
CA LYS A 87 32.17 -11.56 -31.16
C LYS A 87 32.10 -12.26 -29.80
N PRO A 88 33.07 -13.14 -29.46
CA PRO A 88 33.10 -13.80 -28.15
C PRO A 88 33.11 -12.86 -26.94
N GLU A 89 33.56 -11.61 -27.14
CA GLU A 89 33.62 -10.64 -26.06
C GLU A 89 32.22 -10.20 -25.66
N ASP A 90 31.22 -10.51 -26.50
CA ASP A 90 29.84 -10.08 -26.28
C ASP A 90 29.15 -11.00 -25.27
N THR A 91 29.71 -12.19 -25.06
CA THR A 91 29.13 -13.19 -24.16
C THR A 91 28.94 -12.55 -22.77
N ALA A 92 27.68 -12.48 -22.35
CA ALA A 92 27.30 -11.81 -21.11
C ALA A 92 25.82 -12.01 -20.84
N VAL A 93 25.40 -11.65 -19.61
CA VAL A 93 23.99 -11.51 -19.30
C VAL A 93 23.59 -10.08 -19.68
N TYR A 94 22.45 -9.96 -20.39
CA TYR A 94 21.99 -8.68 -20.89
C TYR A 94 20.68 -8.29 -20.21
N TYR A 95 20.68 -7.08 -19.63
CA TYR A 95 19.53 -6.57 -18.91
C TYR A 95 18.96 -5.37 -19.66
N CYS A 96 17.63 -5.27 -19.67
CA CYS A 96 16.96 -4.06 -20.11
C CYS A 96 16.66 -3.22 -18.87
N ALA A 97 16.77 -1.90 -19.02
CA ALA A 97 16.64 -0.96 -17.91
C ALA A 97 15.90 0.30 -18.38
N ALA A 98 15.24 0.97 -17.42
CA ALA A 98 14.50 2.19 -17.69
C ALA A 98 15.00 3.29 -16.76
N GLU A 99 15.37 4.43 -17.34
CA GLU A 99 15.74 5.62 -16.60
C GLU A 99 14.61 6.63 -16.73
N ASP A 100 14.30 7.34 -15.64
CA ASP A 100 13.41 8.49 -15.68
C ASP A 100 14.08 9.60 -16.50
N ARG A 101 13.35 10.08 -17.51
CA ARG A 101 13.90 11.01 -18.47
C ARG A 101 14.10 12.39 -17.84
N LEU A 102 13.40 12.65 -16.73
CA LEU A 102 13.40 13.96 -16.09
C LEU A 102 14.62 14.14 -15.20
N GLY A 103 15.32 13.04 -14.90
CA GLY A 103 16.52 13.09 -14.08
C GLY A 103 17.73 13.62 -14.86
N VAL A 104 18.87 13.69 -14.18
CA VAL A 104 20.12 14.12 -14.79
C VAL A 104 20.47 13.16 -15.93
N PRO A 105 20.69 13.67 -17.15
CA PRO A 105 20.83 12.81 -18.34
C PRO A 105 22.22 12.22 -18.56
N THR A 106 23.03 12.15 -17.49
CA THR A 106 24.34 11.51 -17.55
C THR A 106 24.19 10.03 -17.91
N ILE A 107 25.21 9.51 -18.60
CA ILE A 107 25.29 8.09 -18.90
C ILE A 107 26.65 7.57 -18.43
N ASN A 108 26.67 6.94 -17.26
CA ASN A 108 27.87 6.33 -16.72
C ASN A 108 28.07 4.98 -17.39
N ALA A 109 29.32 4.66 -17.73
CA ALA A 109 29.64 3.44 -18.45
C ALA A 109 29.65 2.25 -17.48
N HIS A 110 29.95 2.53 -16.21
CA HIS A 110 29.96 1.52 -15.16
C HIS A 110 28.88 1.83 -14.12
N PRO A 111 27.59 1.64 -14.47
CA PRO A 111 26.50 2.04 -13.59
C PRO A 111 26.30 1.09 -12.41
N SER A 112 25.73 1.64 -11.33
CA SER A 112 25.26 0.86 -10.20
C SER A 112 23.75 0.71 -10.32
N LYS A 113 23.13 0.10 -9.30
CA LYS A 113 21.71 -0.17 -9.29
C LYS A 113 20.91 1.12 -9.46
N TYR A 114 21.39 2.24 -8.90
CA TYR A 114 20.59 3.45 -8.81
C TYR A 114 20.64 4.28 -10.10
N ASP A 115 21.38 3.83 -11.11
CA ASP A 115 21.51 4.57 -12.35
C ASP A 115 20.22 4.47 -13.18
N TYR A 116 19.37 3.47 -12.87
CA TYR A 116 18.15 3.23 -13.62
C TYR A 116 17.01 2.90 -12.66
N ASN A 117 15.78 3.22 -13.06
CA ASN A 117 14.59 3.05 -12.23
C ASN A 117 14.22 1.58 -12.09
N TYR A 118 14.20 0.86 -13.23
CA TYR A 118 13.81 -0.54 -13.26
C TYR A 118 14.84 -1.34 -14.05
N TRP A 119 15.21 -2.50 -13.48
CA TRP A 119 16.05 -3.46 -14.17
C TRP A 119 15.23 -4.70 -14.47
N GLY A 120 15.62 -5.42 -15.53
CA GLY A 120 14.97 -6.68 -15.90
C GLY A 120 15.58 -7.86 -15.14
N GLN A 121 15.23 -9.06 -15.60
CA GLN A 121 15.69 -10.31 -15.02
C GLN A 121 17.01 -10.72 -15.66
N GLY A 122 17.23 -10.30 -16.93
CA GLY A 122 18.40 -10.65 -17.68
C GLY A 122 18.18 -11.85 -18.61
N THR A 123 18.93 -11.87 -19.72
CA THR A 123 18.92 -12.94 -20.70
C THR A 123 20.36 -13.26 -21.10
N GLN A 124 20.69 -14.55 -21.16
CA GLN A 124 22.05 -14.99 -21.39
C GLN A 124 22.35 -14.98 -22.88
N VAL A 125 23.52 -14.41 -23.24
CA VAL A 125 24.01 -14.43 -24.60
C VAL A 125 25.42 -15.04 -24.58
N THR A 126 25.58 -16.17 -25.30
CA THR A 126 26.83 -16.89 -25.34
C THR A 126 27.32 -16.98 -26.79
N VAL A 127 28.55 -16.50 -27.02
CA VAL A 127 29.20 -16.61 -28.31
C VAL A 127 30.33 -17.63 -28.18
N SER A 128 30.13 -18.80 -28.80
CA SER A 128 31.05 -19.93 -28.64
C SER A 128 31.45 -20.46 -30.01
N SER A 129 32.71 -20.93 -30.11
CA SER A 129 33.23 -21.54 -31.33
C SER A 129 32.77 -23.01 -31.41
N GLU B 2 14.40 6.22 40.75
CA GLU B 2 15.66 5.66 41.36
C GLU B 2 16.43 4.87 40.29
N ARG B 3 16.18 5.19 39.02
CA ARG B 3 16.80 4.50 37.90
C ARG B 3 18.11 5.19 37.53
N ASP B 4 19.12 4.39 37.20
CA ASP B 4 20.40 4.90 36.72
C ASP B 4 20.18 5.52 35.34
N LYS B 5 20.43 6.83 35.25
CA LYS B 5 20.13 7.58 34.04
C LYS B 5 21.36 7.59 33.15
N TYR B 6 21.10 7.61 31.83
CA TYR B 6 22.07 7.78 30.77
C TYR B 6 21.40 8.62 29.68
N ALA B 7 22.16 9.53 29.06
CA ALA B 7 21.54 10.41 28.10
C ALA B 7 22.49 10.72 26.93
N ASN B 8 21.89 11.14 25.81
CA ASN B 8 22.55 11.50 24.57
C ASN B 8 23.74 10.59 24.28
N PHE B 9 23.49 9.28 24.26
CA PHE B 9 24.57 8.37 23.94
C PHE B 9 24.21 7.63 22.65
N THR B 10 25.22 7.46 21.79
CA THR B 10 25.08 6.65 20.58
C THR B 10 25.83 5.34 20.79
N ILE B 11 25.15 4.22 20.51
CA ILE B 11 25.73 2.88 20.62
C ILE B 11 25.66 2.17 19.26
N ASN B 12 26.75 1.53 18.88
CA ASN B 12 26.92 1.02 17.53
C ASN B 12 27.63 -0.33 17.51
N PHE B 13 27.59 -1.08 18.62
CA PHE B 13 28.32 -2.33 18.72
C PHE B 13 27.43 -3.44 19.28
N THR B 14 27.82 -4.68 19.00
CA THR B 14 27.15 -5.88 19.47
C THR B 14 27.07 -5.86 20.99
N MET B 15 25.92 -6.29 21.53
CA MET B 15 25.74 -6.42 22.96
C MET B 15 25.33 -7.86 23.25
N GLU B 16 26.13 -8.55 24.08
CA GLU B 16 25.96 -9.96 24.36
C GLU B 16 25.79 -10.20 25.85
N ASN B 17 24.87 -11.11 26.18
CA ASN B 17 24.74 -11.70 27.51
C ASN B 17 24.74 -10.62 28.59
N GLN B 18 23.71 -9.77 28.57
CA GLN B 18 23.61 -8.66 29.52
C GLN B 18 22.18 -8.56 30.05
N ILE B 19 22.08 -8.21 31.34
CA ILE B 19 20.82 -7.86 31.97
C ILE B 19 20.94 -6.44 32.51
N HIS B 20 20.10 -5.54 32.00
CA HIS B 20 20.07 -4.17 32.47
C HIS B 20 18.75 -3.93 33.20
N THR B 21 18.84 -3.63 34.49
CA THR B 21 17.68 -3.49 35.35
C THR B 21 17.62 -2.07 35.92
N GLY B 22 16.42 -1.47 35.89
CA GLY B 22 16.16 -0.16 36.46
C GLY B 22 17.04 0.93 35.87
N MET B 23 16.98 1.10 34.55
CA MET B 23 17.79 2.07 33.83
C MET B 23 16.86 3.09 33.15
N GLU B 24 17.40 4.27 32.88
CA GLU B 24 16.67 5.31 32.17
C GLU B 24 17.56 5.90 31.08
N TYR B 25 17.36 5.43 29.85
CA TYR B 25 18.09 5.93 28.70
C TYR B 25 17.31 7.10 28.11
N ASP B 26 17.96 8.27 28.04
CA ASP B 26 17.35 9.46 27.48
C ASP B 26 18.05 9.80 26.17
N ASN B 27 17.28 9.85 25.09
CA ASN B 27 17.81 10.22 23.77
C ASN B 27 18.98 9.31 23.42
N GLY B 28 18.77 7.99 23.54
CA GLY B 28 19.77 7.01 23.19
C GLY B 28 19.60 6.55 21.74
N ARG B 29 20.72 6.19 21.11
CA ARG B 29 20.73 5.71 19.73
C ARG B 29 21.36 4.33 19.68
N PHE B 30 20.63 3.38 19.09
CA PHE B 30 21.14 2.04 18.84
C PHE B 30 21.14 1.79 17.33
N ILE B 31 22.31 1.96 16.72
CA ILE B 31 22.42 1.93 15.27
C ILE B 31 23.40 0.82 14.90
N GLY B 32 22.90 -0.14 14.10
CA GLY B 32 23.70 -1.27 13.64
C GLY B 32 24.04 -2.26 14.75
N VAL B 33 23.19 -2.34 15.78
CA VAL B 33 23.44 -3.17 16.94
C VAL B 33 22.78 -4.52 16.74
N LYS B 34 23.54 -5.59 17.03
CA LYS B 34 22.98 -6.92 17.16
C LYS B 34 22.87 -7.28 18.64
N PHE B 35 21.65 -7.57 19.10
CA PHE B 35 21.40 -7.99 20.47
C PHE B 35 21.46 -9.52 20.54
N LYS B 36 22.17 -10.03 21.55
CA LYS B 36 22.30 -11.45 21.76
C LYS B 36 22.11 -11.74 23.25
N SER B 37 20.97 -12.36 23.59
CA SER B 37 20.66 -12.71 24.97
C SER B 37 20.77 -11.49 25.87
N VAL B 38 20.08 -10.41 25.49
CA VAL B 38 20.07 -9.18 26.26
C VAL B 38 18.65 -8.98 26.81
N THR B 39 18.57 -8.59 28.09
CA THR B 39 17.30 -8.39 28.75
C THR B 39 17.28 -7.02 29.42
N PHE B 40 16.29 -6.21 29.07
CA PHE B 40 16.02 -4.95 29.73
C PHE B 40 14.83 -5.11 30.66
N LYS B 41 15.05 -4.79 31.93
CA LYS B 41 14.02 -4.93 32.94
C LYS B 41 13.80 -3.57 33.61
N ASP B 42 12.52 -3.24 33.83
CA ASP B 42 12.12 -2.07 34.60
C ASP B 42 12.86 -0.82 34.12
N SER B 43 12.98 -0.68 32.80
CA SER B 43 13.71 0.42 32.20
C SER B 43 12.76 1.37 31.48
N VAL B 44 13.21 2.62 31.30
CA VAL B 44 12.44 3.61 30.55
C VAL B 44 13.32 4.10 29.40
N PHE B 45 12.72 4.13 28.20
CA PHE B 45 13.38 4.64 27.01
C PHE B 45 12.69 5.93 26.59
N LYS B 46 13.39 7.06 26.82
CA LYS B 46 12.84 8.37 26.54
C LYS B 46 13.51 8.95 25.29
N GLU B 47 12.71 9.17 24.26
CA GLU B 47 13.15 9.79 23.01
C GLU B 47 14.38 9.04 22.48
N CYS B 48 14.30 7.71 22.43
CA CYS B 48 15.40 6.90 21.96
C CYS B 48 15.19 6.55 20.49
N TYR B 49 16.25 6.07 19.85
CA TYR B 49 16.23 5.76 18.43
C TYR B 49 16.95 4.43 18.18
N PHE B 50 16.33 3.59 17.34
CA PHE B 50 16.88 2.30 16.97
C PHE B 50 16.90 2.19 15.45
N GLU B 51 18.04 1.74 14.90
CA GLU B 51 18.20 1.61 13.47
C GLU B 51 19.09 0.41 13.17
N ASP B 52 18.68 -0.39 12.18
CA ASP B 52 19.44 -1.52 11.68
C ASP B 52 19.82 -2.44 12.83
N VAL B 53 18.80 -2.91 13.56
CA VAL B 53 18.96 -3.72 14.76
C VAL B 53 18.46 -5.12 14.47
N THR B 54 19.30 -6.12 14.78
CA THR B 54 18.89 -7.52 14.83
C THR B 54 18.95 -8.00 16.28
N SER B 55 18.07 -8.96 16.61
CA SER B 55 17.92 -9.41 17.98
C SER B 55 17.76 -10.92 18.03
N SER B 56 18.32 -11.51 19.08
CA SER B 56 18.22 -12.93 19.34
C SER B 56 18.15 -13.12 20.85
N ASN B 57 17.13 -13.87 21.29
CA ASN B 57 16.89 -14.15 22.70
C ASN B 57 16.96 -12.84 23.49
N THR B 58 16.32 -11.80 22.93
CA THR B 58 16.32 -10.48 23.54
C THR B 58 14.89 -10.08 23.87
N PHE B 59 14.73 -9.53 25.08
CA PHE B 59 13.40 -9.17 25.57
C PHE B 59 13.46 -7.83 26.31
N PHE B 60 12.31 -7.16 26.35
CA PHE B 60 12.09 -5.98 27.17
C PHE B 60 10.94 -6.27 28.13
N ARG B 61 11.28 -6.50 29.41
CA ARG B 61 10.31 -6.91 30.41
C ARG B 61 10.00 -5.72 31.31
N ASN B 62 8.70 -5.45 31.49
CA ASN B 62 8.19 -4.35 32.29
C ASN B 62 8.98 -3.07 31.98
N CYS B 63 8.98 -2.67 30.71
CA CYS B 63 9.69 -1.48 30.28
C CYS B 63 8.68 -0.45 29.76
N THR B 64 9.11 0.82 29.72
CA THR B 64 8.31 1.89 29.18
C THR B 64 9.08 2.59 28.04
N PHE B 65 8.38 2.83 26.94
CA PHE B 65 8.93 3.53 25.79
C PHE B 65 8.10 4.77 25.51
N ILE B 66 8.79 5.91 25.42
CA ILE B 66 8.13 7.19 25.19
C ILE B 66 8.82 7.89 24.02
N ASN B 67 8.05 8.17 22.97
CA ASN B 67 8.53 8.95 21.83
C ASN B 67 9.80 8.31 21.24
N THR B 68 9.76 6.98 21.10
CA THR B 68 10.88 6.19 20.62
C THR B 68 10.55 5.66 19.22
N VAL B 69 11.55 5.68 18.34
CA VAL B 69 11.39 5.24 16.96
C VAL B 69 12.27 4.02 16.72
N PHE B 70 11.68 2.99 16.11
CA PHE B 70 12.39 1.79 15.70
C PHE B 70 12.35 1.71 14.18
N TYR B 71 13.49 2.00 13.55
CA TYR B 71 13.61 1.97 12.11
C TYR B 71 14.51 0.82 11.69
N ASN B 72 13.98 -0.05 10.82
CA ASN B 72 14.72 -1.16 10.25
C ASN B 72 15.23 -2.05 11.38
N THR B 73 14.29 -2.56 12.18
CA THR B 73 14.61 -3.48 13.27
C THR B 73 13.80 -4.77 13.14
N ASP B 74 14.22 -5.80 13.87
CA ASP B 74 13.49 -7.05 13.93
C ASP B 74 12.83 -7.20 15.31
N LEU B 75 12.63 -6.06 16.00
CA LEU B 75 12.08 -6.11 17.35
C LEU B 75 10.56 -6.26 17.29
N PHE B 76 10.11 -7.48 16.96
CA PHE B 76 8.70 -7.78 16.81
C PHE B 76 8.01 -7.81 18.17
N GLU B 77 6.68 -7.98 18.16
CA GLU B 77 5.85 -7.78 19.32
C GLU B 77 6.25 -8.68 20.49
N TYR B 78 6.62 -9.94 20.18
CA TYR B 78 6.84 -10.95 21.20
C TYR B 78 8.05 -10.63 22.07
N LYS B 79 8.81 -9.60 21.71
CA LYS B 79 10.01 -9.24 22.44
C LYS B 79 9.67 -8.25 23.55
N PHE B 80 8.43 -7.75 23.54
CA PHE B 80 7.99 -6.75 24.51
C PHE B 80 7.01 -7.38 25.51
N VAL B 81 7.52 -7.76 26.67
CA VAL B 81 6.75 -8.47 27.68
C VAL B 81 6.39 -7.50 28.79
N ASN B 82 5.09 -7.29 28.99
CA ASN B 82 4.55 -6.45 30.05
C ASN B 82 5.03 -5.01 29.90
N SER B 83 5.39 -4.62 28.67
CA SER B 83 5.90 -3.28 28.42
C SER B 83 4.80 -2.40 27.85
N ARG B 84 4.95 -1.09 28.02
CA ARG B 84 4.03 -0.12 27.45
C ARG B 84 4.79 0.80 26.50
N LEU B 85 4.23 1.01 25.31
CA LEU B 85 4.81 1.89 24.31
C LEU B 85 3.92 3.11 24.13
N ILE B 86 4.41 4.27 24.56
CA ILE B 86 3.66 5.52 24.46
C ILE B 86 4.27 6.35 23.35
N ASN B 87 3.53 6.49 22.24
CA ASN B 87 3.95 7.24 21.06
C ASN B 87 5.25 6.69 20.51
N SER B 88 5.40 5.36 20.59
CA SER B 88 6.55 4.68 20.00
C SER B 88 6.14 4.05 18.68
N THR B 89 6.97 4.27 17.64
CA THR B 89 6.64 3.86 16.29
C THR B 89 7.67 2.86 15.77
N PHE B 90 7.19 1.88 15.00
CA PHE B 90 8.04 0.97 14.27
C PHE B 90 7.89 1.26 12.78
N LEU B 91 9.01 1.53 12.10
CA LEU B 91 9.01 1.88 10.68
C LEU B 91 9.92 0.92 9.94
N HIS B 92 9.42 0.41 8.81
CA HIS B 92 10.17 -0.43 7.88
C HIS B 92 10.89 -1.57 8.60
N ASN B 93 10.12 -2.44 9.25
CA ASN B 93 10.65 -3.57 10.01
C ASN B 93 11.49 -4.49 9.12
N LYS B 94 12.43 -5.20 9.75
CA LYS B 94 13.41 -6.03 9.08
C LYS B 94 12.77 -7.28 8.47
N GLU B 95 11.43 -7.33 8.50
CA GLU B 95 10.67 -8.25 7.68
C GLU B 95 9.18 -7.91 7.78
N GLY B 96 8.44 -8.22 6.71
CA GLY B 96 7.01 -7.92 6.66
C GLY B 96 6.74 -6.45 6.44
N GLN C 1 -10.03 -42.59 17.37
CA GLN C 1 -9.01 -43.59 17.81
C GLN C 1 -7.75 -42.87 18.28
N LEU C 2 -7.71 -41.54 18.12
CA LEU C 2 -6.60 -40.70 18.55
C LEU C 2 -6.47 -40.80 20.07
N GLN C 3 -5.29 -41.24 20.53
CA GLN C 3 -5.04 -41.42 21.95
C GLN C 3 -3.54 -41.55 22.20
N LEU C 4 -3.10 -41.04 23.36
CA LEU C 4 -1.74 -41.20 23.83
C LEU C 4 -1.79 -41.69 25.27
N VAL C 5 -1.11 -42.81 25.55
CA VAL C 5 -1.10 -43.42 26.88
C VAL C 5 0.35 -43.60 27.31
N GLU C 6 0.70 -43.01 28.46
CA GLU C 6 2.07 -43.07 28.96
C GLU C 6 2.16 -44.06 30.11
N THR C 7 3.28 -44.80 30.15
CA THR C 7 3.60 -45.72 31.22
C THR C 7 5.10 -45.65 31.52
N GLY C 8 5.49 -46.19 32.68
CA GLY C 8 6.90 -46.34 33.00
C GLY C 8 7.36 -45.46 34.16
N GLY C 9 6.57 -44.43 34.49
CA GLY C 9 6.92 -43.52 35.55
C GLY C 9 6.76 -44.15 36.93
N GLY C 10 7.63 -43.77 37.87
CA GLY C 10 7.58 -44.28 39.22
C GLY C 10 8.51 -43.53 40.16
N LEU C 11 9.02 -44.25 41.18
CA LEU C 11 9.97 -43.71 42.14
C LEU C 11 11.30 -44.44 41.98
N VAL C 12 12.35 -43.68 41.66
CA VAL C 12 13.69 -44.21 41.51
C VAL C 12 14.65 -43.29 42.28
N LYS C 13 15.67 -43.90 42.89
CA LYS C 13 16.64 -43.18 43.72
C LYS C 13 17.40 -42.17 42.85
N PRO C 14 17.83 -41.01 43.44
CA PRO C 14 18.63 -40.04 42.71
C PRO C 14 19.82 -40.69 42.00
N GLY C 15 20.02 -40.30 40.74
CA GLY C 15 21.06 -40.87 39.90
C GLY C 15 20.59 -42.11 39.15
N GLY C 16 19.29 -42.42 39.24
CA GLY C 16 18.70 -43.59 38.61
C GLY C 16 18.39 -43.36 37.13
N SER C 17 17.67 -44.33 36.55
CA SER C 17 17.29 -44.29 35.14
C SER C 17 15.88 -44.86 34.99
N LEU C 18 15.04 -44.16 34.21
CA LEU C 18 13.71 -44.64 33.90
C LEU C 18 13.51 -44.65 32.39
N ARG C 19 12.48 -45.39 31.95
CA ARG C 19 12.12 -45.49 30.54
C ARG C 19 10.62 -45.23 30.41
N LEU C 20 10.26 -43.99 30.08
CA LEU C 20 8.87 -43.66 29.81
C LEU C 20 8.52 -44.16 28.41
N SER C 21 7.28 -44.65 28.27
CA SER C 21 6.79 -45.16 27.01
C SER C 21 5.40 -44.55 26.74
N CYS C 22 5.29 -43.82 25.63
CA CYS C 22 4.03 -43.25 25.19
C CYS C 22 3.55 -44.03 23.98
N VAL C 23 2.49 -44.84 24.19
CA VAL C 23 1.87 -45.59 23.11
C VAL C 23 0.80 -44.71 22.49
N VAL C 24 0.90 -44.49 21.17
CA VAL C 24 -0.01 -43.60 20.48
C VAL C 24 -0.88 -44.43 19.52
N SER C 25 -2.06 -43.90 19.21
CA SER C 25 -2.99 -44.53 18.30
C SER C 25 -3.71 -43.43 17.52
N GLY C 26 -3.90 -43.68 16.21
CA GLY C 26 -4.72 -42.80 15.40
C GLY C 26 -3.90 -42.02 14.36
N PHE C 27 -2.58 -42.00 14.54
CA PHE C 27 -1.71 -41.25 13.64
C PHE C 27 -0.34 -41.89 13.58
N THR C 28 0.45 -41.48 12.59
CA THR C 28 1.81 -41.96 12.39
C THR C 28 2.79 -40.89 12.82
N PHE C 29 4.01 -41.31 13.17
CA PHE C 29 5.05 -40.41 13.65
C PHE C 29 5.69 -39.63 12.50
N ASP C 30 5.30 -39.94 11.26
CA ASP C 30 5.83 -39.22 10.12
C ASP C 30 5.08 -37.91 9.93
N ASP C 31 3.90 -37.80 10.56
CA ASP C 31 3.02 -36.66 10.34
C ASP C 31 3.02 -35.73 11.56
N TYR C 32 3.72 -36.14 12.62
CA TYR C 32 3.61 -35.45 13.90
C TYR C 32 4.96 -35.46 14.62
N ARG C 33 5.41 -34.26 15.01
CA ARG C 33 6.53 -34.12 15.92
C ARG C 33 6.08 -34.54 17.31
N MET C 34 6.91 -35.31 18.01
CA MET C 34 6.56 -35.83 19.32
C MET C 34 7.36 -35.08 20.39
N ALA C 35 6.76 -34.95 21.57
CA ALA C 35 7.37 -34.17 22.64
C ALA C 35 7.01 -34.72 24.01
N TRP C 36 7.96 -34.59 24.94
CA TRP C 36 7.74 -34.84 26.36
C TRP C 36 7.73 -33.51 27.09
N VAL C 37 6.70 -33.30 27.91
CA VAL C 37 6.51 -32.07 28.66
C VAL C 37 6.24 -32.44 30.12
N ARG C 38 6.88 -31.72 31.05
CA ARG C 38 6.76 -31.99 32.46
C ARG C 38 5.95 -30.89 33.16
N GLN C 39 5.20 -31.29 34.19
CA GLN C 39 4.51 -30.34 35.04
C GLN C 39 4.91 -30.58 36.50
N ALA C 40 5.46 -29.54 37.12
CA ALA C 40 5.93 -29.56 38.50
C ALA C 40 4.74 -29.44 39.45
N PRO C 41 4.94 -29.60 40.79
CA PRO C 41 3.84 -29.46 41.75
C PRO C 41 3.26 -28.05 41.85
N GLY C 42 2.43 -27.68 40.86
CA GLY C 42 1.71 -26.42 40.89
C GLY C 42 2.28 -25.38 39.92
N LYS C 43 3.48 -25.65 39.36
CA LYS C 43 4.11 -24.74 38.43
C LYS C 43 3.53 -24.93 37.03
N GLU C 44 3.91 -24.03 36.11
CA GLU C 44 3.45 -24.09 34.74
C GLU C 44 4.21 -25.18 34.01
N LEU C 45 3.57 -25.72 32.96
CA LEU C 45 4.15 -26.76 32.13
C LEU C 45 5.53 -26.31 31.64
N GLU C 46 6.46 -27.28 31.56
CA GLU C 46 7.81 -27.02 31.08
C GLU C 46 8.17 -28.07 30.03
N TRP C 47 8.47 -27.59 28.83
CA TRP C 47 8.85 -28.48 27.73
C TRP C 47 10.19 -29.13 28.06
N VAL C 48 10.24 -30.45 27.86
CA VAL C 48 11.41 -31.25 28.22
C VAL C 48 12.21 -31.58 26.95
N SER C 49 11.56 -32.24 25.99
CA SER C 49 12.26 -32.69 24.80
C SER C 49 11.28 -32.91 23.64
N SER C 50 11.80 -32.86 22.41
CA SER C 50 11.02 -33.13 21.22
C SER C 50 11.84 -33.96 20.23
N ILE C 51 11.14 -34.64 19.32
CA ILE C 51 11.77 -35.44 18.29
C ILE C 51 11.02 -35.28 16.97
N ASP C 52 11.77 -35.04 15.90
CA ASP C 52 11.30 -35.20 14.54
C ASP C 52 11.86 -36.53 14.04
N SER C 53 10.97 -37.39 13.52
CA SER C 53 11.34 -38.77 13.26
C SER C 53 11.64 -38.99 11.78
N TRP C 54 10.91 -38.27 10.92
CA TRP C 54 11.11 -38.33 9.46
C TRP C 54 12.55 -37.99 9.12
N SER C 55 13.13 -37.06 9.89
CA SER C 55 14.57 -36.86 9.98
C SER C 55 14.93 -36.79 11.45
N ILE C 56 15.97 -37.54 11.85
CA ILE C 56 16.14 -38.06 13.20
C ILE C 56 16.14 -36.96 14.27
N ASN C 57 16.05 -35.71 13.85
CA ASN C 57 16.33 -34.55 14.67
C ASN C 57 15.73 -34.65 16.08
N THR C 58 16.55 -34.25 17.06
CA THR C 58 16.14 -34.22 18.47
C THR C 58 16.38 -32.83 19.04
N TYR C 59 15.62 -32.49 20.08
CA TYR C 59 15.71 -31.21 20.76
C TYR C 59 15.54 -31.45 22.25
N TYR C 60 16.45 -30.87 23.04
CA TYR C 60 16.44 -31.08 24.48
C TYR C 60 16.50 -29.72 25.18
N GLU C 61 15.70 -29.59 26.24
CA GLU C 61 15.83 -28.47 27.17
C GLU C 61 17.23 -28.55 27.76
N ASP C 62 17.94 -27.41 27.74
CA ASP C 62 19.38 -27.32 27.98
C ASP C 62 19.82 -28.20 29.14
N SER C 63 19.02 -28.24 30.23
CA SER C 63 19.33 -29.03 31.41
C SER C 63 19.25 -30.52 31.10
N VAL C 64 18.33 -30.90 30.23
CA VAL C 64 18.02 -32.30 29.98
C VAL C 64 19.08 -32.94 29.09
N LYS C 65 19.67 -32.16 28.18
CA LYS C 65 20.54 -32.65 27.12
C LYS C 65 21.66 -33.51 27.71
N GLY C 66 21.89 -34.67 27.08
CA GLY C 66 22.98 -35.56 27.49
C GLY C 66 22.51 -36.63 28.47
N ARG C 67 21.61 -36.24 29.39
CA ARG C 67 21.10 -37.16 30.40
C ARG C 67 19.98 -37.99 29.80
N PHE C 68 18.92 -37.32 29.34
CA PHE C 68 17.79 -38.01 28.75
C PHE C 68 18.05 -38.28 27.28
N THR C 69 17.21 -39.12 26.69
CA THR C 69 17.33 -39.46 25.27
C THR C 69 15.95 -39.83 24.73
N ILE C 70 15.46 -39.02 23.81
CA ILE C 70 14.15 -39.25 23.21
C ILE C 70 14.33 -40.15 22.00
N SER C 71 13.37 -41.05 21.78
CA SER C 71 13.39 -41.96 20.66
C SER C 71 11.97 -42.30 20.23
N THR C 72 11.85 -42.86 19.03
CA THR C 72 10.57 -43.30 18.49
C THR C 72 10.76 -44.66 17.85
N ASP C 73 9.64 -45.35 17.62
CA ASP C 73 9.67 -46.66 16.99
C ASP C 73 8.41 -46.84 16.15
N ASN C 74 8.44 -46.33 14.91
CA ASN C 74 7.34 -46.54 13.98
C ASN C 74 7.07 -48.04 13.89
N ALA C 75 8.10 -48.81 14.27
CA ALA C 75 8.03 -50.25 14.49
C ALA C 75 6.79 -50.57 15.31
N LYS C 76 6.80 -50.16 16.59
CA LYS C 76 5.73 -50.49 17.52
C LYS C 76 4.87 -49.26 17.82
N ASN C 77 5.02 -48.20 17.01
CA ASN C 77 4.24 -46.98 17.12
C ASN C 77 4.38 -46.38 18.51
N THR C 78 5.54 -46.54 19.14
CA THR C 78 5.69 -46.15 20.54
C THR C 78 6.74 -45.06 20.68
N LEU C 79 6.45 -44.02 21.47
CA LEU C 79 7.44 -43.00 21.76
C LEU C 79 8.15 -43.35 23.07
N TYR C 80 9.49 -43.19 23.08
CA TYR C 80 10.28 -43.49 24.25
C TYR C 80 11.01 -42.25 24.76
N LEU C 81 11.12 -42.17 26.09
CA LEU C 81 12.04 -41.26 26.74
C LEU C 81 12.90 -42.05 27.71
N GLN C 82 14.16 -42.28 27.32
CA GLN C 82 15.13 -42.98 28.14
C GLN C 82 15.79 -42.00 29.10
N MET C 83 15.32 -42.01 30.35
CA MET C 83 15.90 -41.21 31.41
C MET C 83 17.19 -41.90 31.89
N SER C 84 18.05 -41.10 32.54
CA SER C 84 19.24 -41.57 33.21
C SER C 84 19.83 -40.40 34.00
N SER C 85 20.63 -40.73 35.03
CA SER C 85 21.21 -39.75 35.93
C SER C 85 20.13 -38.78 36.41
N LEU C 86 19.11 -39.33 37.07
CA LEU C 86 17.97 -38.54 37.52
C LEU C 86 18.41 -37.64 38.68
N LYS C 87 17.90 -36.41 38.66
CA LYS C 87 18.18 -35.41 39.68
C LYS C 87 16.89 -35.15 40.43
N PRO C 88 16.94 -34.57 41.66
CA PRO C 88 15.74 -34.38 42.47
C PRO C 88 14.64 -33.54 41.84
N GLU C 89 15.02 -32.56 41.01
CA GLU C 89 14.07 -31.57 40.52
C GLU C 89 13.36 -32.06 39.26
N ASP C 90 13.64 -33.30 38.84
CA ASP C 90 12.99 -33.90 37.68
C ASP C 90 11.69 -34.58 38.09
N THR C 91 11.30 -34.42 39.36
CA THR C 91 10.06 -34.99 39.87
C THR C 91 8.88 -34.16 39.36
N ALA C 92 8.00 -34.80 38.58
CA ALA C 92 6.88 -34.13 37.96
C ALA C 92 5.99 -35.15 37.27
N VAL C 93 4.85 -34.67 36.74
CA VAL C 93 4.03 -35.49 35.87
C VAL C 93 4.49 -35.26 34.43
N TYR C 94 4.75 -36.36 33.70
CA TYR C 94 5.37 -36.30 32.40
C TYR C 94 4.37 -36.72 31.34
N TYR C 95 3.93 -35.74 30.53
CA TYR C 95 2.99 -36.01 29.46
C TYR C 95 3.73 -36.13 28.14
N CYS C 96 3.25 -37.02 27.28
CA CYS C 96 3.66 -37.03 25.88
C CYS C 96 2.65 -36.22 25.07
N ALA C 97 3.13 -35.61 23.98
CA ALA C 97 2.31 -34.72 23.18
C ALA C 97 2.71 -34.85 21.71
N ALA C 98 1.75 -34.61 20.83
CA ALA C 98 1.95 -34.70 19.39
C ALA C 98 1.58 -33.38 18.74
N GLU C 99 2.53 -32.84 17.97
CA GLU C 99 2.34 -31.59 17.25
C GLU C 99 2.33 -31.86 15.75
N ASP C 100 1.35 -31.28 15.04
CA ASP C 100 1.30 -31.34 13.59
C ASP C 100 2.61 -30.79 13.01
N ARG C 101 3.30 -31.62 12.21
CA ARG C 101 4.59 -31.28 11.65
C ARG C 101 4.50 -30.04 10.75
N LEU C 102 3.34 -29.83 10.13
CA LEU C 102 3.19 -28.84 9.07
C LEU C 102 3.02 -27.42 9.64
N GLY C 103 2.83 -27.31 10.96
CA GLY C 103 2.62 -26.02 11.60
C GLY C 103 3.95 -25.36 11.97
N VAL C 104 3.85 -24.13 12.49
CA VAL C 104 5.00 -23.33 12.90
C VAL C 104 5.86 -24.14 13.86
N PRO C 105 7.13 -24.43 13.52
CA PRO C 105 7.95 -25.39 14.26
C PRO C 105 8.66 -24.82 15.49
N THR C 106 8.12 -23.72 16.02
CA THR C 106 8.68 -23.12 17.23
C THR C 106 8.52 -24.09 18.39
N ILE C 107 9.36 -23.91 19.41
CA ILE C 107 9.30 -24.71 20.62
C ILE C 107 9.22 -23.76 21.82
N ASN C 108 8.01 -23.57 22.34
CA ASN C 108 7.78 -22.75 23.50
C ASN C 108 8.23 -23.52 24.73
N ALA C 109 8.94 -22.82 25.62
CA ALA C 109 9.50 -23.42 26.82
C ALA C 109 8.39 -23.78 27.80
N HIS C 110 7.39 -22.90 27.91
CA HIS C 110 6.25 -23.12 28.80
C HIS C 110 4.96 -23.18 27.98
N PRO C 111 4.69 -24.30 27.29
CA PRO C 111 3.56 -24.36 26.36
C PRO C 111 2.21 -24.36 27.06
N SER C 112 1.17 -24.06 26.29
CA SER C 112 -0.20 -24.26 26.73
C SER C 112 -0.80 -25.39 25.91
N LYS C 113 -2.10 -25.63 26.07
CA LYS C 113 -2.72 -26.81 25.48
C LYS C 113 -2.67 -26.71 23.94
N TYR C 114 -2.77 -25.48 23.42
CA TYR C 114 -2.85 -25.28 21.99
C TYR C 114 -1.49 -25.38 21.29
N ASP C 115 -0.44 -25.70 22.06
CA ASP C 115 0.88 -25.90 21.48
C ASP C 115 1.00 -27.28 20.86
N TYR C 116 0.08 -28.19 21.17
CA TYR C 116 0.11 -29.55 20.66
C TYR C 116 -1.29 -30.00 20.25
N ASN C 117 -1.35 -30.87 19.23
CA ASN C 117 -2.61 -31.40 18.73
C ASN C 117 -3.24 -32.31 19.78
N TYR C 118 -2.42 -33.21 20.34
CA TYR C 118 -2.93 -34.25 21.23
C TYR C 118 -2.02 -34.38 22.44
N TRP C 119 -2.64 -34.54 23.62
CA TRP C 119 -1.91 -34.75 24.86
C TRP C 119 -2.26 -36.12 25.43
N GLY C 120 -1.41 -36.60 26.34
CA GLY C 120 -1.67 -37.84 27.05
C GLY C 120 -2.34 -37.59 28.40
N GLN C 121 -2.24 -38.59 29.28
CA GLN C 121 -2.87 -38.55 30.59
C GLN C 121 -1.83 -38.18 31.66
N GLY C 122 -0.59 -38.62 31.43
CA GLY C 122 0.53 -38.23 32.28
C GLY C 122 0.86 -39.30 33.31
N THR C 123 2.16 -39.64 33.39
CA THR C 123 2.67 -40.57 34.39
C THR C 123 3.53 -39.79 35.39
N GLN C 124 3.35 -40.11 36.67
CA GLN C 124 4.09 -39.46 37.73
C GLN C 124 5.52 -40.01 37.75
N VAL C 125 6.47 -39.11 38.01
CA VAL C 125 7.86 -39.48 38.19
C VAL C 125 8.35 -38.76 39.43
N THR C 126 8.53 -39.53 40.52
CA THR C 126 9.07 -38.99 41.76
C THR C 126 10.49 -39.49 41.94
N VAL C 127 11.36 -38.61 42.45
CA VAL C 127 12.75 -38.94 42.71
C VAL C 127 13.11 -38.39 44.09
N SER C 128 13.22 -39.30 45.07
CA SER C 128 13.54 -38.92 46.44
C SER C 128 14.31 -40.06 47.11
N SER C 129 15.19 -39.70 48.05
CA SER C 129 15.98 -40.66 48.80
C SER C 129 15.16 -41.19 49.98
N ARG D 3 -42.65 -2.62 22.58
CA ARG D 3 -42.89 -1.18 22.28
C ARG D 3 -41.58 -0.41 22.43
N ASP D 4 -40.95 -0.50 23.61
CA ASP D 4 -39.71 0.21 23.91
C ASP D 4 -38.56 -0.44 23.15
N LYS D 5 -38.05 0.28 22.14
CA LYS D 5 -37.05 -0.26 21.23
C LYS D 5 -35.64 0.10 21.72
N TYR D 6 -34.85 -0.93 22.02
CA TYR D 6 -33.42 -0.81 22.21
C TYR D 6 -32.71 -1.57 21.08
N ALA D 7 -31.56 -1.05 20.62
CA ALA D 7 -30.87 -1.63 19.47
C ALA D 7 -29.37 -1.44 19.57
N ASN D 8 -28.63 -2.24 18.78
CA ASN D 8 -27.19 -2.17 18.62
C ASN D 8 -26.47 -2.17 19.97
N PHE D 9 -26.94 -3.01 20.90
CA PHE D 9 -26.40 -3.02 22.26
C PHE D 9 -25.70 -4.35 22.54
N THR D 10 -24.94 -4.39 23.64
CA THR D 10 -24.22 -5.58 24.07
C THR D 10 -24.23 -5.66 25.59
N ILE D 11 -24.68 -6.81 26.12
CA ILE D 11 -24.73 -7.07 27.55
C ILE D 11 -23.72 -8.16 27.90
N ASN D 12 -22.82 -7.87 28.84
CA ASN D 12 -21.74 -8.78 29.22
C ASN D 12 -21.79 -9.09 30.72
N PHE D 13 -22.83 -8.59 31.41
CA PHE D 13 -22.92 -8.71 32.85
C PHE D 13 -24.10 -9.58 33.25
N THR D 14 -24.15 -9.97 34.53
CA THR D 14 -25.20 -10.80 35.11
C THR D 14 -26.48 -9.98 35.25
N MET D 15 -27.60 -10.61 34.90
CA MET D 15 -28.93 -10.05 35.13
C MET D 15 -29.66 -10.92 36.15
N GLU D 16 -30.13 -10.28 37.24
CA GLU D 16 -30.73 -10.98 38.35
C GLU D 16 -32.09 -10.36 38.68
N ASN D 17 -33.09 -11.24 38.87
CA ASN D 17 -34.39 -10.88 39.42
C ASN D 17 -34.98 -9.69 38.67
N GLN D 18 -35.32 -9.90 37.39
CA GLN D 18 -35.86 -8.84 36.55
C GLN D 18 -37.01 -9.41 35.72
N ILE D 19 -37.92 -8.51 35.32
CA ILE D 19 -39.02 -8.85 34.44
C ILE D 19 -39.13 -7.73 33.39
N HIS D 20 -38.67 -8.03 32.18
CA HIS D 20 -38.73 -7.07 31.08
C HIS D 20 -39.95 -7.36 30.22
N THR D 21 -40.80 -6.34 30.03
CA THR D 21 -42.04 -6.49 29.31
C THR D 21 -42.11 -5.45 28.17
N GLY D 22 -42.63 -5.89 27.01
CA GLY D 22 -42.99 -5.00 25.92
C GLY D 22 -41.79 -4.31 25.27
N MET D 23 -40.69 -5.05 25.14
CA MET D 23 -39.47 -4.53 24.55
C MET D 23 -39.38 -5.00 23.11
N GLU D 24 -38.61 -4.26 22.30
CA GLU D 24 -38.31 -4.64 20.93
C GLU D 24 -36.82 -4.48 20.70
N TYR D 25 -36.05 -5.53 21.01
CA TYR D 25 -34.61 -5.55 20.83
C TYR D 25 -34.26 -5.80 19.37
N ASP D 26 -33.38 -4.94 18.83
CA ASP D 26 -32.94 -5.03 17.46
C ASP D 26 -31.42 -5.09 17.44
N ASN D 27 -30.87 -6.22 16.93
CA ASN D 27 -29.43 -6.42 16.87
C ASN D 27 -28.82 -6.28 18.26
N GLY D 28 -29.47 -6.90 19.25
CA GLY D 28 -28.92 -7.01 20.59
C GLY D 28 -27.89 -8.14 20.68
N ARG D 29 -26.99 -8.02 21.66
CA ARG D 29 -25.96 -9.04 21.90
C ARG D 29 -25.97 -9.41 23.37
N PHE D 30 -26.10 -10.71 23.64
CA PHE D 30 -26.03 -11.25 24.98
C PHE D 30 -24.86 -12.23 25.03
N ILE D 31 -23.69 -11.71 25.42
CA ILE D 31 -22.46 -12.48 25.42
C ILE D 31 -21.92 -12.54 26.85
N GLY D 32 -21.79 -13.77 27.36
CA GLY D 32 -21.23 -14.03 28.67
C GLY D 32 -22.22 -13.74 29.81
N VAL D 33 -23.51 -13.59 29.47
CA VAL D 33 -24.54 -13.22 30.43
C VAL D 33 -24.93 -14.46 31.24
N LYS D 34 -25.12 -14.25 32.54
CA LYS D 34 -25.68 -15.27 33.43
C LYS D 34 -27.05 -14.80 33.88
N PHE D 35 -28.09 -15.52 33.44
CA PHE D 35 -29.47 -15.18 33.77
C PHE D 35 -29.89 -15.91 35.05
N LYS D 36 -30.33 -15.12 36.05
CA LYS D 36 -30.83 -15.65 37.31
C LYS D 36 -32.20 -15.05 37.59
N SER D 37 -33.24 -15.89 37.45
CA SER D 37 -34.61 -15.50 37.70
C SER D 37 -34.95 -14.23 36.91
N VAL D 38 -34.82 -14.33 35.58
CA VAL D 38 -35.15 -13.25 34.68
C VAL D 38 -36.28 -13.73 33.77
N THR D 39 -37.20 -12.82 33.43
CA THR D 39 -38.31 -13.16 32.55
C THR D 39 -38.46 -12.07 31.49
N PHE D 40 -38.70 -12.51 30.26
CA PHE D 40 -39.05 -11.63 29.16
C PHE D 40 -40.49 -11.93 28.75
N LYS D 41 -41.32 -10.87 28.70
CA LYS D 41 -42.71 -11.03 28.35
C LYS D 41 -43.05 -10.05 27.22
N ASP D 42 -43.75 -10.57 26.20
CA ASP D 42 -44.24 -9.79 25.07
C ASP D 42 -43.11 -8.92 24.53
N SER D 43 -41.97 -9.57 24.24
CA SER D 43 -40.81 -8.89 23.69
C SER D 43 -40.51 -9.43 22.30
N VAL D 44 -39.82 -8.61 21.50
CA VAL D 44 -39.41 -9.00 20.16
C VAL D 44 -37.89 -8.92 20.07
N PHE D 45 -37.28 -10.02 19.65
CA PHE D 45 -35.85 -10.08 19.40
C PHE D 45 -35.61 -10.15 17.90
N LYS D 46 -35.06 -9.06 17.36
CA LYS D 46 -34.89 -8.90 15.93
C LYS D 46 -33.40 -8.93 15.61
N GLU D 47 -32.98 -9.99 14.92
CA GLU D 47 -31.61 -10.19 14.46
C GLU D 47 -30.64 -10.03 15.64
N CYS D 48 -30.92 -10.74 16.72
CA CYS D 48 -30.11 -10.65 17.94
C CYS D 48 -29.16 -11.84 17.98
N TYR D 49 -28.25 -11.83 18.96
CA TYR D 49 -27.19 -12.81 19.05
C TYR D 49 -26.88 -13.11 20.52
N PHE D 50 -26.88 -14.41 20.86
CA PHE D 50 -26.57 -14.86 22.20
C PHE D 50 -25.32 -15.74 22.15
N GLU D 51 -24.44 -15.56 23.14
CA GLU D 51 -23.22 -16.36 23.23
C GLU D 51 -22.80 -16.52 24.69
N ASP D 52 -22.44 -17.75 25.05
CA ASP D 52 -21.95 -18.06 26.38
C ASP D 52 -22.96 -17.60 27.44
N VAL D 53 -24.21 -18.04 27.27
CA VAL D 53 -25.30 -17.64 28.15
C VAL D 53 -25.71 -18.83 29.01
N THR D 54 -25.58 -18.66 30.34
CA THR D 54 -26.12 -19.63 31.27
C THR D 54 -27.37 -19.05 31.91
N SER D 55 -28.37 -19.91 32.12
CA SER D 55 -29.66 -19.47 32.62
C SER D 55 -30.09 -20.34 33.80
N SER D 56 -30.89 -19.74 34.67
CA SER D 56 -31.48 -20.42 35.82
C SER D 56 -32.78 -19.70 36.19
N ASN D 57 -33.90 -20.43 36.11
CA ASN D 57 -35.22 -19.90 36.40
C ASN D 57 -35.53 -18.74 35.43
N THR D 58 -35.13 -18.91 34.17
CA THR D 58 -35.29 -17.88 33.17
C THR D 58 -36.21 -18.41 32.07
N PHE D 59 -37.11 -17.55 31.59
CA PHE D 59 -38.08 -17.92 30.58
C PHE D 59 -38.34 -16.75 29.63
N PHE D 60 -38.80 -17.09 28.42
CA PHE D 60 -39.24 -16.12 27.44
C PHE D 60 -40.71 -16.40 27.13
N ARG D 61 -41.60 -15.63 27.77
CA ARG D 61 -43.03 -15.86 27.69
C ARG D 61 -43.65 -14.89 26.69
N ASN D 62 -44.36 -15.43 25.70
CA ASN D 62 -45.06 -14.66 24.68
C ASN D 62 -44.08 -13.75 23.94
N CYS D 63 -42.89 -14.30 23.62
CA CYS D 63 -41.87 -13.53 22.90
C CYS D 63 -41.77 -14.02 21.47
N THR D 64 -41.16 -13.20 20.60
CA THR D 64 -40.97 -13.52 19.19
C THR D 64 -39.52 -13.25 18.80
N PHE D 65 -38.89 -14.27 18.22
CA PHE D 65 -37.50 -14.19 17.78
C PHE D 65 -37.46 -14.32 16.26
N ILE D 66 -36.75 -13.37 15.63
CA ILE D 66 -36.55 -13.38 14.19
C ILE D 66 -35.05 -13.30 13.91
N ASN D 67 -34.55 -14.28 13.16
CA ASN D 67 -33.18 -14.26 12.64
C ASN D 67 -32.17 -14.17 13.78
N THR D 68 -32.48 -14.82 14.90
CA THR D 68 -31.64 -14.78 16.08
C THR D 68 -30.78 -16.03 16.13
N VAL D 69 -29.53 -15.86 16.58
CA VAL D 69 -28.60 -16.97 16.71
C VAL D 69 -28.27 -17.18 18.18
N PHE D 70 -28.33 -18.45 18.61
CA PHE D 70 -27.94 -18.84 19.96
C PHE D 70 -26.73 -19.76 19.86
N TYR D 71 -25.56 -19.21 20.20
CA TYR D 71 -24.31 -19.96 20.14
C TYR D 71 -23.82 -20.19 21.56
N ASN D 72 -23.53 -21.46 21.88
CA ASN D 72 -22.96 -21.82 23.18
C ASN D 72 -23.88 -21.31 24.30
N THR D 73 -25.12 -21.77 24.29
CA THR D 73 -26.11 -21.36 25.27
C THR D 73 -26.73 -22.59 25.92
N ASP D 74 -27.47 -22.35 27.02
CA ASP D 74 -28.23 -23.39 27.69
C ASP D 74 -29.72 -23.07 27.60
N LEU D 75 -30.10 -22.21 26.64
CA LEU D 75 -31.49 -21.81 26.48
C LEU D 75 -32.25 -22.89 25.74
N PHE D 76 -32.60 -23.95 26.46
CA PHE D 76 -33.22 -25.12 25.87
C PHE D 76 -34.69 -24.84 25.58
N GLU D 77 -35.37 -25.86 25.03
CA GLU D 77 -36.69 -25.72 24.45
C GLU D 77 -37.70 -25.25 25.51
N TYR D 78 -37.53 -25.70 26.75
CA TYR D 78 -38.54 -25.51 27.79
C TYR D 78 -38.56 -24.07 28.29
N LYS D 79 -37.56 -23.26 27.89
CA LYS D 79 -37.43 -21.90 28.37
C LYS D 79 -38.21 -20.94 27.48
N PHE D 80 -38.78 -21.47 26.39
CA PHE D 80 -39.59 -20.68 25.48
C PHE D 80 -41.05 -21.10 25.60
N VAL D 81 -41.80 -20.35 26.43
CA VAL D 81 -43.20 -20.62 26.67
C VAL D 81 -44.04 -19.71 25.77
N ASN D 82 -44.86 -20.32 24.92
CA ASN D 82 -45.80 -19.61 24.07
C ASN D 82 -45.07 -18.58 23.23
N SER D 83 -43.90 -18.95 22.71
CA SER D 83 -43.06 -18.03 21.95
C SER D 83 -42.92 -18.52 20.52
N ARG D 84 -42.66 -17.57 19.60
CA ARG D 84 -42.38 -17.90 18.22
C ARG D 84 -40.88 -17.76 17.96
N LEU D 85 -40.33 -18.74 17.23
CA LEU D 85 -38.95 -18.70 16.78
C LEU D 85 -38.93 -18.79 15.26
N ILE D 86 -38.67 -17.63 14.61
CA ILE D 86 -38.70 -17.52 13.17
C ILE D 86 -37.26 -17.38 12.69
N ASN D 87 -36.81 -18.36 11.89
CA ASN D 87 -35.47 -18.40 11.34
C ASN D 87 -34.41 -18.23 12.41
N SER D 88 -34.63 -18.87 13.56
CA SER D 88 -33.69 -18.80 14.67
C SER D 88 -32.98 -20.14 14.83
N THR D 89 -31.66 -20.08 15.02
CA THR D 89 -30.84 -21.28 15.04
C THR D 89 -30.10 -21.38 16.37
N PHE D 90 -29.94 -22.63 16.83
CA PHE D 90 -29.14 -22.96 18.00
C PHE D 90 -27.91 -23.75 17.56
N LEU D 91 -26.73 -23.31 18.00
CA LEU D 91 -25.45 -23.87 17.59
C LEU D 91 -24.60 -24.15 18.82
N HIS D 92 -24.05 -25.37 18.89
CA HIS D 92 -23.12 -25.80 19.92
C HIS D 92 -23.67 -25.50 21.31
N ASN D 93 -24.78 -26.13 21.66
CA ASN D 93 -25.42 -25.92 22.95
C ASN D 93 -24.47 -26.37 24.08
N LYS D 94 -24.71 -25.86 25.29
CA LYS D 94 -24.00 -26.27 26.50
C LYS D 94 -24.60 -27.57 27.06
N GLU D 95 -24.74 -28.59 26.21
CA GLU D 95 -25.29 -29.87 26.64
C GLU D 95 -24.27 -30.59 27.52
N GLY D 96 -23.14 -30.98 26.92
CA GLY D 96 -22.11 -31.76 27.59
C GLY D 96 -21.84 -33.09 26.88
N LYS E 3 3.76 -2.28 -34.36
CA LYS E 3 5.06 -2.94 -34.69
C LYS E 3 5.30 -4.08 -33.70
N SER E 4 4.44 -4.16 -32.67
CA SER E 4 4.52 -5.20 -31.65
C SER E 4 4.12 -6.54 -32.24
N SER E 5 4.42 -7.61 -31.48
CA SER E 5 4.06 -8.97 -31.86
C SER E 5 2.55 -9.17 -31.74
N SER E 6 1.90 -8.32 -30.94
CA SER E 6 0.47 -8.39 -30.71
C SER E 6 -0.27 -7.82 -31.92
N VAL E 7 -1.02 -8.68 -32.62
CA VAL E 7 -1.78 -8.23 -33.78
C VAL E 7 -3.26 -8.08 -33.43
N LEU E 8 -3.67 -8.62 -32.27
CA LEU E 8 -5.05 -8.46 -31.82
C LEU E 8 -5.07 -8.55 -30.30
N ASN E 9 -5.73 -7.57 -29.67
CA ASN E 9 -5.88 -7.51 -28.23
C ASN E 9 -7.29 -7.01 -27.92
N MET E 10 -8.12 -7.90 -27.34
CA MET E 10 -9.50 -7.58 -27.02
C MET E 10 -9.61 -7.03 -25.60
N ARG E 11 -9.91 -5.73 -25.51
CA ARG E 11 -9.95 -5.01 -24.24
C ARG E 11 -11.24 -4.19 -24.15
N TYR E 12 -11.54 -3.69 -22.95
CA TYR E 12 -12.77 -2.96 -22.70
C TYR E 12 -12.50 -1.46 -22.69
N LYS E 13 -13.43 -0.68 -23.27
CA LYS E 13 -13.46 0.77 -23.15
C LYS E 13 -14.87 1.30 -23.40
N ASN E 14 -15.38 2.08 -22.43
CA ASN E 14 -16.61 2.86 -22.51
C ASN E 14 -17.80 2.07 -23.05
N ASP E 15 -18.05 0.88 -22.50
CA ASP E 15 -19.29 0.15 -22.71
C ASP E 15 -19.19 -0.85 -23.86
N LYS E 16 -18.04 -0.93 -24.54
CA LYS E 16 -17.85 -1.99 -25.52
C LYS E 16 -16.41 -2.49 -25.53
N TYR E 17 -16.17 -3.58 -26.28
CA TYR E 17 -14.85 -4.15 -26.44
C TYR E 17 -14.20 -3.62 -27.71
N VAL E 18 -12.92 -3.25 -27.61
CA VAL E 18 -12.16 -2.70 -28.72
C VAL E 18 -10.88 -3.49 -28.86
N ASP E 19 -10.22 -3.30 -30.02
CA ASP E 19 -8.90 -3.82 -30.25
C ASP E 19 -7.89 -2.74 -29.91
N THR E 20 -7.01 -3.02 -28.94
CA THR E 20 -5.99 -2.09 -28.49
C THR E 20 -4.65 -2.34 -29.16
N SER E 21 -4.58 -3.32 -30.08
CA SER E 21 -3.32 -3.68 -30.72
C SER E 21 -2.78 -2.51 -31.55
N GLY E 22 -3.66 -1.91 -32.37
CA GLY E 22 -3.25 -0.90 -33.32
C GLY E 22 -3.69 -1.23 -34.76
N TYR E 23 -4.15 -2.47 -34.99
CA TYR E 23 -4.50 -2.92 -36.33
C TYR E 23 -5.99 -2.74 -36.60
N ASP E 24 -6.72 -2.28 -35.58
CA ASP E 24 -8.09 -1.81 -35.75
C ASP E 24 -8.98 -2.93 -36.32
N SER E 25 -9.18 -3.99 -35.54
CA SER E 25 -10.24 -4.96 -35.81
C SER E 25 -11.49 -4.53 -35.05
N ASN E 26 -12.66 -4.88 -35.60
CA ASN E 26 -13.92 -4.48 -34.98
C ASN E 26 -14.41 -5.61 -34.08
N ILE E 27 -14.98 -5.21 -32.93
CA ILE E 27 -15.54 -6.15 -31.98
C ILE E 27 -16.99 -5.75 -31.69
N ASN E 28 -17.92 -6.69 -31.94
CA ASN E 28 -19.33 -6.44 -31.75
C ASN E 28 -19.90 -7.45 -30.75
N ILE E 29 -20.87 -6.98 -29.95
CA ILE E 29 -21.60 -7.81 -29.01
C ILE E 29 -23.02 -7.99 -29.53
N ASN E 30 -23.52 -9.24 -29.51
CA ASN E 30 -24.87 -9.58 -29.91
C ASN E 30 -25.57 -10.30 -28.77
N GLY E 31 -26.75 -9.80 -28.41
CA GLY E 31 -27.59 -10.42 -27.40
C GLY E 31 -27.15 -10.03 -25.99
N ASP E 32 -27.25 -11.00 -25.07
CA ASP E 32 -26.97 -10.77 -23.67
C ASP E 32 -25.59 -11.32 -23.35
N VAL E 33 -24.60 -10.43 -23.29
CA VAL E 33 -23.25 -10.79 -22.89
C VAL E 33 -22.97 -10.13 -21.55
N TYR E 34 -22.60 -10.97 -20.57
CA TYR E 34 -22.37 -10.51 -19.21
C TYR E 34 -21.00 -9.85 -19.12
N LYS E 35 -20.92 -8.77 -18.34
CA LYS E 35 -19.68 -8.07 -18.06
C LYS E 35 -19.44 -8.10 -16.56
N TYR E 36 -18.24 -8.55 -16.17
CA TYR E 36 -17.86 -8.59 -14.76
C TYR E 36 -17.68 -7.16 -14.27
N PRO E 37 -18.48 -6.70 -13.28
CA PRO E 37 -18.34 -5.35 -12.72
C PRO E 37 -16.95 -4.98 -12.23
N THR E 38 -16.31 -5.90 -11.50
CA THR E 38 -15.00 -5.65 -10.92
C THR E 38 -13.89 -5.69 -11.97
N ASN E 39 -14.16 -6.31 -13.12
CA ASN E 39 -13.20 -6.37 -14.22
C ASN E 39 -13.95 -6.60 -15.53
N LYS E 40 -14.18 -5.51 -16.28
CA LYS E 40 -15.04 -5.54 -17.45
C LYS E 40 -14.33 -6.15 -18.65
N ASN E 41 -13.05 -6.48 -18.50
CA ASN E 41 -12.33 -7.17 -19.55
C ASN E 41 -12.83 -8.61 -19.64
N GLN E 42 -13.43 -9.09 -18.55
CA GLN E 42 -13.96 -10.43 -18.45
C GLN E 42 -15.43 -10.41 -18.87
N PHE E 43 -15.80 -11.31 -19.78
CA PHE E 43 -17.19 -11.36 -20.22
C PHE E 43 -17.69 -12.80 -20.16
N GLY E 44 -19.00 -12.91 -19.95
CA GLY E 44 -19.68 -14.18 -19.91
C GLY E 44 -20.66 -14.31 -21.08
N ILE E 45 -20.63 -15.49 -21.71
CA ILE E 45 -21.55 -15.82 -22.79
C ILE E 45 -22.42 -16.98 -22.35
N TYR E 46 -23.70 -16.94 -22.74
CA TYR E 46 -24.67 -17.98 -22.43
C TYR E 46 -24.99 -18.78 -23.70
N ASN E 47 -25.84 -19.80 -23.55
CA ASN E 47 -26.30 -20.61 -24.66
C ASN E 47 -27.82 -20.84 -24.57
N ASP E 48 -28.47 -20.22 -23.59
CA ASP E 48 -29.91 -20.34 -23.39
C ASP E 48 -30.62 -19.13 -23.99
N LYS E 49 -29.86 -18.29 -24.70
CA LYS E 49 -30.37 -17.12 -25.37
C LYS E 49 -29.32 -16.62 -26.37
N LEU E 50 -29.60 -15.50 -27.03
CA LEU E 50 -28.62 -14.88 -27.90
C LEU E 50 -27.55 -14.24 -27.04
N SER E 51 -26.32 -14.76 -27.18
CA SER E 51 -25.18 -14.30 -26.41
C SER E 51 -23.90 -14.65 -27.17
N GLU E 52 -23.34 -13.67 -27.87
CA GLU E 52 -22.15 -13.93 -28.65
C GLU E 52 -21.29 -12.67 -28.74
N VAL E 53 -20.02 -12.86 -29.03
CA VAL E 53 -19.12 -11.76 -29.37
C VAL E 53 -18.44 -12.11 -30.69
N ASN E 54 -18.45 -11.15 -31.61
CA ASN E 54 -17.90 -11.35 -32.95
C ASN E 54 -16.79 -10.33 -33.19
N ILE E 55 -15.59 -10.85 -33.48
CA ILE E 55 -14.48 -10.01 -33.90
C ILE E 55 -14.34 -10.11 -35.42
N SER E 56 -14.60 -8.98 -36.11
CA SER E 56 -14.29 -8.78 -37.51
C SER E 56 -12.82 -8.38 -37.62
N GLN E 57 -11.98 -9.33 -38.04
CA GLN E 57 -10.55 -9.10 -38.12
C GLN E 57 -10.26 -8.09 -39.24
N ASN E 58 -9.25 -7.24 -39.02
CA ASN E 58 -8.68 -6.43 -40.08
C ASN E 58 -8.02 -7.34 -41.12
N ASP E 59 -8.23 -7.01 -42.40
CA ASP E 59 -7.73 -7.81 -43.51
C ASP E 59 -6.22 -7.95 -43.46
N TYR E 60 -5.56 -7.01 -42.77
CA TYR E 60 -4.11 -6.97 -42.70
C TYR E 60 -3.57 -8.11 -41.81
N ILE E 61 -4.40 -8.60 -40.87
CA ILE E 61 -3.93 -9.54 -39.86
C ILE E 61 -4.51 -10.94 -40.04
N ILE E 62 -5.44 -11.12 -40.99
CA ILE E 62 -6.05 -12.42 -41.22
C ILE E 62 -4.99 -13.40 -41.73
N TYR E 63 -4.88 -14.55 -41.05
CA TYR E 63 -3.85 -15.53 -41.31
C TYR E 63 -4.14 -16.26 -42.61
N ASP E 64 -3.19 -16.18 -43.56
CA ASP E 64 -3.31 -16.85 -44.84
C ASP E 64 -1.94 -17.23 -45.37
N ASN E 65 -1.09 -17.82 -44.51
CA ASN E 65 0.25 -18.21 -44.93
C ASN E 65 0.48 -19.70 -44.65
N LYS E 66 1.67 -20.17 -45.03
CA LYS E 66 2.08 -21.55 -44.82
C LYS E 66 3.22 -21.61 -43.81
N TYR E 67 3.91 -20.49 -43.57
CA TYR E 67 5.16 -20.55 -42.80
C TYR E 67 5.19 -19.54 -41.65
N LYS E 68 4.18 -18.68 -41.53
CA LYS E 68 4.22 -17.66 -40.50
C LYS E 68 3.76 -18.23 -39.16
N ASN E 69 4.67 -18.24 -38.19
CA ASN E 69 4.37 -18.64 -36.82
C ASN E 69 3.29 -17.73 -36.26
N PHE E 70 2.45 -18.28 -35.36
CA PHE E 70 1.44 -17.46 -34.69
C PHE E 70 1.03 -18.08 -33.36
N SER E 71 0.57 -17.21 -32.45
CA SER E 71 0.17 -17.63 -31.11
C SER E 71 -1.17 -17.01 -30.74
N ILE E 72 -1.90 -17.72 -29.89
CA ILE E 72 -3.18 -17.27 -29.37
C ILE E 72 -3.17 -17.46 -27.86
N SER E 73 -3.74 -16.48 -27.14
CA SER E 73 -3.82 -16.54 -25.70
C SER E 73 -5.17 -16.02 -25.22
N PHE E 74 -5.64 -16.54 -24.10
CA PHE E 74 -6.86 -16.09 -23.45
C PHE E 74 -7.01 -16.81 -22.10
N TRP E 75 -7.95 -16.31 -21.29
CA TRP E 75 -8.35 -16.99 -20.07
C TRP E 75 -9.80 -17.41 -20.21
N VAL E 76 -10.09 -18.62 -19.71
CA VAL E 76 -11.42 -19.21 -19.79
C VAL E 76 -11.85 -19.61 -18.38
N ARG E 77 -13.14 -19.46 -18.10
CA ARG E 77 -13.73 -19.88 -16.85
C ARG E 77 -14.92 -20.79 -17.14
N ILE E 78 -14.85 -22.02 -16.61
CA ILE E 78 -15.80 -23.07 -16.97
C ILE E 78 -16.41 -23.65 -15.69
N PRO E 79 -17.64 -23.24 -15.30
CA PRO E 79 -18.33 -23.85 -14.16
C PRO E 79 -18.94 -25.21 -14.48
N ASN E 80 -19.00 -26.08 -13.47
CA ASN E 80 -19.59 -27.41 -13.59
C ASN E 80 -20.95 -27.47 -12.90
N TYR E 81 -21.17 -26.55 -11.95
CA TYR E 81 -22.46 -26.33 -11.32
C TYR E 81 -22.80 -27.40 -10.29
N ASP E 82 -22.57 -28.68 -10.61
CA ASP E 82 -22.86 -29.73 -9.63
C ASP E 82 -22.02 -30.97 -9.92
N ASN E 83 -21.23 -30.91 -11.00
CA ASN E 83 -20.43 -32.01 -11.52
C ASN E 83 -21.35 -33.13 -12.03
N LYS E 84 -22.62 -32.79 -12.30
CA LYS E 84 -23.57 -33.78 -12.76
C LYS E 84 -24.09 -33.38 -14.14
N ILE E 85 -24.58 -32.15 -14.26
CA ILE E 85 -25.19 -31.69 -15.50
C ILE E 85 -24.15 -31.61 -16.61
N VAL E 86 -22.87 -31.50 -16.24
CA VAL E 86 -21.79 -31.35 -17.21
C VAL E 86 -21.24 -32.72 -17.60
N ASN E 87 -21.61 -33.77 -16.85
CA ASN E 87 -21.04 -35.10 -17.03
C ASN E 87 -21.64 -35.74 -18.28
N VAL E 88 -21.21 -35.25 -19.45
CA VAL E 88 -21.65 -35.76 -20.74
C VAL E 88 -20.51 -35.62 -21.74
N ASN E 89 -20.22 -36.70 -22.47
CA ASN E 89 -19.13 -36.74 -23.41
C ASN E 89 -19.60 -36.19 -24.75
N ASN E 90 -19.34 -34.90 -24.98
CA ASN E 90 -19.73 -34.20 -26.20
C ASN E 90 -18.89 -32.94 -26.38
N GLU E 91 -18.21 -32.86 -27.53
CA GLU E 91 -17.32 -31.74 -27.84
C GLU E 91 -18.16 -30.58 -28.36
N TYR E 92 -17.99 -29.40 -27.75
CA TYR E 92 -18.73 -28.22 -28.14
C TYR E 92 -17.78 -27.02 -28.27
N THR E 93 -18.05 -26.19 -29.28
CA THR E 93 -17.20 -25.06 -29.63
C THR E 93 -17.54 -23.84 -28.77
N ILE E 94 -16.50 -23.05 -28.45
CA ILE E 94 -16.66 -21.80 -27.71
C ILE E 94 -15.99 -20.65 -28.47
N ILE E 95 -14.98 -20.95 -29.29
CA ILE E 95 -14.30 -19.93 -30.08
C ILE E 95 -14.02 -20.45 -31.49
N ASN E 96 -14.60 -19.77 -32.48
CA ASN E 96 -14.57 -20.26 -33.86
C ASN E 96 -13.85 -19.26 -34.76
N CYS E 97 -12.76 -19.73 -35.39
CA CYS E 97 -12.10 -19.00 -36.46
C CYS E 97 -11.83 -19.94 -37.64
N MET E 98 -12.88 -20.66 -38.06
CA MET E 98 -12.80 -21.62 -39.14
C MET E 98 -13.69 -21.19 -40.28
N ARG E 99 -13.19 -21.31 -41.51
CA ARG E 99 -13.93 -20.96 -42.71
C ARG E 99 -14.97 -22.02 -43.03
N ASP E 100 -15.66 -21.85 -44.16
CA ASP E 100 -16.76 -22.70 -44.57
C ASP E 100 -16.27 -24.12 -44.79
N ASN E 101 -14.99 -24.26 -45.19
CA ASN E 101 -14.37 -25.54 -45.45
C ASN E 101 -13.60 -26.02 -44.22
N ASN E 102 -13.97 -25.49 -43.05
CA ASN E 102 -13.40 -25.90 -41.77
C ASN E 102 -11.88 -25.66 -41.76
N SER E 103 -11.47 -24.62 -42.49
CA SER E 103 -10.07 -24.21 -42.49
C SER E 103 -9.88 -23.10 -41.45
N GLY E 104 -8.80 -23.20 -40.66
CA GLY E 104 -8.53 -22.23 -39.61
C GLY E 104 -8.28 -22.90 -38.27
N TRP E 105 -8.85 -22.33 -37.20
CA TRP E 105 -8.63 -22.85 -35.87
C TRP E 105 -9.89 -22.72 -35.02
N LYS E 106 -9.93 -23.50 -33.95
CA LYS E 106 -11.12 -23.66 -33.13
C LYS E 106 -10.70 -23.98 -31.71
N VAL E 107 -11.39 -23.34 -30.74
CA VAL E 107 -11.30 -23.68 -29.34
C VAL E 107 -12.64 -24.28 -28.93
N SER E 108 -12.60 -25.52 -28.43
CA SER E 108 -13.77 -26.26 -28.01
C SER E 108 -13.57 -26.84 -26.61
N LEU E 109 -14.67 -27.24 -25.98
CA LEU E 109 -14.64 -27.81 -24.65
C LEU E 109 -15.30 -29.19 -24.65
N ASN E 110 -15.07 -29.92 -23.57
CA ASN E 110 -15.74 -31.16 -23.25
C ASN E 110 -15.71 -31.30 -21.73
N HIS E 111 -16.20 -32.42 -21.20
CA HIS E 111 -16.28 -32.65 -19.77
C HIS E 111 -14.89 -32.55 -19.15
N ASN E 112 -14.66 -31.42 -18.44
CA ASN E 112 -13.41 -31.11 -17.77
C ASN E 112 -12.24 -31.10 -18.76
N GLU E 113 -12.48 -30.66 -20.01
CA GLU E 113 -11.48 -30.74 -21.06
C GLU E 113 -11.52 -29.48 -21.92
N ILE E 114 -10.33 -29.01 -22.30
CA ILE E 114 -10.15 -27.92 -23.25
C ILE E 114 -9.43 -28.46 -24.48
N ILE E 115 -9.94 -28.10 -25.67
CA ILE E 115 -9.41 -28.63 -26.91
C ILE E 115 -9.10 -27.49 -27.87
N TRP E 116 -7.94 -27.58 -28.54
CA TRP E 116 -7.55 -26.70 -29.63
C TRP E 116 -7.47 -27.51 -30.92
N THR E 117 -8.07 -27.00 -31.99
CA THR E 117 -8.00 -27.66 -33.28
C THR E 117 -7.45 -26.68 -34.33
N LEU E 118 -6.50 -27.16 -35.15
CA LEU E 118 -5.97 -26.38 -36.24
C LEU E 118 -6.03 -27.19 -37.52
N GLN E 119 -6.71 -26.64 -38.54
CA GLN E 119 -6.93 -27.31 -39.81
C GLN E 119 -6.52 -26.40 -40.95
N ASP E 120 -5.97 -27.00 -42.01
CA ASP E 120 -5.56 -26.27 -43.20
C ASP E 120 -6.66 -26.29 -44.25
N ASN E 121 -6.34 -25.82 -45.46
CA ASN E 121 -7.29 -25.72 -46.56
C ASN E 121 -7.58 -27.09 -47.16
N ALA E 122 -6.68 -28.06 -46.96
CA ALA E 122 -6.86 -29.37 -47.55
C ALA E 122 -7.54 -30.33 -46.58
N GLY E 123 -7.84 -29.86 -45.36
CA GLY E 123 -8.59 -30.65 -44.38
C GLY E 123 -7.71 -31.44 -43.44
N ILE E 124 -6.39 -31.20 -43.50
CA ILE E 124 -5.44 -31.83 -42.59
C ILE E 124 -5.45 -31.03 -41.29
N ASN E 125 -5.61 -31.73 -40.16
CA ASN E 125 -5.78 -31.05 -38.89
C ASN E 125 -4.88 -31.69 -37.83
N GLN E 126 -4.82 -31.00 -36.68
CA GLN E 126 -4.13 -31.46 -35.50
C GLN E 126 -4.87 -30.90 -34.28
N LYS E 127 -5.04 -31.76 -33.27
CA LYS E 127 -5.77 -31.39 -32.07
C LYS E 127 -4.86 -31.53 -30.86
N LEU E 128 -4.85 -30.48 -30.02
CA LEU E 128 -4.21 -30.52 -28.71
C LEU E 128 -5.31 -30.41 -27.65
N ALA E 129 -5.09 -31.03 -26.50
CA ALA E 129 -6.13 -31.07 -25.48
C ALA E 129 -5.52 -31.07 -24.08
N PHE E 130 -6.36 -30.69 -23.11
CA PHE E 130 -6.00 -30.75 -21.71
C PHE E 130 -7.24 -31.18 -20.92
N ASN E 131 -7.16 -32.37 -20.32
CA ASN E 131 -8.22 -32.86 -19.46
C ASN E 131 -7.75 -32.72 -18.01
N TYR E 132 -8.36 -31.77 -17.28
CA TYR E 132 -8.00 -31.52 -15.89
C TYR E 132 -8.78 -32.43 -14.94
N GLY E 133 -9.89 -32.99 -15.45
CA GLY E 133 -10.62 -34.03 -14.74
C GLY E 133 -11.40 -33.51 -13.53
N ASN E 134 -12.01 -34.43 -12.79
CA ASN E 134 -12.81 -34.10 -11.62
C ASN E 134 -11.89 -33.70 -10.47
N ALA E 135 -12.40 -32.83 -9.60
CA ALA E 135 -11.68 -32.39 -8.42
C ALA E 135 -11.38 -33.60 -7.53
N ASN E 136 -10.08 -33.79 -7.27
CA ASN E 136 -9.59 -34.68 -6.25
C ASN E 136 -9.01 -33.83 -5.13
N GLY E 137 -9.81 -33.59 -4.08
CA GLY E 137 -9.50 -32.56 -3.10
C GLY E 137 -9.87 -31.18 -3.64
N ILE E 138 -8.85 -30.38 -3.95
CA ILE E 138 -9.02 -29.04 -4.48
C ILE E 138 -8.61 -29.06 -5.96
N SER E 139 -9.46 -28.48 -6.80
CA SER E 139 -9.19 -28.40 -8.23
C SER E 139 -8.64 -27.00 -8.56
N ASP E 140 -7.61 -26.96 -9.41
CA ASP E 140 -7.01 -25.70 -9.82
C ASP E 140 -7.68 -25.16 -11.08
N TYR E 141 -8.77 -25.79 -11.54
CA TYR E 141 -9.30 -25.44 -12.85
C TYR E 141 -10.81 -25.18 -12.80
N ILE E 142 -11.54 -26.04 -12.09
CA ILE E 142 -12.99 -25.99 -12.17
C ILE E 142 -13.47 -24.65 -11.60
N ASN E 143 -14.20 -23.91 -12.46
CA ASN E 143 -14.81 -22.64 -12.12
C ASN E 143 -13.74 -21.58 -11.86
N LYS E 144 -12.48 -21.93 -12.09
CA LYS E 144 -11.39 -20.97 -11.94
C LYS E 144 -11.03 -20.39 -13.30
N TRP E 145 -10.38 -19.23 -13.30
CA TRP E 145 -9.77 -18.70 -14.50
C TRP E 145 -8.55 -19.54 -14.87
N ILE E 146 -8.58 -20.13 -16.07
CA ILE E 146 -7.47 -20.89 -16.64
C ILE E 146 -6.87 -20.09 -17.78
N PHE E 147 -5.53 -19.97 -17.78
CA PHE E 147 -4.80 -19.32 -18.85
C PHE E 147 -4.48 -20.36 -19.93
N VAL E 148 -5.02 -20.13 -21.13
CA VAL E 148 -4.75 -20.98 -22.28
C VAL E 148 -3.82 -20.21 -23.22
N THR E 149 -2.79 -20.90 -23.72
CA THR E 149 -1.91 -20.33 -24.73
C THR E 149 -1.60 -21.41 -25.75
N ILE E 150 -1.71 -21.08 -27.04
CA ILE E 150 -1.36 -22.01 -28.10
C ILE E 150 -0.33 -21.32 -29.00
N THR E 151 0.83 -21.96 -29.16
CA THR E 151 1.86 -21.47 -30.05
C THR E 151 1.93 -22.40 -31.27
N ASN E 152 2.26 -21.82 -32.43
CA ASN E 152 2.31 -22.57 -33.67
C ASN E 152 3.56 -22.19 -34.44
N ASP E 153 4.53 -23.12 -34.47
CA ASP E 153 5.69 -23.02 -35.33
C ASP E 153 5.42 -23.86 -36.57
N ARG E 154 5.35 -23.22 -37.74
CA ARG E 154 4.93 -23.88 -38.97
C ARG E 154 6.01 -24.87 -39.45
N LEU E 155 7.21 -24.77 -38.88
CA LEU E 155 8.28 -25.69 -39.20
C LEU E 155 8.52 -26.65 -38.04
N GLY E 156 7.50 -26.83 -37.19
CA GLY E 156 7.67 -27.67 -36.01
C GLY E 156 6.34 -28.05 -35.38
N ASP E 157 6.28 -27.88 -34.05
CA ASP E 157 5.16 -28.38 -33.26
C ASP E 157 4.19 -27.23 -32.99
N SER E 158 2.95 -27.62 -32.69
CA SER E 158 1.95 -26.77 -32.07
C SER E 158 1.93 -27.11 -30.57
N LYS E 159 2.01 -26.09 -29.73
CA LYS E 159 2.19 -26.28 -28.30
C LYS E 159 1.02 -25.68 -27.54
N LEU E 160 0.50 -26.42 -26.55
CA LEU E 160 -0.58 -25.94 -25.72
C LEU E 160 -0.09 -25.77 -24.28
N TYR E 161 -0.20 -24.55 -23.76
CA TYR E 161 0.18 -24.21 -22.40
C TYR E 161 -1.09 -23.94 -21.60
N ILE E 162 -1.13 -24.50 -20.39
CA ILE E 162 -2.15 -24.13 -19.41
C ILE E 162 -1.45 -23.49 -18.23
N ASN E 163 -1.87 -22.27 -17.89
CA ASN E 163 -1.35 -21.51 -16.76
C ASN E 163 0.17 -21.43 -16.83
N GLY E 164 0.71 -21.31 -18.05
CA GLY E 164 2.14 -21.13 -18.23
C GLY E 164 2.91 -22.44 -18.42
N ASN E 165 2.27 -23.59 -18.18
CA ASN E 165 2.94 -24.88 -18.25
C ASN E 165 2.56 -25.59 -19.55
N LEU E 166 3.59 -26.07 -20.27
CA LEU E 166 3.37 -26.84 -21.48
C LEU E 166 2.82 -28.23 -21.12
N ILE E 167 1.67 -28.60 -21.71
CA ILE E 167 1.03 -29.86 -21.37
C ILE E 167 0.76 -30.72 -22.60
N ASP E 168 0.81 -30.13 -23.79
CA ASP E 168 0.60 -30.91 -25.01
C ASP E 168 1.35 -30.26 -26.17
N GLN E 169 1.90 -31.11 -27.05
CA GLN E 169 2.53 -30.65 -28.27
C GLN E 169 2.40 -31.72 -29.34
N LYS E 170 2.20 -31.28 -30.58
CA LYS E 170 2.11 -32.16 -31.73
C LYS E 170 2.58 -31.42 -32.98
N SER E 171 3.19 -32.16 -33.90
CA SER E 171 3.77 -31.59 -35.11
C SER E 171 2.66 -31.14 -36.07
N ILE E 172 2.89 -29.99 -36.73
CA ILE E 172 1.99 -29.48 -37.76
C ILE E 172 2.74 -29.36 -39.08
N LEU E 173 3.78 -30.18 -39.28
CA LEU E 173 4.58 -30.13 -40.49
C LEU E 173 3.76 -30.56 -41.71
N ASN E 174 2.71 -31.37 -41.49
CA ASN E 174 1.93 -31.95 -42.57
C ASN E 174 0.82 -30.98 -43.01
N LEU E 175 0.70 -29.84 -42.32
CA LEU E 175 -0.32 -28.85 -42.64
C LEU E 175 0.25 -27.80 -43.57
N GLY E 176 -0.47 -27.56 -44.68
CA GLY E 176 -0.03 -26.59 -45.68
C GLY E 176 -0.57 -25.20 -45.40
N ASN E 177 -1.28 -24.63 -46.38
CA ASN E 177 -1.79 -23.28 -46.26
C ASN E 177 -2.99 -23.27 -45.33
N ILE E 178 -2.91 -22.46 -44.26
CA ILE E 178 -4.01 -22.26 -43.34
C ILE E 178 -4.62 -20.87 -43.59
N HIS E 179 -5.93 -20.86 -43.87
CA HIS E 179 -6.67 -19.63 -44.05
C HIS E 179 -7.80 -19.60 -43.03
N VAL E 180 -7.61 -18.77 -42.00
CA VAL E 180 -8.55 -18.66 -40.89
C VAL E 180 -9.77 -17.86 -41.36
N SER E 181 -10.84 -17.89 -40.56
CA SER E 181 -12.05 -17.13 -40.85
C SER E 181 -11.78 -15.64 -40.66
N ASP E 182 -12.56 -14.81 -41.35
CA ASP E 182 -12.48 -13.37 -41.20
C ASP E 182 -13.05 -12.98 -39.84
N ASN E 183 -13.92 -13.83 -39.28
CA ASN E 183 -14.56 -13.56 -38.01
C ASN E 183 -14.08 -14.53 -36.94
N ILE E 184 -13.89 -14.00 -35.73
CA ILE E 184 -13.71 -14.82 -34.55
C ILE E 184 -15.00 -14.76 -33.74
N LEU E 185 -15.63 -15.92 -33.56
CA LEU E 185 -16.93 -15.99 -32.91
C LEU E 185 -16.80 -16.66 -31.54
N PHE E 186 -17.06 -15.87 -30.50
CA PHE E 186 -17.19 -16.36 -29.13
C PHE E 186 -18.66 -16.68 -28.93
N LYS E 187 -18.96 -17.98 -28.84
CA LYS E 187 -20.33 -18.49 -28.82
C LYS E 187 -20.28 -19.97 -28.45
N ILE E 188 -21.10 -20.34 -27.45
CA ILE E 188 -21.23 -21.72 -27.02
C ILE E 188 -22.14 -22.44 -28.02
N VAL E 189 -21.55 -23.38 -28.77
CA VAL E 189 -22.24 -23.99 -29.90
C VAL E 189 -22.22 -25.50 -29.71
N ASN E 190 -23.42 -26.11 -29.66
CA ASN E 190 -23.58 -27.55 -29.65
C ASN E 190 -23.29 -28.13 -28.26
N CYS E 191 -23.52 -27.36 -27.20
CA CYS E 191 -23.48 -27.90 -25.85
C CYS E 191 -24.86 -28.48 -25.53
N SER E 192 -24.89 -29.70 -24.99
CA SER E 192 -26.12 -30.44 -24.79
C SER E 192 -26.89 -29.94 -23.56
N TYR E 193 -26.24 -29.08 -22.76
CA TYR E 193 -26.88 -28.52 -21.57
C TYR E 193 -26.78 -27.00 -21.62
N THR E 194 -27.61 -26.34 -20.80
CA THR E 194 -27.53 -24.89 -20.66
C THR E 194 -26.38 -24.55 -19.70
N ARG E 195 -25.61 -23.52 -20.05
CA ARG E 195 -24.42 -23.16 -19.31
C ARG E 195 -23.95 -21.77 -19.75
N TYR E 196 -22.98 -21.22 -19.02
CA TYR E 196 -22.28 -20.03 -19.47
C TYR E 196 -20.78 -20.27 -19.35
N ILE E 197 -20.00 -19.45 -20.07
CA ILE E 197 -18.55 -19.51 -20.12
C ILE E 197 -17.98 -18.10 -19.99
N GLY E 198 -16.91 -17.95 -19.20
CA GLY E 198 -16.18 -16.70 -19.10
C GLY E 198 -14.94 -16.69 -20.00
N ILE E 199 -14.68 -15.54 -20.62
CA ILE E 199 -13.51 -15.33 -21.47
C ILE E 199 -12.92 -13.96 -21.12
N ARG E 200 -11.58 -13.86 -21.15
CA ARG E 200 -10.90 -12.59 -20.92
C ARG E 200 -9.54 -12.58 -21.61
N TYR E 201 -9.10 -11.37 -21.98
CA TYR E 201 -7.75 -11.06 -22.41
C TYR E 201 -7.35 -11.86 -23.65
N PHE E 202 -8.26 -11.90 -24.64
CA PHE E 202 -7.96 -12.60 -25.88
C PHE E 202 -6.90 -11.85 -26.66
N ASN E 203 -5.84 -12.57 -27.07
CA ASN E 203 -4.73 -11.99 -27.79
C ASN E 203 -4.34 -12.88 -28.96
N ILE E 204 -4.04 -12.26 -30.11
CA ILE E 204 -3.40 -12.97 -31.21
C ILE E 204 -2.04 -12.31 -31.46
N PHE E 205 -0.99 -13.14 -31.53
CA PHE E 205 0.36 -12.70 -31.82
C PHE E 205 0.84 -13.34 -33.11
N ASP E 206 1.74 -12.64 -33.81
CA ASP E 206 2.26 -13.07 -35.10
C ASP E 206 3.62 -13.75 -34.94
N LYS E 207 3.83 -14.38 -33.78
CA LYS E 207 5.06 -15.12 -33.53
C LYS E 207 4.78 -16.30 -32.61
N GLU E 208 5.75 -17.22 -32.52
CA GLU E 208 5.68 -18.31 -31.56
C GLU E 208 6.24 -17.81 -30.24
N LEU E 209 5.37 -17.68 -29.23
CA LEU E 209 5.79 -17.24 -27.91
C LEU E 209 6.64 -18.32 -27.25
N ASP E 210 7.69 -17.90 -26.55
CA ASP E 210 8.50 -18.82 -25.76
C ASP E 210 7.96 -18.87 -24.33
N GLU E 211 8.54 -19.77 -23.53
CA GLU E 211 8.07 -20.03 -22.18
C GLU E 211 8.10 -18.75 -21.35
N THR E 212 9.15 -17.94 -21.54
CA THR E 212 9.32 -16.71 -20.77
C THR E 212 8.18 -15.73 -21.03
N GLU E 213 7.86 -15.52 -22.31
CA GLU E 213 6.79 -14.62 -22.70
C GLU E 213 5.45 -15.12 -22.16
N ILE E 214 5.25 -16.45 -22.21
CA ILE E 214 3.97 -17.01 -21.80
C ILE E 214 3.80 -16.79 -20.30
N GLN E 215 4.89 -17.04 -19.55
CA GLN E 215 4.87 -16.92 -18.11
C GLN E 215 4.70 -15.46 -17.71
N THR E 216 5.25 -14.55 -18.54
CA THR E 216 5.09 -13.13 -18.28
C THR E 216 3.63 -12.72 -18.41
N LEU E 217 2.98 -13.21 -19.48
CA LEU E 217 1.57 -12.94 -19.71
C LEU E 217 0.76 -13.47 -18.53
N TYR E 218 1.08 -14.71 -18.12
CA TYR E 218 0.36 -15.39 -17.05
C TYR E 218 0.45 -14.57 -15.75
N SER E 219 1.64 -14.03 -15.46
CA SER E 219 1.90 -13.33 -14.21
C SER E 219 1.23 -11.95 -14.22
N ASN E 220 1.21 -11.29 -15.39
CA ASN E 220 1.00 -9.85 -15.43
C ASN E 220 -0.36 -9.48 -16.02
N GLU E 221 -1.07 -10.41 -16.66
CA GLU E 221 -2.31 -10.04 -17.35
C GLU E 221 -3.38 -9.63 -16.34
N PRO E 222 -3.65 -10.42 -15.28
CA PRO E 222 -4.42 -9.91 -14.15
C PRO E 222 -3.51 -8.99 -13.32
N ASN E 223 -4.10 -7.91 -12.81
CA ASN E 223 -3.36 -6.88 -12.09
C ASN E 223 -2.70 -7.48 -10.85
N THR E 224 -1.35 -7.48 -10.82
CA THR E 224 -0.63 -8.06 -9.71
C THR E 224 -0.84 -7.25 -8.43
N ASN E 225 -1.26 -5.98 -8.60
CA ASN E 225 -1.44 -5.12 -7.45
C ASN E 225 -2.72 -5.48 -6.70
N ILE E 226 -3.64 -6.15 -7.39
CA ILE E 226 -4.94 -6.48 -6.80
C ILE E 226 -4.91 -7.95 -6.38
N LEU E 227 -5.43 -8.23 -5.17
CA LEU E 227 -5.47 -9.59 -4.67
C LEU E 227 -6.59 -10.35 -5.38
N LYS E 228 -6.41 -11.67 -5.46
CA LYS E 228 -7.37 -12.54 -6.12
C LYS E 228 -8.09 -13.40 -5.10
N ASP E 229 -9.31 -13.84 -5.46
CA ASP E 229 -10.04 -14.83 -4.70
C ASP E 229 -9.72 -16.23 -5.20
N PHE E 230 -10.39 -17.23 -4.61
CA PHE E 230 -10.19 -18.63 -4.96
C PHE E 230 -10.40 -18.84 -6.46
N TRP E 231 -11.40 -18.15 -7.04
CA TRP E 231 -11.80 -18.42 -8.42
C TRP E 231 -10.87 -17.70 -9.38
N GLY E 232 -10.14 -16.71 -8.87
CA GLY E 232 -9.19 -15.94 -9.68
C GLY E 232 -9.72 -14.57 -10.07
N ASN E 233 -10.83 -14.14 -9.47
CA ASN E 233 -11.36 -12.79 -9.63
C ASN E 233 -10.69 -11.88 -8.61
N TYR E 234 -11.02 -10.59 -8.64
CA TYR E 234 -10.44 -9.66 -7.69
C TYR E 234 -11.02 -9.89 -6.31
N LEU E 235 -10.14 -9.79 -5.30
CA LEU E 235 -10.57 -9.89 -3.91
C LEU E 235 -11.27 -8.60 -3.52
N LEU E 236 -12.42 -8.74 -2.84
CA LEU E 236 -13.30 -7.60 -2.61
C LEU E 236 -13.43 -7.29 -1.13
N TYR E 237 -13.71 -6.02 -0.82
CA TYR E 237 -14.02 -5.59 0.52
C TYR E 237 -15.50 -5.82 0.78
N ASP E 238 -15.84 -6.06 2.04
CA ASP E 238 -17.22 -6.22 2.49
C ASP E 238 -17.91 -7.33 1.72
N LYS E 239 -17.21 -8.46 1.58
CA LYS E 239 -17.74 -9.66 0.95
C LYS E 239 -17.47 -10.84 1.86
N GLU E 240 -18.47 -11.72 2.04
CA GLU E 240 -18.30 -12.91 2.84
C GLU E 240 -17.46 -13.94 2.08
N TYR E 241 -16.45 -14.49 2.79
CA TYR E 241 -15.55 -15.48 2.25
C TYR E 241 -15.35 -16.63 3.25
N TYR E 242 -15.34 -17.85 2.73
CA TYR E 242 -14.79 -18.99 3.46
C TYR E 242 -13.28 -18.97 3.27
N LEU E 243 -12.57 -19.70 4.14
CA LEU E 243 -11.12 -19.69 4.15
C LEU E 243 -10.58 -21.04 3.68
N LEU E 244 -9.45 -20.98 2.95
CA LEU E 244 -8.70 -22.18 2.61
C LEU E 244 -7.23 -21.96 2.90
N ASN E 245 -6.61 -22.92 3.59
CA ASN E 245 -5.19 -22.90 3.85
C ASN E 245 -4.50 -23.77 2.80
N VAL E 246 -3.54 -23.17 2.08
CA VAL E 246 -2.91 -23.78 0.93
C VAL E 246 -2.17 -25.06 1.34
N LEU E 247 -1.58 -25.05 2.54
CA LEU E 247 -0.83 -26.20 3.02
C LEU E 247 -1.79 -27.27 3.55
N LYS E 248 -3.01 -26.87 3.94
CA LYS E 248 -3.97 -27.80 4.51
C LYS E 248 -5.26 -27.78 3.69
N PRO E 249 -5.25 -28.23 2.42
CA PRO E 249 -6.44 -28.17 1.58
C PRO E 249 -7.61 -29.03 2.03
N ASN E 250 -7.34 -30.07 2.84
CA ASN E 250 -8.40 -30.99 3.25
C ASN E 250 -9.01 -30.55 4.57
N ASN E 251 -8.62 -29.36 5.06
CA ASN E 251 -9.06 -28.87 6.35
C ASN E 251 -9.82 -27.56 6.17
N PHE E 252 -10.72 -27.27 7.13
CA PHE E 252 -11.39 -25.99 7.14
C PHE E 252 -11.32 -25.39 8.54
N ILE E 253 -11.54 -24.07 8.62
CA ILE E 253 -11.40 -23.33 9.87
C ILE E 253 -12.76 -23.24 10.54
N ASP E 254 -12.77 -23.58 11.84
CA ASP E 254 -13.98 -23.50 12.64
C ASP E 254 -13.71 -22.70 13.91
N ARG E 255 -14.79 -22.20 14.51
CA ARG E 255 -14.70 -21.41 15.72
C ARG E 255 -14.75 -22.35 16.93
N ARG E 256 -14.10 -21.94 18.02
CA ARG E 256 -14.16 -22.63 19.30
C ARG E 256 -14.91 -21.75 20.28
N LYS E 257 -15.34 -22.33 21.41
CA LYS E 257 -16.13 -21.63 22.42
C LYS E 257 -15.26 -20.62 23.18
N ASP E 258 -13.93 -20.74 23.07
CA ASP E 258 -13.03 -19.88 23.81
C ASP E 258 -12.62 -18.68 22.96
N SER E 259 -13.18 -18.59 21.74
CA SER E 259 -12.91 -17.50 20.81
C SER E 259 -11.75 -17.81 19.87
N THR E 260 -11.14 -18.99 20.03
CA THR E 260 -10.00 -19.37 19.19
C THR E 260 -10.50 -20.05 17.92
N LEU E 261 -9.62 -20.11 16.92
CA LEU E 261 -9.94 -20.69 15.62
C LEU E 261 -9.18 -22.00 15.49
N SER E 262 -9.91 -23.05 15.09
CA SER E 262 -9.33 -24.39 14.96
C SER E 262 -9.12 -24.73 13.49
N ILE E 263 -8.21 -25.69 13.24
CA ILE E 263 -7.89 -26.12 11.89
C ILE E 263 -7.96 -27.64 11.78
N ASN E 264 -8.30 -28.31 12.88
CA ASN E 264 -8.36 -29.77 12.90
C ASN E 264 -9.76 -30.24 12.52
N ASN E 265 -10.29 -29.74 11.41
CA ASN E 265 -11.60 -30.10 10.92
C ASN E 265 -11.44 -30.58 9.48
N ILE E 266 -11.72 -31.86 9.25
CA ILE E 266 -11.54 -32.45 7.94
C ILE E 266 -12.74 -32.11 7.08
N ARG E 267 -12.49 -31.73 5.82
CA ARG E 267 -13.53 -31.39 4.86
C ARG E 267 -14.25 -32.68 4.43
N SER E 268 -15.58 -32.60 4.31
CA SER E 268 -16.35 -33.65 3.67
C SER E 268 -16.05 -33.65 2.18
N THR E 269 -16.30 -34.79 1.53
CA THR E 269 -16.04 -34.93 0.11
C THR E 269 -17.34 -35.18 -0.63
N ILE E 270 -17.40 -34.76 -1.90
CA ILE E 270 -18.46 -35.18 -2.79
C ILE E 270 -17.80 -35.97 -3.91
N LEU E 271 -18.01 -37.29 -3.87
CA LEU E 271 -17.04 -38.20 -4.45
C LEU E 271 -15.69 -37.65 -4.01
N LEU E 272 -14.79 -37.30 -4.94
CA LEU E 272 -13.43 -37.00 -4.52
C LEU E 272 -13.18 -35.52 -4.26
N ALA E 273 -14.24 -34.70 -4.13
CA ALA E 273 -14.09 -33.26 -4.18
C ALA E 273 -14.42 -32.61 -2.83
N ASN E 274 -13.40 -32.12 -2.13
CA ASN E 274 -13.57 -31.43 -0.85
C ASN E 274 -14.68 -30.38 -0.97
N ARG E 275 -15.49 -30.24 0.09
CA ARG E 275 -16.48 -29.18 0.16
C ARG E 275 -15.75 -27.85 0.34
N LEU E 276 -16.20 -26.83 -0.41
CA LEU E 276 -15.60 -25.51 -0.36
C LEU E 276 -16.34 -24.62 0.62
N TYR E 277 -17.65 -24.84 0.76
CA TYR E 277 -18.51 -23.93 1.52
C TYR E 277 -18.63 -24.39 2.97
N SER E 278 -17.49 -24.71 3.58
CA SER E 278 -17.46 -25.14 4.97
C SER E 278 -16.63 -24.17 5.81
N GLY E 279 -16.97 -24.10 7.11
CA GLY E 279 -16.19 -23.36 8.08
C GLY E 279 -16.71 -21.94 8.29
N ILE E 280 -15.87 -21.12 8.91
CA ILE E 280 -16.23 -19.75 9.26
C ILE E 280 -16.21 -18.89 8.00
N LYS E 281 -17.00 -17.82 8.02
CA LYS E 281 -16.96 -16.79 7.00
C LYS E 281 -16.26 -15.57 7.60
N VAL E 282 -15.52 -14.86 6.74
CA VAL E 282 -14.85 -13.62 7.12
C VAL E 282 -15.23 -12.52 6.14
N LYS E 283 -15.04 -11.27 6.59
CA LYS E 283 -15.21 -10.10 5.74
C LYS E 283 -14.02 -9.16 5.94
N ILE E 284 -13.53 -8.61 4.84
CA ILE E 284 -12.43 -7.67 4.85
C ILE E 284 -13.02 -6.27 4.87
N GLN E 285 -12.45 -5.42 5.74
CA GLN E 285 -12.92 -4.06 5.94
C GLN E 285 -11.74 -3.10 5.78
N ARG E 286 -11.97 -2.01 5.06
CA ARG E 286 -10.97 -0.95 4.94
C ARG E 286 -10.81 -0.26 6.28
N VAL E 287 -9.56 0.07 6.61
CA VAL E 287 -9.27 0.86 7.80
C VAL E 287 -9.58 2.31 7.48
N ASN E 288 -8.84 2.89 6.53
CA ASN E 288 -9.09 4.25 6.08
C ASN E 288 -9.94 4.20 4.81
N ASN E 289 -11.22 4.53 4.95
CA ASN E 289 -12.16 4.42 3.84
C ASN E 289 -12.53 5.81 3.31
N SER E 290 -12.47 5.94 1.97
CA SER E 290 -13.00 7.08 1.24
C SER E 290 -14.08 6.57 0.28
N SER E 291 -14.84 7.49 -0.31
CA SER E 291 -15.86 7.10 -1.28
C SER E 291 -15.24 6.97 -2.66
N THR E 292 -14.06 7.59 -2.84
CA THR E 292 -13.31 7.54 -4.08
C THR E 292 -12.64 6.18 -4.26
N ASN E 293 -12.34 5.54 -3.12
CA ASN E 293 -11.76 4.20 -3.07
C ASN E 293 -12.79 3.17 -3.53
N ASP E 294 -12.34 2.19 -4.32
CA ASP E 294 -13.21 1.12 -4.78
C ASP E 294 -13.22 -0.03 -3.77
N ASN E 295 -13.74 -1.19 -4.19
CA ASN E 295 -13.92 -2.30 -3.29
C ASN E 295 -12.84 -3.36 -3.52
N LEU E 296 -11.79 -3.02 -4.28
CA LEU E 296 -10.73 -3.96 -4.59
C LEU E 296 -9.68 -3.95 -3.48
N VAL E 297 -9.21 -5.15 -3.09
CA VAL E 297 -8.20 -5.29 -2.06
C VAL E 297 -6.84 -5.36 -2.74
N ARG E 298 -5.94 -4.43 -2.37
CA ARG E 298 -4.66 -4.28 -3.04
C ARG E 298 -3.52 -4.64 -2.09
N LYS E 299 -2.32 -4.77 -2.66
CA LYS E 299 -1.11 -5.04 -1.90
C LYS E 299 -0.88 -3.91 -0.90
N ASN E 300 -0.50 -4.30 0.32
CA ASN E 300 -0.13 -3.38 1.40
C ASN E 300 -1.35 -2.61 1.92
N ASP E 301 -2.56 -3.11 1.66
CA ASP E 301 -3.74 -2.46 2.20
C ASP E 301 -3.83 -2.76 3.69
N GLN E 302 -4.12 -1.73 4.47
CA GLN E 302 -4.38 -1.90 5.89
C GLN E 302 -5.87 -2.19 6.05
N VAL E 303 -6.17 -3.35 6.64
CA VAL E 303 -7.54 -3.84 6.69
C VAL E 303 -7.85 -4.40 8.08
N TYR E 304 -9.14 -4.66 8.32
CA TYR E 304 -9.60 -5.51 9.41
C TYR E 304 -10.24 -6.78 8.86
N ILE E 305 -10.00 -7.90 9.53
CA ILE E 305 -10.63 -9.17 9.20
C ILE E 305 -11.69 -9.47 10.25
N ASN E 306 -12.95 -9.55 9.80
CA ASN E 306 -14.09 -9.70 10.70
C ASN E 306 -14.67 -11.11 10.56
N PHE E 307 -14.86 -11.77 11.71
CA PHE E 307 -15.58 -13.03 11.78
C PHE E 307 -17.07 -12.74 11.68
N VAL E 308 -17.76 -13.55 10.88
CA VAL E 308 -19.18 -13.40 10.60
C VAL E 308 -19.95 -14.38 11.47
N ALA E 309 -20.43 -13.91 12.64
CA ALA E 309 -21.22 -14.74 13.53
C ALA E 309 -22.58 -15.00 12.91
N SER E 310 -23.14 -13.95 12.30
CA SER E 310 -24.36 -14.01 11.51
C SER E 310 -24.31 -12.87 10.50
N LYS E 311 -25.31 -12.81 9.61
CA LYS E 311 -25.31 -11.86 8.52
C LYS E 311 -25.08 -10.43 9.03
N THR E 312 -25.63 -10.11 10.21
CA THR E 312 -25.59 -8.74 10.70
C THR E 312 -24.71 -8.60 11.93
N HIS E 313 -23.99 -9.67 12.28
CA HIS E 313 -23.11 -9.63 13.45
C HIS E 313 -21.68 -9.97 13.05
N LEU E 314 -20.82 -8.95 13.06
CA LEU E 314 -19.40 -9.11 12.75
C LEU E 314 -18.56 -8.80 13.98
N PHE E 315 -17.57 -9.67 14.26
CA PHE E 315 -16.67 -9.47 15.37
C PHE E 315 -15.23 -9.41 14.86
N PRO E 316 -14.41 -8.44 15.30
CA PRO E 316 -13.03 -8.32 14.81
C PRO E 316 -12.16 -9.51 15.24
N LEU E 317 -11.36 -10.02 14.32
CA LEU E 317 -10.36 -11.02 14.62
C LEU E 317 -9.06 -10.32 15.01
N TYR E 318 -8.44 -10.76 16.11
CA TYR E 318 -7.24 -10.09 16.59
C TYR E 318 -6.22 -11.13 17.04
N ALA E 319 -4.98 -10.67 17.24
CA ALA E 319 -3.93 -11.52 17.77
C ALA E 319 -3.84 -11.34 19.29
N ASP E 320 -4.10 -12.44 20.02
CA ASP E 320 -4.07 -12.41 21.47
C ASP E 320 -2.61 -12.44 21.92
N THR E 321 -2.10 -11.27 22.29
CA THR E 321 -0.70 -11.09 22.62
C THR E 321 -0.43 -11.42 24.09
N ALA E 322 -1.51 -11.61 24.87
CA ALA E 322 -1.39 -11.81 26.32
C ALA E 322 -0.97 -13.25 26.64
N THR E 323 0.20 -13.64 26.14
CA THR E 323 0.73 -14.97 26.38
C THR E 323 2.25 -14.91 26.38
N THR E 324 2.89 -16.01 26.77
CA THR E 324 4.35 -16.08 26.82
C THR E 324 4.91 -16.71 25.54
N ASN E 325 4.03 -17.16 24.64
CA ASN E 325 4.44 -17.81 23.41
C ASN E 325 4.85 -16.75 22.39
N LYS E 326 5.75 -17.12 21.48
CA LYS E 326 6.12 -16.26 20.37
C LYS E 326 4.94 -16.12 19.42
N GLU E 327 4.32 -17.25 19.07
CA GLU E 327 3.12 -17.27 18.24
C GLU E 327 1.93 -16.87 19.11
N LYS E 328 1.03 -16.05 18.54
CA LYS E 328 -0.17 -15.59 19.23
C LYS E 328 -1.37 -16.19 18.53
N THR E 329 -2.29 -16.76 19.34
CA THR E 329 -3.52 -17.32 18.82
C THR E 329 -4.41 -16.21 18.31
N ILE E 330 -5.12 -16.47 17.20
CA ILE E 330 -6.12 -15.56 16.68
C ILE E 330 -7.41 -15.77 17.48
N LYS E 331 -8.04 -14.67 17.88
CA LYS E 331 -9.22 -14.71 18.70
C LYS E 331 -10.31 -13.84 18.08
N ILE E 332 -11.57 -14.26 18.30
CA ILE E 332 -12.74 -13.47 18.01
C ILE E 332 -12.99 -12.51 19.18
N SER E 333 -13.16 -11.22 18.86
CA SER E 333 -13.44 -10.22 19.87
C SER E 333 -14.94 -10.01 20.00
N SER E 334 -15.51 -10.54 21.09
CA SER E 334 -16.94 -10.50 21.32
C SER E 334 -17.40 -9.09 21.70
N SER E 335 -16.44 -8.26 22.14
CA SER E 335 -16.73 -6.91 22.62
C SER E 335 -16.71 -5.91 21.47
N GLY E 336 -16.05 -6.26 20.36
CA GLY E 336 -15.92 -5.35 19.23
C GLY E 336 -14.59 -4.60 19.25
N ASN E 337 -13.87 -4.72 20.37
CA ASN E 337 -12.56 -4.10 20.53
C ASN E 337 -11.58 -4.71 19.51
N ARG E 338 -10.78 -3.84 18.88
CA ARG E 338 -9.84 -4.27 17.85
C ARG E 338 -8.45 -4.44 18.44
N PHE E 339 -8.28 -4.02 19.70
CA PHE E 339 -7.05 -4.18 20.45
C PHE E 339 -5.88 -3.45 19.81
N ASN E 340 -6.16 -2.32 19.14
CA ASN E 340 -5.14 -1.47 18.55
C ASN E 340 -4.32 -2.24 17.53
N GLN E 341 -4.99 -3.14 16.80
CA GLN E 341 -4.32 -3.98 15.81
C GLN E 341 -4.85 -3.66 14.42
N VAL E 342 -4.04 -4.00 13.42
CA VAL E 342 -4.42 -3.86 12.01
C VAL E 342 -3.87 -5.07 11.25
N VAL E 343 -4.39 -5.30 10.04
CA VAL E 343 -3.89 -6.36 9.18
C VAL E 343 -3.40 -5.75 7.86
N VAL E 344 -2.19 -6.17 7.45
CA VAL E 344 -1.68 -5.78 6.15
C VAL E 344 -1.88 -6.94 5.18
N MET E 345 -2.46 -6.65 4.01
CA MET E 345 -2.67 -7.67 3.00
C MET E 345 -1.49 -7.68 2.03
N ASN E 346 -1.14 -8.89 1.58
CA ASN E 346 -0.22 -9.06 0.47
C ASN E 346 -0.50 -10.40 -0.20
N SER E 347 0.22 -10.67 -1.29
CA SER E 347 -0.01 -11.86 -2.07
C SER E 347 1.30 -12.35 -2.69
N VAL E 348 1.33 -13.66 -2.99
CA VAL E 348 2.28 -14.25 -3.91
C VAL E 348 1.45 -15.08 -4.88
N GLY E 349 1.46 -14.69 -6.17
CA GLY E 349 0.55 -15.22 -7.15
C GLY E 349 -0.90 -15.10 -6.68
N ASN E 350 -1.62 -16.22 -6.69
CA ASN E 350 -3.03 -16.26 -6.30
C ASN E 350 -3.18 -16.48 -4.80
N ASN E 351 -2.05 -16.64 -4.09
CA ASN E 351 -2.10 -16.92 -2.66
C ASN E 351 -1.99 -15.61 -1.88
N CYS E 352 -2.77 -15.50 -0.79
CA CYS E 352 -2.88 -14.27 -0.01
C CYS E 352 -2.22 -14.44 1.36
N THR E 353 -1.62 -13.34 1.85
CA THR E 353 -1.04 -13.32 3.18
C THR E 353 -1.67 -12.19 3.96
N MET E 354 -1.73 -12.38 5.29
CA MET E 354 -2.32 -11.41 6.19
C MET E 354 -1.35 -11.22 7.35
N ASN E 355 -0.80 -10.00 7.45
CA ASN E 355 0.18 -9.68 8.47
C ASN E 355 -0.49 -8.89 9.60
N PHE E 356 -0.65 -9.55 10.75
CA PHE E 356 -1.18 -8.90 11.94
C PHE E 356 -0.11 -8.01 12.56
N LYS E 357 -0.44 -6.73 12.71
CA LYS E 357 0.47 -5.74 13.25
C LYS E 357 -0.26 -4.89 14.27
N ASN E 358 0.51 -4.23 15.14
CA ASN E 358 0.01 -3.21 16.03
C ASN E 358 -0.12 -1.88 15.27
N ASN E 359 -0.95 -0.97 15.81
CA ASN E 359 -1.19 0.33 15.21
C ASN E 359 0.08 1.18 15.17
N ASN E 360 1.04 0.85 16.06
CA ASN E 360 2.28 1.59 16.19
C ASN E 360 3.32 1.06 15.20
N GLY E 361 2.94 0.02 14.45
CA GLY E 361 3.75 -0.50 13.36
C GLY E 361 4.50 -1.77 13.74
N ASN E 362 4.24 -2.27 14.96
CA ASN E 362 4.95 -3.44 15.45
C ASN E 362 4.39 -4.70 14.78
N ASN E 363 5.30 -5.59 14.33
CA ASN E 363 4.92 -6.83 13.70
C ASN E 363 4.52 -7.87 14.74
N ILE E 364 3.34 -8.48 14.54
CA ILE E 364 2.91 -9.58 15.39
C ILE E 364 3.09 -10.90 14.65
N GLY E 365 2.65 -10.97 13.38
CA GLY E 365 2.99 -12.14 12.57
C GLY E 365 2.01 -12.37 11.41
N LEU E 366 2.47 -13.18 10.44
CA LEU E 366 1.62 -13.62 9.35
C LEU E 366 0.62 -14.63 9.88
N LEU E 367 -0.60 -14.60 9.34
CA LEU E 367 -1.62 -15.58 9.67
C LEU E 367 -1.21 -16.94 9.14
N GLY E 368 -1.08 -17.90 10.07
CA GLY E 368 -0.82 -19.29 9.78
C GLY E 368 -1.45 -20.20 10.83
N PHE E 369 -0.80 -21.32 11.11
CA PHE E 369 -1.30 -22.20 12.16
C PHE E 369 -0.13 -22.82 12.89
N LYS E 370 -0.37 -23.22 14.15
CA LYS E 370 0.52 -24.07 14.92
C LYS E 370 -0.33 -25.13 15.61
N ALA E 371 0.12 -26.39 15.58
CA ALA E 371 -0.71 -27.48 16.06
C ALA E 371 -2.09 -27.38 15.42
N ASP E 372 -3.13 -27.11 16.22
CA ASP E 372 -4.48 -27.18 15.69
C ASP E 372 -5.15 -25.81 15.71
N THR E 373 -4.37 -24.76 16.00
CA THR E 373 -4.95 -23.44 16.19
C THR E 373 -4.37 -22.49 15.14
N VAL E 374 -5.23 -21.59 14.62
CA VAL E 374 -4.83 -20.49 13.79
C VAL E 374 -4.07 -19.48 14.65
N VAL E 375 -2.87 -19.09 14.18
CA VAL E 375 -2.01 -18.19 14.94
C VAL E 375 -1.46 -17.07 14.04
N ALA E 376 -0.81 -16.10 14.66
CA ALA E 376 0.05 -15.16 13.96
C ALA E 376 1.50 -15.42 14.37
N SER E 377 2.38 -15.60 13.38
CA SER E 377 3.75 -16.01 13.62
C SER E 377 4.73 -15.20 12.77
N THR E 378 5.88 -14.89 13.36
CA THR E 378 6.92 -14.12 12.70
C THR E 378 7.86 -15.08 11.99
N TRP E 379 7.70 -16.37 12.25
CA TRP E 379 8.49 -17.42 11.63
C TRP E 379 8.41 -17.30 10.11
N TYR E 380 7.18 -17.12 9.59
CA TYR E 380 6.93 -17.14 8.17
C TYR E 380 7.78 -16.09 7.46
N TYR E 381 8.05 -14.97 8.13
CA TYR E 381 8.81 -13.87 7.56
C TYR E 381 10.10 -14.36 6.89
N THR E 382 10.73 -15.38 7.49
CA THR E 382 12.03 -15.84 7.04
C THR E 382 11.95 -17.25 6.44
N HIS E 383 10.73 -17.76 6.23
CA HIS E 383 10.54 -19.08 5.66
C HIS E 383 9.36 -19.07 4.70
N MET E 384 9.38 -18.15 3.74
CA MET E 384 8.24 -17.99 2.83
C MET E 384 8.28 -19.03 1.71
N ARG E 385 9.47 -19.52 1.35
CA ARG E 385 9.62 -20.19 0.06
C ARG E 385 10.03 -21.66 0.18
N ASP E 386 11.15 -21.93 0.86
CA ASP E 386 11.86 -23.18 0.63
C ASP E 386 11.68 -24.17 1.78
N HIS E 387 10.73 -23.91 2.68
CA HIS E 387 10.51 -24.80 3.80
C HIS E 387 9.25 -25.63 3.54
N THR E 388 9.19 -26.81 4.14
CA THR E 388 8.03 -27.67 4.03
C THR E 388 6.75 -26.95 4.49
N ASN E 389 6.89 -26.06 5.49
CA ASN E 389 5.75 -25.46 6.17
C ASN E 389 5.49 -24.05 5.65
N SER E 390 6.15 -23.68 4.55
CA SER E 390 6.10 -22.31 4.07
C SER E 390 4.67 -21.89 3.72
N ASN E 391 3.90 -22.81 3.11
CA ASN E 391 2.61 -22.48 2.52
C ASN E 391 1.52 -22.37 3.59
N GLY E 392 1.91 -22.55 4.85
CA GLY E 392 1.00 -22.45 5.98
C GLY E 392 0.48 -21.03 6.19
N CYS E 393 1.14 -20.06 5.53
CA CYS E 393 0.77 -18.66 5.66
C CYS E 393 0.05 -18.16 4.41
N PHE E 394 -0.28 -19.07 3.49
CA PHE E 394 -0.99 -18.73 2.27
C PHE E 394 -2.45 -19.14 2.37
N TRP E 395 -3.34 -18.21 2.02
CA TRP E 395 -4.76 -18.38 2.20
C TRP E 395 -5.49 -18.06 0.89
N ASN E 396 -6.61 -18.77 0.68
CA ASN E 396 -7.52 -18.45 -0.42
C ASN E 396 -8.86 -18.05 0.18
N PHE E 397 -9.53 -17.10 -0.49
CA PHE E 397 -10.83 -16.61 -0.06
C PHE E 397 -11.90 -17.15 -1.01
N ILE E 398 -12.82 -17.95 -0.46
CA ILE E 398 -13.78 -18.69 -1.27
C ILE E 398 -15.13 -17.99 -1.16
N SER E 399 -15.62 -17.49 -2.30
CA SER E 399 -16.95 -16.89 -2.39
C SER E 399 -17.95 -17.94 -2.86
N GLU E 400 -19.11 -17.97 -2.19
CA GLU E 400 -20.18 -18.87 -2.54
C GLU E 400 -20.85 -18.33 -3.80
N GLU E 401 -20.82 -19.14 -4.87
CA GLU E 401 -21.21 -18.68 -6.20
C GLU E 401 -22.05 -19.73 -6.91
N HIS E 402 -22.81 -19.28 -7.92
CA HIS E 402 -23.71 -20.11 -8.70
C HIS E 402 -22.94 -21.17 -9.50
N GLY E 403 -21.69 -20.88 -9.87
CA GLY E 403 -20.91 -21.74 -10.74
C GLY E 403 -20.41 -23.00 -10.02
N TRP E 404 -20.43 -22.97 -8.69
CA TRP E 404 -20.01 -24.10 -7.87
C TRP E 404 -21.08 -24.35 -6.80
N GLN E 405 -21.88 -25.40 -6.99
CA GLN E 405 -22.97 -25.71 -6.08
C GLN E 405 -22.70 -27.01 -5.36
N GLU E 406 -23.12 -27.08 -4.09
CA GLU E 406 -23.02 -28.29 -3.30
C GLU E 406 -24.17 -28.31 -2.29
N LYS E 407 -24.85 -29.45 -2.21
CA LYS E 407 -25.93 -29.62 -1.23
C LYS E 407 -25.54 -30.72 -0.24
N ILE F 2 5.77 53.52 -8.27
CA ILE F 2 6.98 54.20 -7.70
C ILE F 2 6.73 54.51 -6.23
N LYS F 3 7.20 55.68 -5.79
CA LYS F 3 6.99 56.15 -4.42
C LYS F 3 6.38 57.55 -4.45
N SER F 4 6.57 58.26 -5.56
CA SER F 4 5.98 59.56 -5.78
C SER F 4 4.46 59.45 -5.83
N SER F 5 3.98 58.23 -6.14
CA SER F 5 2.56 57.98 -6.32
C SER F 5 1.93 57.38 -5.07
N SER F 6 2.76 56.92 -4.12
CA SER F 6 2.26 56.26 -2.91
C SER F 6 1.57 57.28 -2.02
N VAL F 7 0.26 57.09 -1.80
CA VAL F 7 -0.48 57.98 -0.92
C VAL F 7 -0.92 57.23 0.34
N LEU F 8 -0.62 55.93 0.40
CA LEU F 8 -0.83 55.16 1.62
C LEU F 8 0.06 53.92 1.58
N ASN F 9 0.81 53.70 2.67
CA ASN F 9 1.65 52.52 2.83
C ASN F 9 1.54 52.02 4.26
N MET F 10 0.93 50.84 4.42
CA MET F 10 0.81 50.22 5.74
C MET F 10 2.05 49.37 6.01
N ARG F 11 2.83 49.77 7.03
CA ARG F 11 4.05 49.08 7.38
C ARG F 11 4.10 48.91 8.89
N TYR F 12 4.76 47.83 9.34
CA TYR F 12 4.98 47.63 10.76
C TYR F 12 6.19 48.44 11.21
N LYS F 13 6.01 49.18 12.31
CA LYS F 13 7.11 49.90 12.94
C LYS F 13 6.75 50.18 14.39
N ASN F 14 7.69 49.84 15.28
CA ASN F 14 7.63 50.17 16.69
C ASN F 14 6.32 49.66 17.29
N ASP F 15 6.14 48.34 17.25
CA ASP F 15 5.14 47.61 18.01
C ASP F 15 3.74 47.70 17.38
N LYS F 16 3.59 48.48 16.31
CA LYS F 16 2.28 48.67 15.71
C LYS F 16 2.41 48.87 14.20
N TYR F 17 1.28 49.24 13.56
CA TYR F 17 1.24 49.52 12.13
C TYR F 17 1.05 51.01 11.90
N VAL F 18 1.84 51.56 10.96
CA VAL F 18 1.85 52.98 10.69
C VAL F 18 1.82 53.18 9.17
N ASP F 19 1.61 54.45 8.77
CA ASP F 19 1.67 54.87 7.38
C ASP F 19 3.01 55.54 7.13
N THR F 20 3.74 55.04 6.13
CA THR F 20 5.07 55.53 5.82
C THR F 20 5.05 56.42 4.58
N SER F 21 3.85 56.73 4.07
CA SER F 21 3.73 57.55 2.88
C SER F 21 4.09 58.99 3.19
N GLY F 22 3.82 59.41 4.44
CA GLY F 22 4.04 60.78 4.86
C GLY F 22 2.74 61.59 4.93
N TYR F 23 1.64 61.03 4.41
CA TYR F 23 0.36 61.72 4.43
C TYR F 23 -0.33 61.52 5.77
N ASP F 24 0.28 60.69 6.64
CA ASP F 24 -0.15 60.54 8.02
C ASP F 24 -1.61 60.07 8.07
N SER F 25 -1.83 58.82 7.65
CA SER F 25 -3.06 58.11 7.94
C SER F 25 -2.86 57.33 9.23
N ASN F 26 -3.92 57.23 10.03
CA ASN F 26 -3.86 56.54 11.31
C ASN F 26 -4.28 55.09 11.13
N ILE F 27 -3.60 54.18 11.86
CA ILE F 27 -3.91 52.76 11.82
C ILE F 27 -4.12 52.27 13.26
N ASN F 28 -5.24 51.56 13.46
CA ASN F 28 -5.64 51.08 14.78
C ASN F 28 -5.90 49.58 14.72
N ILE F 29 -5.34 48.85 15.68
CA ILE F 29 -5.63 47.44 15.88
C ILE F 29 -6.72 47.34 16.94
N ASN F 30 -7.80 46.61 16.63
CA ASN F 30 -8.85 46.33 17.58
C ASN F 30 -8.95 44.82 17.79
N GLY F 31 -8.67 44.37 19.02
CA GLY F 31 -8.83 42.98 19.41
C GLY F 31 -7.57 42.15 19.19
N ASP F 32 -7.77 40.90 18.80
CA ASP F 32 -6.67 39.95 18.67
C ASP F 32 -6.26 39.89 17.20
N VAL F 33 -5.20 40.62 16.85
CA VAL F 33 -4.65 40.59 15.51
C VAL F 33 -3.28 39.93 15.58
N TYR F 34 -3.11 38.86 14.80
CA TYR F 34 -1.88 38.10 14.81
C TYR F 34 -0.81 38.90 14.06
N LYS F 35 0.43 38.83 14.58
CA LYS F 35 1.58 39.40 13.92
C LYS F 35 2.59 38.29 13.66
N TYR F 36 2.93 38.11 12.39
CA TYR F 36 3.89 37.10 12.00
C TYR F 36 5.25 37.44 12.61
N PRO F 37 5.82 36.54 13.44
CA PRO F 37 7.12 36.79 14.09
C PRO F 37 8.28 37.05 13.13
N THR F 38 8.26 36.44 11.94
CA THR F 38 9.39 36.55 11.03
C THR F 38 9.22 37.74 10.10
N ASN F 39 7.98 38.23 9.99
CA ASN F 39 7.67 39.41 9.19
C ASN F 39 6.42 40.07 9.74
N LYS F 40 6.61 41.07 10.60
CA LYS F 40 5.52 41.65 11.35
C LYS F 40 4.70 42.61 10.49
N ASN F 41 5.11 42.79 9.23
CA ASN F 41 4.30 43.53 8.28
C ASN F 41 3.11 42.68 7.85
N GLN F 42 3.19 41.36 8.11
CA GLN F 42 2.13 40.42 7.82
C GLN F 42 1.25 40.26 9.06
N PHE F 43 -0.08 40.36 8.88
CA PHE F 43 -0.99 40.23 10.01
C PHE F 43 -2.19 39.37 9.63
N GLY F 44 -2.81 38.79 10.66
CA GLY F 44 -3.96 37.92 10.47
C GLY F 44 -5.15 38.35 11.32
N ILE F 45 -6.29 38.53 10.64
CA ILE F 45 -7.56 38.87 11.26
C ILE F 45 -8.43 37.61 11.26
N TYR F 46 -9.37 37.52 12.21
CA TYR F 46 -10.26 36.39 12.31
C TYR F 46 -11.70 36.84 12.47
N ASN F 47 -12.60 35.86 12.67
CA ASN F 47 -14.01 36.17 12.81
C ASN F 47 -14.65 35.45 14.00
N ASP F 48 -13.84 34.83 14.85
CA ASP F 48 -14.39 34.14 16.02
C ASP F 48 -14.30 35.01 17.26
N LYS F 49 -13.55 36.12 17.14
CA LYS F 49 -13.40 37.08 18.22
C LYS F 49 -13.22 38.47 17.61
N LEU F 50 -13.12 39.49 18.47
CA LEU F 50 -12.84 40.83 17.99
C LEU F 50 -11.42 40.85 17.42
N SER F 51 -11.33 41.13 16.12
CA SER F 51 -10.07 41.09 15.39
C SER F 51 -10.18 41.91 14.10
N GLU F 52 -9.71 43.15 14.14
CA GLU F 52 -9.81 44.02 12.97
C GLU F 52 -8.67 45.03 12.96
N VAL F 53 -8.42 45.58 11.77
CA VAL F 53 -7.49 46.67 11.58
C VAL F 53 -8.24 47.78 10.85
N ASN F 54 -8.22 48.98 11.42
CA ASN F 54 -8.92 50.12 10.86
C ASN F 54 -7.90 51.19 10.50
N ILE F 55 -7.91 51.60 9.23
CA ILE F 55 -7.09 52.71 8.77
C ILE F 55 -7.99 53.92 8.57
N SER F 56 -7.81 54.93 9.44
CA SER F 56 -8.45 56.23 9.26
C SER F 56 -7.60 57.07 8.31
N GLN F 57 -8.08 57.23 7.06
CA GLN F 57 -7.34 57.93 6.02
C GLN F 57 -7.28 59.41 6.34
N ASN F 58 -6.15 60.04 5.99
CA ASN F 58 -6.01 61.48 6.06
C ASN F 58 -6.98 62.13 5.08
N ASP F 59 -7.45 63.34 5.44
CA ASP F 59 -8.49 64.04 4.70
C ASP F 59 -8.05 64.34 3.27
N TYR F 60 -6.74 64.31 3.05
CA TYR F 60 -6.21 64.73 1.75
C TYR F 60 -6.26 63.58 0.75
N ILE F 61 -6.27 62.33 1.23
CA ILE F 61 -6.08 61.20 0.34
C ILE F 61 -7.40 60.47 0.07
N ILE F 62 -8.48 60.88 0.75
CA ILE F 62 -9.76 60.21 0.55
C ILE F 62 -10.26 60.49 -0.87
N TYR F 63 -10.46 59.41 -1.63
CA TYR F 63 -10.79 59.50 -3.04
C TYR F 63 -12.17 60.13 -3.22
N ASP F 64 -12.20 61.27 -3.93
CA ASP F 64 -13.43 62.02 -4.18
C ASP F 64 -13.37 62.69 -5.55
N ASN F 65 -12.98 61.92 -6.57
CA ASN F 65 -12.86 62.47 -7.91
C ASN F 65 -13.69 61.64 -8.89
N LYS F 66 -13.57 61.99 -10.18
CA LYS F 66 -14.27 61.33 -11.27
C LYS F 66 -13.29 60.91 -12.35
N TYR F 67 -12.10 61.53 -12.37
CA TYR F 67 -11.17 61.34 -13.47
C TYR F 67 -9.80 60.88 -12.97
N LYS F 68 -9.61 60.83 -11.65
CA LYS F 68 -8.31 60.53 -11.09
C LYS F 68 -8.08 59.02 -11.07
N ASN F 69 -7.02 58.57 -11.76
CA ASN F 69 -6.64 57.17 -11.77
C ASN F 69 -6.04 56.81 -10.40
N PHE F 70 -6.21 55.55 -9.99
CA PHE F 70 -5.69 55.10 -8.70
C PHE F 70 -5.46 53.59 -8.71
N SER F 71 -4.52 53.14 -7.87
CA SER F 71 -4.18 51.73 -7.76
C SER F 71 -4.21 51.29 -6.30
N ILE F 72 -4.56 50.03 -6.08
CA ILE F 72 -4.51 49.39 -4.77
C ILE F 72 -3.69 48.10 -4.90
N SER F 73 -2.80 47.87 -3.93
CA SER F 73 -1.88 46.75 -3.94
C SER F 73 -1.83 46.12 -2.54
N PHE F 74 -1.74 44.80 -2.48
CA PHE F 74 -1.56 44.07 -1.24
C PHE F 74 -1.30 42.60 -1.52
N TRP F 75 -1.01 41.84 -0.47
CA TRP F 75 -0.93 40.39 -0.54
C TRP F 75 -1.92 39.79 0.45
N VAL F 76 -2.58 38.72 0.02
CA VAL F 76 -3.58 38.06 0.86
C VAL F 76 -3.21 36.59 0.96
N ARG F 77 -3.46 35.99 2.13
CA ARG F 77 -3.25 34.56 2.33
C ARG F 77 -4.56 33.97 2.83
N ILE F 78 -5.09 33.01 2.07
CA ILE F 78 -6.40 32.42 2.33
C ILE F 78 -6.23 30.93 2.51
N PRO F 79 -6.34 30.39 3.75
CA PRO F 79 -6.33 28.95 3.97
C PRO F 79 -7.69 28.28 3.74
N ASN F 80 -7.67 27.03 3.24
CA ASN F 80 -8.88 26.26 3.00
C ASN F 80 -9.03 25.17 4.06
N TYR F 81 -8.03 25.07 4.95
CA TYR F 81 -8.03 24.09 6.03
C TYR F 81 -8.19 22.68 5.43
N ASP F 82 -9.31 22.02 5.71
CA ASP F 82 -9.54 20.64 5.32
C ASP F 82 -10.04 20.58 3.88
N ASN F 83 -10.35 21.76 3.31
CA ASN F 83 -10.82 21.95 1.94
C ASN F 83 -12.32 21.66 1.81
N LYS F 84 -12.99 21.44 2.94
CA LYS F 84 -14.40 21.09 2.94
C LYS F 84 -15.23 22.23 3.53
N ILE F 85 -14.74 22.78 4.65
CA ILE F 85 -15.46 23.78 5.44
C ILE F 85 -15.68 25.05 4.61
N VAL F 86 -14.81 25.27 3.62
CA VAL F 86 -14.82 26.48 2.81
C VAL F 86 -15.68 26.26 1.57
N ASN F 87 -16.13 25.02 1.37
CA ASN F 87 -16.90 24.71 0.18
C ASN F 87 -18.35 25.16 0.39
N VAL F 88 -18.57 26.46 0.14
CA VAL F 88 -19.88 27.09 0.33
C VAL F 88 -19.91 28.38 -0.48
N ASN F 89 -21.00 28.56 -1.25
CA ASN F 89 -21.17 29.74 -2.09
C ASN F 89 -21.68 30.90 -1.24
N ASN F 90 -20.73 31.71 -0.76
CA ASN F 90 -21.07 32.86 0.07
C ASN F 90 -19.94 33.87 -0.04
N GLU F 91 -20.25 35.01 -0.66
CA GLU F 91 -19.31 36.11 -0.79
C GLU F 91 -19.22 36.85 0.54
N TYR F 92 -18.05 36.76 1.18
CA TYR F 92 -17.75 37.48 2.40
C TYR F 92 -16.64 38.49 2.13
N THR F 93 -16.74 39.65 2.79
CA THR F 93 -15.84 40.77 2.57
C THR F 93 -14.68 40.71 3.56
N ILE F 94 -13.51 41.17 3.11
CA ILE F 94 -12.32 41.22 3.96
C ILE F 94 -11.84 42.65 4.13
N ILE F 95 -11.86 43.44 3.05
CA ILE F 95 -11.42 44.83 3.12
C ILE F 95 -12.55 45.73 2.62
N ASN F 96 -13.01 46.63 3.49
CA ASN F 96 -14.18 47.47 3.24
C ASN F 96 -13.78 48.94 3.25
N CYS F 97 -14.01 49.62 2.13
CA CYS F 97 -13.79 51.05 2.00
C CYS F 97 -14.99 51.69 1.30
N MET F 98 -16.18 51.45 1.88
CA MET F 98 -17.41 52.02 1.36
C MET F 98 -18.18 52.68 2.50
N ARG F 99 -18.84 53.80 2.19
CA ARG F 99 -19.57 54.57 3.18
C ARG F 99 -20.89 53.89 3.49
N ASP F 100 -21.77 54.61 4.20
CA ASP F 100 -23.06 54.11 4.62
C ASP F 100 -23.85 53.68 3.39
N ASN F 101 -23.66 54.40 2.28
CA ASN F 101 -24.43 54.18 1.07
C ASN F 101 -23.66 53.26 0.11
N ASN F 102 -22.63 52.60 0.63
CA ASN F 102 -21.86 51.60 -0.12
C ASN F 102 -21.23 52.23 -1.36
N SER F 103 -20.70 53.46 -1.21
CA SER F 103 -19.91 54.10 -2.25
C SER F 103 -18.43 53.98 -1.88
N GLY F 104 -17.62 53.51 -2.83
CA GLY F 104 -16.19 53.32 -2.61
C GLY F 104 -15.66 52.05 -3.27
N TRP F 105 -14.95 51.23 -2.49
CA TRP F 105 -14.44 49.97 -3.00
C TRP F 105 -14.43 48.90 -1.92
N LYS F 106 -14.34 47.64 -2.37
CA LYS F 106 -14.45 46.49 -1.49
C LYS F 106 -13.61 45.36 -2.06
N VAL F 107 -12.97 44.60 -1.16
CA VAL F 107 -12.35 43.34 -1.50
C VAL F 107 -13.06 42.26 -0.69
N SER F 108 -13.58 41.26 -1.41
CA SER F 108 -14.38 40.19 -0.83
C SER F 108 -13.88 38.85 -1.33
N LEU F 109 -14.16 37.79 -0.56
CA LEU F 109 -13.72 36.44 -0.86
C LEU F 109 -14.93 35.52 -1.02
N ASN F 110 -14.78 34.54 -1.92
CA ASN F 110 -15.65 33.38 -2.00
C ASN F 110 -14.77 32.14 -2.01
N HIS F 111 -15.39 30.96 -2.09
CA HIS F 111 -14.63 29.72 -2.12
C HIS F 111 -13.65 29.75 -3.30
N ASN F 112 -12.36 29.82 -2.97
CA ASN F 112 -11.29 29.85 -3.94
C ASN F 112 -11.47 31.01 -4.92
N GLU F 113 -11.92 32.17 -4.39
CA GLU F 113 -12.23 33.30 -5.25
C GLU F 113 -11.88 34.59 -4.53
N ILE F 114 -11.33 35.55 -5.29
CA ILE F 114 -11.05 36.89 -4.79
C ILE F 114 -11.79 37.88 -5.67
N ILE F 115 -12.62 38.73 -5.04
CA ILE F 115 -13.48 39.65 -5.77
C ILE F 115 -13.14 41.09 -5.39
N TRP F 116 -13.07 41.94 -6.41
CA TRP F 116 -12.89 43.38 -6.26
C TRP F 116 -14.13 44.13 -6.75
N THR F 117 -14.61 45.07 -5.94
CA THR F 117 -15.84 45.81 -6.25
C THR F 117 -15.59 47.30 -6.14
N LEU F 118 -16.05 48.06 -7.15
CA LEU F 118 -15.95 49.52 -7.16
C LEU F 118 -17.32 50.10 -7.45
N GLN F 119 -17.83 50.93 -6.53
CA GLN F 119 -19.16 51.48 -6.62
C GLN F 119 -19.10 53.01 -6.51
N ASP F 120 -19.84 53.70 -7.38
CA ASP F 120 -19.86 55.14 -7.42
C ASP F 120 -20.92 55.70 -6.46
N ASN F 121 -21.06 57.04 -6.47
CA ASN F 121 -21.97 57.74 -5.59
C ASN F 121 -23.42 57.49 -5.99
N ALA F 122 -23.65 57.39 -7.31
CA ALA F 122 -24.96 57.12 -7.87
C ALA F 122 -25.46 55.74 -7.44
N GLY F 123 -24.55 54.76 -7.46
CA GLY F 123 -24.88 53.39 -7.10
C GLY F 123 -24.45 52.38 -8.17
N ILE F 124 -23.98 52.89 -9.31
CA ILE F 124 -23.42 52.06 -10.36
C ILE F 124 -22.15 51.39 -9.83
N ASN F 125 -22.01 50.09 -10.12
CA ASN F 125 -20.89 49.32 -9.63
C ASN F 125 -20.22 48.59 -10.79
N GLN F 126 -19.04 48.03 -10.50
CA GLN F 126 -18.31 47.17 -11.43
C GLN F 126 -17.40 46.25 -10.61
N LYS F 127 -17.35 44.98 -11.01
CA LYS F 127 -16.67 43.95 -10.24
C LYS F 127 -15.66 43.23 -11.13
N LEU F 128 -14.52 42.85 -10.54
CA LEU F 128 -13.60 41.89 -11.14
C LEU F 128 -13.41 40.73 -10.16
N ALA F 129 -12.97 39.60 -10.70
CA ALA F 129 -12.82 38.41 -9.88
C ALA F 129 -11.66 37.56 -10.37
N PHE F 130 -11.19 36.69 -9.48
CA PHE F 130 -10.19 35.67 -9.79
C PHE F 130 -10.57 34.41 -9.02
N ASN F 131 -10.84 33.34 -9.76
CA ASN F 131 -11.12 32.03 -9.20
C ASN F 131 -9.96 31.10 -9.57
N TYR F 132 -9.25 30.61 -8.55
CA TYR F 132 -8.07 29.81 -8.79
C TYR F 132 -8.40 28.32 -8.79
N GLY F 133 -9.57 27.97 -8.22
CA GLY F 133 -10.05 26.59 -8.27
C GLY F 133 -9.38 25.70 -7.23
N ASN F 134 -9.84 24.45 -7.16
CA ASN F 134 -9.32 23.46 -6.24
C ASN F 134 -7.94 23.02 -6.71
N ALA F 135 -7.14 22.51 -5.78
CA ALA F 135 -5.80 22.03 -6.10
C ALA F 135 -5.91 20.79 -6.99
N ASN F 136 -5.26 20.88 -8.15
CA ASN F 136 -5.09 19.77 -9.05
C ASN F 136 -3.60 19.47 -9.12
N GLY F 137 -3.14 18.58 -8.24
CA GLY F 137 -1.72 18.38 -8.00
C GLY F 137 -1.22 19.30 -6.89
N ILE F 138 -0.57 20.40 -7.30
CA ILE F 138 -0.07 21.40 -6.37
C ILE F 138 -0.76 22.73 -6.70
N SER F 139 -1.33 23.38 -5.68
CA SER F 139 -1.93 24.69 -5.87
C SER F 139 -0.93 25.80 -5.61
N ASP F 140 -0.94 26.81 -6.48
CA ASP F 140 -0.05 27.96 -6.37
C ASP F 140 -0.69 29.08 -5.55
N TYR F 141 -1.90 28.86 -5.01
CA TYR F 141 -2.68 29.94 -4.42
C TYR F 141 -3.17 29.58 -3.01
N ILE F 142 -3.61 28.33 -2.83
CA ILE F 142 -4.25 27.92 -1.59
C ILE F 142 -3.24 27.94 -0.44
N ASN F 143 -3.52 28.80 0.55
CA ASN F 143 -2.74 28.96 1.78
C ASN F 143 -1.38 29.60 1.49
N LYS F 144 -1.24 30.17 0.30
CA LYS F 144 -0.03 30.90 -0.06
C LYS F 144 -0.34 32.40 -0.13
N TRP F 145 0.71 33.21 -0.04
CA TRP F 145 0.58 34.64 -0.27
C TRP F 145 0.29 34.88 -1.74
N ILE F 146 -0.81 35.60 -2.01
CA ILE F 146 -1.16 35.98 -3.36
C ILE F 146 -1.08 37.50 -3.47
N PHE F 147 -0.37 37.96 -4.51
CA PHE F 147 -0.23 39.39 -4.76
C PHE F 147 -1.42 39.88 -5.58
N VAL F 148 -2.19 40.78 -4.99
CA VAL F 148 -3.37 41.34 -5.64
C VAL F 148 -3.07 42.81 -5.94
N THR F 149 -3.24 43.18 -7.21
CA THR F 149 -3.10 44.56 -7.63
C THR F 149 -4.34 44.94 -8.42
N ILE F 150 -4.80 46.18 -8.23
CA ILE F 150 -5.98 46.70 -8.93
C ILE F 150 -5.66 48.11 -9.42
N THR F 151 -5.61 48.28 -10.74
CA THR F 151 -5.43 49.59 -11.32
C THR F 151 -6.75 50.09 -11.91
N ASN F 152 -6.98 51.40 -11.78
CA ASN F 152 -8.22 52.02 -12.20
C ASN F 152 -7.89 53.25 -13.04
N ASP F 153 -8.09 53.14 -14.35
CA ASP F 153 -8.05 54.28 -15.25
C ASP F 153 -9.48 54.76 -15.50
N ARG F 154 -9.79 55.95 -15.00
CA ARG F 154 -11.15 56.47 -15.02
C ARG F 154 -11.65 56.68 -16.44
N LEU F 155 -10.71 56.86 -17.37
CA LEU F 155 -11.07 57.05 -18.77
C LEU F 155 -10.89 55.75 -19.54
N GLY F 156 -11.03 54.61 -18.84
CA GLY F 156 -10.81 53.31 -19.46
C GLY F 156 -11.31 52.15 -18.62
N ASP F 157 -10.46 51.12 -18.49
CA ASP F 157 -10.80 49.88 -17.83
C ASP F 157 -10.20 49.85 -16.43
N SER F 158 -10.83 49.07 -15.54
CA SER F 158 -10.25 48.68 -14.27
C SER F 158 -9.67 47.28 -14.42
N LYS F 159 -8.41 47.11 -14.00
CA LYS F 159 -7.67 45.88 -14.23
C LYS F 159 -7.28 45.24 -12.91
N LEU F 160 -7.44 43.91 -12.82
CA LEU F 160 -7.07 43.13 -11.67
C LEU F 160 -5.88 42.24 -12.04
N TYR F 161 -4.77 42.39 -11.29
CA TYR F 161 -3.58 41.58 -11.49
C TYR F 161 -3.41 40.62 -10.32
N ILE F 162 -3.06 39.37 -10.65
CA ILE F 162 -2.70 38.38 -9.64
C ILE F 162 -1.27 37.93 -9.92
N ASN F 163 -0.39 38.13 -8.93
CA ASN F 163 1.02 37.80 -9.02
C ASN F 163 1.68 38.51 -10.20
N GLY F 164 1.18 39.72 -10.52
CA GLY F 164 1.77 40.53 -11.56
C GLY F 164 1.20 40.27 -12.96
N ASN F 165 0.28 39.31 -13.07
CA ASN F 165 -0.31 38.96 -14.36
C ASN F 165 -1.77 39.42 -14.41
N LEU F 166 -2.14 40.08 -15.50
CA LEU F 166 -3.50 40.58 -15.71
C LEU F 166 -4.44 39.40 -15.96
N ILE F 167 -5.57 39.38 -15.25
CA ILE F 167 -6.48 38.26 -15.33
C ILE F 167 -7.92 38.69 -15.62
N ASP F 168 -8.22 39.98 -15.39
CA ASP F 168 -9.57 40.49 -15.62
C ASP F 168 -9.52 42.01 -15.81
N GLN F 169 -10.27 42.50 -16.80
CA GLN F 169 -10.35 43.93 -17.09
C GLN F 169 -11.75 44.26 -17.63
N LYS F 170 -12.54 44.93 -16.80
CA LYS F 170 -13.80 45.51 -17.26
C LYS F 170 -13.65 47.03 -17.29
N SER F 171 -14.53 47.68 -18.07
CA SER F 171 -14.49 49.12 -18.23
C SER F 171 -15.21 49.79 -17.06
N ILE F 172 -14.79 51.01 -16.74
CA ILE F 172 -15.36 51.78 -15.65
C ILE F 172 -15.80 53.16 -16.15
N LEU F 173 -15.91 53.30 -17.47
CA LEU F 173 -16.24 54.58 -18.09
C LEU F 173 -17.60 55.10 -17.62
N ASN F 174 -18.49 54.18 -17.24
CA ASN F 174 -19.88 54.56 -16.92
C ASN F 174 -19.99 54.98 -15.46
N LEU F 175 -18.91 54.87 -14.70
CA LEU F 175 -18.91 55.27 -13.30
C LEU F 175 -18.56 56.75 -13.20
N GLY F 176 -19.26 57.46 -12.31
CA GLY F 176 -19.09 58.90 -12.18
C GLY F 176 -18.14 59.27 -11.05
N ASN F 177 -18.70 59.77 -9.95
CA ASN F 177 -17.92 60.22 -8.80
C ASN F 177 -17.95 59.12 -7.74
N ILE F 178 -16.76 58.74 -7.28
CA ILE F 178 -16.63 57.77 -6.20
C ILE F 178 -16.09 58.50 -4.98
N HIS F 179 -16.87 58.47 -3.90
CA HIS F 179 -16.45 58.98 -2.61
C HIS F 179 -16.25 57.81 -1.66
N VAL F 180 -15.00 57.32 -1.61
CA VAL F 180 -14.63 56.16 -0.82
C VAL F 180 -14.79 56.50 0.66
N SER F 181 -14.80 55.45 1.50
CA SER F 181 -14.97 55.58 2.94
C SER F 181 -13.78 56.32 3.55
N ASP F 182 -14.01 56.94 4.70
CA ASP F 182 -12.95 57.53 5.50
C ASP F 182 -12.05 56.42 6.05
N ASN F 183 -12.65 55.25 6.30
CA ASN F 183 -11.96 54.15 6.94
C ASN F 183 -11.73 53.02 5.93
N ILE F 184 -10.60 52.34 6.09
CA ILE F 184 -10.34 51.09 5.41
C ILE F 184 -10.31 50.00 6.48
N LEU F 185 -11.30 49.11 6.43
CA LEU F 185 -11.51 48.15 7.50
C LEU F 185 -11.11 46.77 7.02
N PHE F 186 -10.05 46.23 7.64
CA PHE F 186 -9.66 44.85 7.47
C PHE F 186 -10.39 44.01 8.52
N LYS F 187 -11.42 43.30 8.07
CA LYS F 187 -12.28 42.52 8.95
C LYS F 187 -13.03 41.49 8.10
N ILE F 188 -13.17 40.27 8.63
CA ILE F 188 -13.94 39.23 7.98
C ILE F 188 -15.40 39.37 8.40
N VAL F 189 -16.26 39.68 7.41
CA VAL F 189 -17.65 40.02 7.66
C VAL F 189 -18.55 39.09 6.85
N ASN F 190 -19.46 38.40 7.56
CA ASN F 190 -20.50 37.57 6.97
C ASN F 190 -19.88 36.34 6.32
N CYS F 191 -19.03 35.64 7.08
CA CYS F 191 -18.49 34.36 6.65
C CYS F 191 -19.21 33.24 7.38
N SER F 192 -19.59 32.19 6.63
CA SER F 192 -20.39 31.08 7.14
C SER F 192 -19.65 30.34 8.25
N TYR F 193 -18.31 30.29 8.14
CA TYR F 193 -17.49 29.46 9.01
C TYR F 193 -16.45 30.33 9.74
N THR F 194 -15.91 29.78 10.83
CA THR F 194 -14.76 30.34 11.52
C THR F 194 -13.53 30.18 10.63
N ARG F 195 -12.80 31.29 10.46
CA ARG F 195 -11.58 31.29 9.67
C ARG F 195 -10.69 32.46 10.07
N TYR F 196 -9.49 32.52 9.47
CA TYR F 196 -8.64 33.70 9.53
C TYR F 196 -8.10 34.01 8.14
N ILE F 197 -7.62 35.24 7.97
CA ILE F 197 -7.11 35.74 6.70
C ILE F 197 -5.83 36.53 6.99
N GLY F 198 -4.86 36.42 6.07
CA GLY F 198 -3.59 37.11 6.18
C GLY F 198 -3.47 38.24 5.16
N ILE F 199 -2.98 39.40 5.63
CA ILE F 199 -2.80 40.58 4.78
C ILE F 199 -1.41 41.15 5.04
N ARG F 200 -0.79 41.68 3.97
CA ARG F 200 0.51 42.32 4.09
C ARG F 200 0.70 43.33 2.96
N TYR F 201 1.49 44.37 3.24
CA TYR F 201 2.01 45.33 2.28
C TYR F 201 0.91 46.11 1.56
N PHE F 202 -0.13 46.50 2.31
CA PHE F 202 -1.23 47.25 1.73
C PHE F 202 -0.74 48.64 1.30
N ASN F 203 -1.00 48.99 0.03
CA ASN F 203 -0.56 50.26 -0.52
C ASN F 203 -1.69 50.85 -1.35
N ILE F 204 -1.82 52.19 -1.31
CA ILE F 204 -2.66 52.93 -2.23
C ILE F 204 -1.81 53.93 -3.00
N PHE F 205 -1.98 53.96 -4.32
CA PHE F 205 -1.30 54.89 -5.20
C PHE F 205 -2.33 55.71 -5.98
N ASP F 206 -1.93 56.90 -6.40
CA ASP F 206 -2.83 57.85 -7.05
C ASP F 206 -2.57 57.90 -8.54
N LYS F 207 -2.23 56.74 -9.12
CA LYS F 207 -2.06 56.63 -10.56
C LYS F 207 -2.37 55.21 -10.99
N GLU F 208 -2.49 55.01 -12.30
CA GLU F 208 -2.64 53.68 -12.87
C GLU F 208 -1.26 53.08 -13.02
N LEU F 209 -0.95 52.05 -12.21
CA LEU F 209 0.32 51.37 -12.33
C LEU F 209 0.35 50.56 -13.62
N ASP F 210 1.50 50.58 -14.30
CA ASP F 210 1.71 49.76 -15.48
C ASP F 210 2.33 48.43 -15.07
N GLU F 211 2.30 47.47 -15.99
CA GLU F 211 2.75 46.10 -15.73
C GLU F 211 4.16 46.09 -15.16
N THR F 212 5.00 47.03 -15.61
CA THR F 212 6.38 47.09 -15.16
C THR F 212 6.44 47.39 -13.66
N GLU F 213 5.66 48.39 -13.23
CA GLU F 213 5.64 48.83 -11.85
C GLU F 213 5.03 47.75 -10.95
N ILE F 214 4.03 47.04 -11.48
CA ILE F 214 3.35 45.98 -10.75
C ILE F 214 4.30 44.80 -10.56
N GLN F 215 5.15 44.56 -11.57
CA GLN F 215 6.11 43.47 -11.49
C GLN F 215 7.24 43.84 -10.53
N THR F 216 7.63 45.12 -10.53
CA THR F 216 8.62 45.61 -9.60
C THR F 216 8.13 45.42 -8.17
N LEU F 217 6.84 45.66 -7.94
CA LEU F 217 6.26 45.48 -6.63
C LEU F 217 6.26 43.99 -6.28
N TYR F 218 5.87 43.15 -7.25
CA TYR F 218 5.73 41.72 -7.04
C TYR F 218 7.09 41.09 -6.73
N SER F 219 8.15 41.66 -7.29
CA SER F 219 9.48 41.09 -7.13
C SER F 219 10.17 41.61 -5.85
N ASN F 220 9.94 42.89 -5.50
CA ASN F 220 10.80 43.57 -4.55
C ASN F 220 10.16 43.66 -3.16
N GLU F 221 8.83 43.51 -3.08
CA GLU F 221 8.14 43.76 -1.83
C GLU F 221 8.59 42.77 -0.74
N PRO F 222 8.59 41.45 -0.98
CA PRO F 222 9.27 40.52 -0.06
C PRO F 222 10.77 40.57 -0.34
N ASN F 223 11.56 40.44 0.71
CA ASN F 223 13.01 40.60 0.63
C ASN F 223 13.58 39.53 -0.31
N THR F 224 14.19 39.98 -1.42
CA THR F 224 14.76 39.06 -2.41
C THR F 224 15.95 38.31 -1.84
N ASN F 225 16.52 38.81 -0.73
CA ASN F 225 17.73 38.26 -0.16
C ASN F 225 17.39 37.02 0.67
N ILE F 226 16.18 37.02 1.24
CA ILE F 226 15.73 35.93 2.11
C ILE F 226 15.07 34.87 1.24
N LEU F 227 15.30 33.59 1.59
CA LEU F 227 14.67 32.49 0.88
C LEU F 227 13.23 32.32 1.37
N LYS F 228 12.38 31.79 0.48
CA LYS F 228 10.98 31.60 0.78
C LYS F 228 10.67 30.13 0.97
N ASP F 229 9.63 29.85 1.77
CA ASP F 229 9.13 28.51 1.94
C ASP F 229 8.02 28.26 0.93
N PHE F 230 7.36 27.11 1.06
CA PHE F 230 6.26 26.74 0.17
C PHE F 230 5.15 27.79 0.19
N TRP F 231 4.75 28.25 1.38
CA TRP F 231 3.62 29.13 1.54
C TRP F 231 3.97 30.58 1.13
N GLY F 232 5.27 30.86 0.98
CA GLY F 232 5.72 32.19 0.61
C GLY F 232 6.17 33.02 1.81
N ASN F 233 6.28 32.38 2.98
CA ASN F 233 6.92 32.98 4.14
C ASN F 233 8.43 32.84 4.01
N TYR F 234 9.15 33.40 4.99
CA TYR F 234 10.61 33.32 5.01
C TYR F 234 11.04 31.93 5.45
N LEU F 235 12.05 31.38 4.75
CA LEU F 235 12.65 30.10 5.09
C LEU F 235 13.50 30.24 6.35
N LEU F 236 13.34 29.29 7.28
CA LEU F 236 13.88 29.42 8.62
C LEU F 236 14.92 28.34 8.90
N TYR F 237 15.82 28.62 9.83
CA TYR F 237 16.68 27.63 10.43
C TYR F 237 15.92 26.94 11.56
N ASP F 238 16.37 25.73 11.89
CA ASP F 238 15.81 24.93 12.98
C ASP F 238 14.31 24.82 12.84
N LYS F 239 13.85 24.51 11.63
CA LYS F 239 12.44 24.28 11.34
C LYS F 239 12.31 23.04 10.47
N GLU F 240 11.39 22.16 10.84
CA GLU F 240 11.17 20.92 10.10
C GLU F 240 10.38 21.24 8.84
N TYR F 241 10.87 20.74 7.71
CA TYR F 241 10.23 20.96 6.43
C TYR F 241 10.13 19.64 5.68
N TYR F 242 9.01 19.44 4.99
CA TYR F 242 8.90 18.44 3.95
C TYR F 242 9.46 19.03 2.67
N LEU F 243 9.87 18.15 1.75
CA LEU F 243 10.47 18.56 0.50
C LEU F 243 9.47 18.38 -0.64
N LEU F 244 9.56 19.29 -1.63
CA LEU F 244 8.87 19.13 -2.90
C LEU F 244 9.82 19.49 -4.03
N ASN F 245 9.98 18.56 -4.99
CA ASN F 245 10.77 18.79 -6.18
C ASN F 245 9.87 19.45 -7.23
N VAL F 246 10.38 20.52 -7.85
CA VAL F 246 9.56 21.34 -8.74
C VAL F 246 9.25 20.56 -10.02
N LEU F 247 10.20 19.76 -10.50
CA LEU F 247 9.99 18.99 -11.72
C LEU F 247 9.12 17.76 -11.46
N LYS F 248 9.07 17.29 -10.19
CA LYS F 248 8.33 16.08 -9.88
C LYS F 248 7.35 16.37 -8.76
N PRO F 249 6.30 17.19 -9.01
CA PRO F 249 5.38 17.63 -7.96
C PRO F 249 4.53 16.49 -7.40
N ASN F 250 4.39 15.41 -8.17
CA ASN F 250 3.52 14.30 -7.78
C ASN F 250 4.32 13.23 -7.04
N ASN F 251 5.58 13.54 -6.69
CA ASN F 251 6.44 12.60 -6.00
C ASN F 251 6.98 13.23 -4.71
N PHE F 252 7.27 12.39 -3.71
CA PHE F 252 7.92 12.82 -2.50
C PHE F 252 9.17 11.99 -2.22
N ILE F 253 9.98 12.47 -1.28
CA ILE F 253 11.25 11.87 -0.95
C ILE F 253 11.06 10.92 0.24
N ASP F 254 11.65 9.73 0.13
CA ASP F 254 11.64 8.78 1.23
C ASP F 254 13.07 8.31 1.49
N ARG F 255 13.25 7.74 2.69
CA ARG F 255 14.50 7.18 3.15
C ARG F 255 14.59 5.71 2.73
N ARG F 256 15.82 5.29 2.39
CA ARG F 256 16.09 3.89 2.12
C ARG F 256 16.94 3.33 3.26
N LYS F 257 16.93 2.00 3.41
CA LYS F 257 17.64 1.35 4.50
C LYS F 257 19.15 1.52 4.34
N ASP F 258 19.62 1.68 3.10
CA ASP F 258 21.03 1.84 2.81
C ASP F 258 21.44 3.31 2.95
N SER F 259 20.55 4.13 3.50
CA SER F 259 20.81 5.52 3.84
C SER F 259 20.64 6.46 2.63
N THR F 260 20.16 5.93 1.51
CA THR F 260 19.92 6.74 0.32
C THR F 260 18.51 7.32 0.36
N LEU F 261 18.20 8.24 -0.56
CA LEU F 261 16.90 8.87 -0.65
C LEU F 261 16.25 8.57 -1.99
N SER F 262 14.99 8.10 -1.94
CA SER F 262 14.25 7.75 -3.15
C SER F 262 13.34 8.89 -3.55
N ILE F 263 13.02 8.96 -4.85
CA ILE F 263 12.06 9.94 -5.37
C ILE F 263 10.95 9.24 -6.14
N ASN F 264 10.91 7.91 -6.08
CA ASN F 264 9.96 7.13 -6.85
C ASN F 264 8.74 6.79 -5.99
N ASN F 265 8.36 7.70 -5.10
CA ASN F 265 7.17 7.52 -4.27
C ASN F 265 6.11 8.50 -4.75
N ILE F 266 4.94 7.96 -5.14
CA ILE F 266 3.86 8.76 -5.70
C ILE F 266 3.02 9.31 -4.55
N ARG F 267 2.72 10.62 -4.61
CA ARG F 267 1.96 11.29 -3.57
C ARG F 267 0.49 10.88 -3.66
N SER F 268 -0.14 10.63 -2.52
CA SER F 268 -1.56 10.32 -2.45
C SER F 268 -2.38 11.56 -2.79
N THR F 269 -3.70 11.39 -2.92
CA THR F 269 -4.54 12.54 -3.29
C THR F 269 -5.78 12.57 -2.42
N ILE F 270 -6.03 13.76 -1.86
CA ILE F 270 -7.32 14.07 -1.27
C ILE F 270 -8.08 14.90 -2.28
N LEU F 271 -9.16 14.29 -2.81
CA LEU F 271 -9.75 14.57 -4.11
C LEU F 271 -8.65 14.58 -5.16
N LEU F 272 -8.47 15.71 -5.84
CA LEU F 272 -7.39 15.89 -6.79
C LEU F 272 -6.07 16.28 -6.09
N ALA F 273 -6.16 17.02 -4.97
CA ALA F 273 -5.00 17.62 -4.32
C ALA F 273 -4.02 16.56 -3.80
N ASN F 274 -2.72 16.77 -4.06
CA ASN F 274 -1.65 15.91 -3.57
C ASN F 274 -1.43 16.16 -2.08
N ARG F 275 -1.02 15.12 -1.35
CA ARG F 275 -0.63 15.26 0.04
C ARG F 275 0.71 16.00 0.10
N LEU F 276 0.78 17.03 0.96
CA LEU F 276 1.97 17.84 1.08
C LEU F 276 2.82 17.35 2.25
N TYR F 277 2.21 16.60 3.18
CA TYR F 277 2.85 16.24 4.43
C TYR F 277 3.35 14.80 4.39
N SER F 278 3.86 14.38 3.22
CA SER F 278 4.39 13.04 3.04
C SER F 278 5.91 13.10 2.88
N GLY F 279 6.60 12.05 3.35
CA GLY F 279 8.01 11.86 3.09
C GLY F 279 8.89 12.29 4.26
N ILE F 280 10.19 12.47 3.96
CA ILE F 280 11.20 12.80 4.95
C ILE F 280 11.05 14.26 5.37
N LYS F 281 11.57 14.56 6.56
CA LYS F 281 11.65 15.94 7.05
C LYS F 281 13.11 16.33 7.16
N VAL F 282 13.39 17.60 6.84
CA VAL F 282 14.74 18.15 6.93
C VAL F 282 14.72 19.37 7.85
N LYS F 283 15.91 19.76 8.31
CA LYS F 283 16.10 21.01 9.03
C LYS F 283 17.39 21.66 8.53
N ILE F 284 17.33 22.98 8.34
CA ILE F 284 18.49 23.76 7.93
C ILE F 284 19.18 24.31 9.19
N GLN F 285 20.49 24.08 9.25
CA GLN F 285 21.33 24.47 10.38
C GLN F 285 22.45 25.39 9.88
N ARG F 286 22.69 26.47 10.62
CA ARG F 286 23.81 27.37 10.36
C ARG F 286 25.12 26.65 10.66
N VAL F 287 26.08 26.74 9.74
CA VAL F 287 27.40 26.18 10.01
C VAL F 287 28.19 27.16 10.88
N ASN F 288 28.18 28.44 10.49
CA ASN F 288 28.83 29.46 11.31
C ASN F 288 27.79 30.11 12.21
N ASN F 289 27.50 29.47 13.35
CA ASN F 289 26.57 30.01 14.30
C ASN F 289 27.25 31.14 15.08
N SER F 290 27.14 32.36 14.55
CA SER F 290 27.75 33.54 15.15
C SER F 290 26.85 34.09 16.26
N SER F 291 25.74 33.39 16.52
CA SER F 291 24.78 33.67 17.59
C SER F 291 23.89 34.87 17.25
N THR F 292 24.51 36.03 16.98
CA THR F 292 23.81 37.28 16.75
C THR F 292 22.84 37.18 15.56
N ASN F 293 23.18 36.36 14.57
CA ASN F 293 22.34 36.22 13.38
C ASN F 293 21.04 35.51 13.75
N ASP F 294 19.96 35.88 13.03
CA ASP F 294 18.60 35.39 13.20
C ASP F 294 18.41 34.05 12.49
N ASN F 295 17.13 33.63 12.34
CA ASN F 295 16.77 32.31 11.88
C ASN F 295 16.36 32.30 10.40
N LEU F 296 16.51 33.44 9.71
CA LEU F 296 16.12 33.52 8.30
C LEU F 296 17.27 33.03 7.42
N VAL F 297 16.93 32.22 6.40
CA VAL F 297 17.90 31.72 5.44
C VAL F 297 18.02 32.72 4.29
N ARG F 298 19.27 33.08 3.96
CA ARG F 298 19.54 34.08 2.94
C ARG F 298 20.36 33.46 1.80
N LYS F 299 20.43 34.20 0.69
CA LYS F 299 21.19 33.79 -0.48
C LYS F 299 22.67 33.61 -0.11
N ASN F 300 23.25 32.51 -0.58
CA ASN F 300 24.67 32.22 -0.45
C ASN F 300 25.05 31.84 0.97
N ASP F 301 24.05 31.52 1.81
CA ASP F 301 24.32 31.07 3.16
C ASP F 301 24.92 29.67 3.13
N GLN F 302 25.90 29.46 4.00
CA GLN F 302 26.52 28.15 4.15
C GLN F 302 25.81 27.43 5.28
N VAL F 303 25.23 26.27 4.96
CA VAL F 303 24.35 25.58 5.89
C VAL F 303 24.66 24.08 5.89
N TYR F 304 24.07 23.39 6.88
CA TYR F 304 23.94 21.94 6.90
C TYR F 304 22.47 21.57 6.73
N ILE F 305 22.21 20.57 5.88
CA ILE F 305 20.89 19.98 5.74
C ILE F 305 20.84 18.69 6.55
N ASN F 306 19.98 18.65 7.55
CA ASN F 306 19.86 17.51 8.45
C ASN F 306 18.57 16.76 8.18
N PHE F 307 18.68 15.43 8.13
CA PHE F 307 17.52 14.57 8.04
C PHE F 307 16.98 14.31 9.45
N VAL F 308 15.65 14.36 9.59
CA VAL F 308 14.98 14.22 10.87
C VAL F 308 14.43 12.80 11.00
N ALA F 309 15.13 11.96 11.79
CA ALA F 309 14.67 10.60 12.05
C ALA F 309 13.51 10.61 13.04
N SER F 310 13.70 11.37 14.13
CA SER F 310 12.64 11.76 15.04
C SER F 310 12.90 13.18 15.53
N LYS F 311 11.97 13.75 16.30
CA LYS F 311 12.04 15.15 16.68
C LYS F 311 13.41 15.52 17.23
N THR F 312 14.04 14.59 17.97
CA THR F 312 15.25 14.89 18.70
C THR F 312 16.45 14.19 18.08
N HIS F 313 16.26 13.53 16.94
CA HIS F 313 17.32 12.78 16.33
C HIS F 313 17.55 13.27 14.90
N LEU F 314 18.53 14.17 14.74
CA LEU F 314 18.91 14.67 13.43
C LEU F 314 20.19 13.99 12.97
N PHE F 315 20.30 13.76 11.66
CA PHE F 315 21.50 13.19 11.08
C PHE F 315 21.89 14.00 9.86
N PRO F 316 23.20 14.30 9.68
CA PRO F 316 23.66 15.03 8.50
C PRO F 316 23.29 14.31 7.20
N LEU F 317 22.86 15.11 6.21
CA LEU F 317 22.78 14.65 4.83
C LEU F 317 24.05 15.10 4.12
N TYR F 318 24.71 14.15 3.43
CA TYR F 318 25.95 14.43 2.73
C TYR F 318 25.92 13.79 1.34
N ALA F 319 26.89 14.18 0.52
CA ALA F 319 27.08 13.57 -0.80
C ALA F 319 28.16 12.50 -0.69
N ASP F 320 27.80 11.27 -1.07
CA ASP F 320 28.72 10.15 -1.04
C ASP F 320 29.64 10.19 -2.26
N THR F 321 30.87 10.66 -2.04
CA THR F 321 31.85 10.86 -3.11
C THR F 321 32.69 9.61 -3.32
N ALA F 322 32.28 8.49 -2.72
CA ALA F 322 33.01 7.23 -2.85
C ALA F 322 32.42 6.39 -3.98
N THR F 323 32.36 6.96 -5.19
CA THR F 323 31.86 6.26 -6.36
C THR F 323 32.60 6.78 -7.60
N THR F 324 32.42 6.07 -8.72
CA THR F 324 33.04 6.44 -9.98
C THR F 324 32.08 7.28 -10.82
N ASN F 325 30.82 7.36 -10.38
CA ASN F 325 29.80 8.13 -11.09
C ASN F 325 30.08 9.62 -10.95
N LYS F 326 29.62 10.40 -11.94
CA LYS F 326 29.75 11.85 -11.91
C LYS F 326 28.82 12.42 -10.84
N GLU F 327 27.56 11.97 -10.83
CA GLU F 327 26.61 12.40 -9.81
C GLU F 327 26.81 11.56 -8.56
N LYS F 328 26.65 12.20 -7.40
CA LYS F 328 26.87 11.52 -6.13
C LYS F 328 25.55 11.39 -5.38
N THR F 329 25.28 10.18 -4.88
CA THR F 329 24.07 9.91 -4.11
C THR F 329 24.11 10.68 -2.79
N ILE F 330 22.95 11.20 -2.38
CA ILE F 330 22.82 11.87 -1.11
C ILE F 330 22.47 10.82 -0.05
N LYS F 331 23.25 10.80 1.03
CA LYS F 331 23.11 9.76 2.03
C LYS F 331 22.88 10.39 3.40
N ILE F 332 22.37 9.58 4.33
CA ILE F 332 22.22 9.95 5.72
C ILE F 332 23.40 9.39 6.50
N SER F 333 23.99 10.23 7.36
CA SER F 333 25.11 9.83 8.19
C SER F 333 24.60 9.51 9.59
N SER F 334 24.61 8.21 9.94
CA SER F 334 24.10 7.77 11.23
C SER F 334 25.09 8.07 12.34
N SER F 335 26.37 8.26 11.96
CA SER F 335 27.42 8.52 12.93
C SER F 335 27.48 9.99 13.33
N GLY F 336 26.87 10.88 12.52
CA GLY F 336 26.93 12.32 12.74
C GLY F 336 28.06 12.99 11.96
N ASN F 337 28.82 12.20 11.19
CA ASN F 337 29.91 12.73 10.39
C ASN F 337 29.34 13.49 9.20
N ARG F 338 29.88 14.70 8.95
CA ARG F 338 29.42 15.57 7.88
C ARG F 338 30.31 15.44 6.66
N PHE F 339 31.41 14.69 6.79
CA PHE F 339 32.26 14.30 5.67
C PHE F 339 32.87 15.51 4.98
N ASN F 340 33.15 16.57 5.75
CA ASN F 340 33.85 17.74 5.26
C ASN F 340 33.10 18.40 4.12
N GLN F 341 31.79 18.57 4.28
CA GLN F 341 30.94 19.15 3.25
C GLN F 341 30.11 20.27 3.85
N VAL F 342 29.73 21.24 3.00
CA VAL F 342 28.74 22.24 3.36
C VAL F 342 27.72 22.32 2.25
N VAL F 343 26.63 23.05 2.52
CA VAL F 343 25.63 23.32 1.50
C VAL F 343 25.49 24.83 1.36
N VAL F 344 25.47 25.29 0.11
CA VAL F 344 25.23 26.70 -0.17
C VAL F 344 23.78 26.85 -0.62
N MET F 345 23.01 27.68 0.12
CA MET F 345 21.63 27.96 -0.21
C MET F 345 21.58 29.07 -1.25
N ASN F 346 20.62 28.98 -2.17
CA ASN F 346 20.35 30.05 -3.11
C ASN F 346 18.91 29.89 -3.58
N SER F 347 18.49 30.81 -4.46
CA SER F 347 17.08 30.96 -4.76
C SER F 347 16.90 31.49 -6.17
N VAL F 348 15.81 31.05 -6.82
CA VAL F 348 15.25 31.70 -7.98
C VAL F 348 13.76 31.89 -7.69
N GLY F 349 13.40 33.11 -7.30
CA GLY F 349 12.05 33.40 -6.85
C GLY F 349 11.72 32.60 -5.59
N ASN F 350 10.66 31.79 -5.66
CA ASN F 350 10.22 30.97 -4.55
C ASN F 350 10.92 29.60 -4.58
N ASN F 351 11.71 29.33 -5.61
CA ASN F 351 12.35 28.03 -5.75
C ASN F 351 13.77 28.07 -5.17
N CYS F 352 14.12 27.02 -4.41
CA CYS F 352 15.36 26.99 -3.67
C CYS F 352 16.35 26.01 -4.31
N THR F 353 17.64 26.37 -4.21
CA THR F 353 18.72 25.53 -4.68
C THR F 353 19.66 25.21 -3.51
N MET F 354 20.18 23.99 -3.49
CA MET F 354 21.16 23.56 -2.52
C MET F 354 22.38 23.03 -3.25
N ASN F 355 23.51 23.73 -3.08
CA ASN F 355 24.77 23.33 -3.70
C ASN F 355 25.65 22.66 -2.67
N PHE F 356 25.83 21.34 -2.82
CA PHE F 356 26.74 20.58 -1.98
C PHE F 356 28.17 20.84 -2.45
N LYS F 357 29.00 21.29 -1.52
CA LYS F 357 30.38 21.64 -1.82
C LYS F 357 31.31 21.04 -0.79
N ASN F 358 32.57 20.87 -1.18
CA ASN F 358 33.62 20.45 -0.27
C ASN F 358 34.09 21.67 0.53
N ASN F 359 34.65 21.41 1.71
CA ASN F 359 35.15 22.47 2.58
C ASN F 359 36.38 23.13 1.98
N ASN F 360 37.02 22.46 1.02
CA ASN F 360 38.19 23.00 0.34
C ASN F 360 37.75 23.96 -0.77
N GLY F 361 36.44 24.08 -0.96
CA GLY F 361 35.85 25.05 -1.88
C GLY F 361 35.41 24.44 -3.21
N ASN F 362 35.49 23.11 -3.30
CA ASN F 362 35.21 22.43 -4.56
C ASN F 362 33.72 22.13 -4.67
N ASN F 363 33.21 22.12 -5.90
CA ASN F 363 31.79 21.88 -6.13
C ASN F 363 31.55 20.38 -6.22
N ILE F 364 30.49 19.92 -5.54
CA ILE F 364 30.05 18.53 -5.65
C ILE F 364 28.77 18.48 -6.48
N GLY F 365 27.86 19.43 -6.27
CA GLY F 365 26.73 19.56 -7.18
C GLY F 365 25.45 20.08 -6.51
N LEU F 366 24.53 20.59 -7.33
CA LEU F 366 23.21 20.96 -6.85
C LEU F 366 22.43 19.70 -6.50
N LEU F 367 21.53 19.82 -5.53
CA LEU F 367 20.64 18.75 -5.14
C LEU F 367 19.57 18.56 -6.23
N GLY F 368 19.59 17.37 -6.85
CA GLY F 368 18.62 16.98 -7.87
C GLY F 368 18.23 15.52 -7.71
N PHE F 369 17.93 14.87 -8.83
CA PHE F 369 17.63 13.45 -8.84
C PHE F 369 18.13 12.83 -10.13
N LYS F 370 18.47 11.54 -10.04
CA LYS F 370 18.72 10.73 -11.21
C LYS F 370 17.97 9.42 -11.01
N ALA F 371 17.32 8.97 -12.09
CA ALA F 371 16.46 7.80 -12.04
C ALA F 371 15.50 7.95 -10.87
N ASP F 372 15.76 7.21 -9.78
CA ASP F 372 14.87 7.16 -8.64
C ASP F 372 15.57 7.65 -7.38
N THR F 373 16.79 8.19 -7.50
CA THR F 373 17.57 8.52 -6.32
C THR F 373 17.91 10.00 -6.31
N VAL F 374 17.83 10.61 -5.11
CA VAL F 374 18.24 11.98 -4.88
C VAL F 374 19.76 12.04 -4.91
N VAL F 375 20.31 12.93 -5.75
CA VAL F 375 21.74 13.01 -5.99
C VAL F 375 22.20 14.47 -5.94
N ALA F 376 23.53 14.65 -5.96
CA ALA F 376 24.13 15.94 -6.25
C ALA F 376 24.82 15.86 -7.61
N SER F 377 24.57 16.87 -8.44
CA SER F 377 25.05 16.87 -9.82
C SER F 377 25.51 18.26 -10.25
N THR F 378 26.62 18.30 -10.99
CA THR F 378 27.17 19.55 -11.48
C THR F 378 26.51 19.92 -12.81
N TRP F 379 25.81 18.96 -13.42
CA TRP F 379 25.16 19.13 -14.70
C TRP F 379 24.25 20.36 -14.67
N TYR F 380 23.53 20.53 -13.56
CA TYR F 380 22.57 21.62 -13.41
C TYR F 380 23.23 22.97 -13.64
N TYR F 381 24.51 23.09 -13.25
CA TYR F 381 25.24 24.35 -13.36
C TYR F 381 25.05 24.98 -14.74
N THR F 382 25.05 24.14 -15.79
CA THR F 382 25.04 24.63 -17.17
C THR F 382 23.70 24.34 -17.85
N HIS F 383 22.70 23.94 -17.07
CA HIS F 383 21.38 23.66 -17.63
C HIS F 383 20.30 24.07 -16.64
N MET F 384 20.39 25.31 -16.14
CA MET F 384 19.50 25.72 -15.07
C MET F 384 18.27 26.44 -15.61
N ARG F 385 18.31 26.87 -16.88
CA ARG F 385 17.24 27.68 -17.45
C ARG F 385 16.52 26.93 -18.56
N ASP F 386 17.27 26.54 -19.61
CA ASP F 386 16.66 26.05 -20.84
C ASP F 386 17.01 24.58 -21.06
N HIS F 387 16.15 23.72 -20.51
CA HIS F 387 16.24 22.27 -20.66
C HIS F 387 15.02 21.64 -20.01
N THR F 388 14.59 20.50 -20.55
CA THR F 388 13.42 19.80 -20.06
C THR F 388 13.58 19.50 -18.57
N ASN F 389 14.83 19.27 -18.13
CA ASN F 389 15.12 18.72 -16.81
C ASN F 389 15.68 19.78 -15.87
N SER F 390 15.67 21.06 -16.29
CA SER F 390 16.29 22.13 -15.53
C SER F 390 15.74 22.20 -14.11
N ASN F 391 14.42 22.05 -13.97
CA ASN F 391 13.73 22.32 -12.72
C ASN F 391 13.96 21.22 -11.70
N GLY F 392 14.80 20.23 -12.05
CA GLY F 392 15.12 19.12 -11.17
C GLY F 392 15.94 19.55 -9.95
N CYS F 393 16.61 20.71 -10.06
CA CYS F 393 17.48 21.22 -9.01
C CYS F 393 16.73 22.23 -8.14
N PHE F 394 15.42 22.39 -8.35
CA PHE F 394 14.65 23.37 -7.61
C PHE F 394 13.77 22.68 -6.58
N TRP F 395 13.70 23.26 -5.38
CA TRP F 395 13.00 22.62 -4.27
C TRP F 395 12.11 23.62 -3.54
N ASN F 396 11.05 23.10 -2.94
CA ASN F 396 10.18 23.87 -2.05
C ASN F 396 10.18 23.20 -0.68
N PHE F 397 10.14 24.04 0.36
CA PHE F 397 10.13 23.58 1.73
C PHE F 397 8.73 23.79 2.30
N ILE F 398 8.08 22.68 2.66
CA ILE F 398 6.70 22.70 3.11
C ILE F 398 6.68 22.57 4.63
N SER F 399 6.14 23.59 5.30
CA SER F 399 5.95 23.55 6.75
C SER F 399 4.55 23.07 7.10
N GLU F 400 4.48 22.10 8.02
CA GLU F 400 3.22 21.57 8.50
C GLU F 400 2.51 22.63 9.33
N GLU F 401 1.38 23.13 8.83
CA GLU F 401 0.70 24.25 9.44
C GLU F 401 -0.79 23.94 9.60
N HIS F 402 -1.48 24.80 10.35
CA HIS F 402 -2.88 24.61 10.70
C HIS F 402 -3.79 24.98 9.52
N GLY F 403 -3.31 25.87 8.64
CA GLY F 403 -4.09 26.38 7.53
C GLY F 403 -4.24 25.39 6.38
N TRP F 404 -3.44 24.32 6.41
CA TRP F 404 -3.56 23.23 5.45
C TRP F 404 -3.66 21.92 6.21
N GLN F 405 -4.88 21.36 6.28
CA GLN F 405 -5.12 20.14 7.03
C GLN F 405 -5.35 18.99 6.07
N GLU F 406 -4.63 17.88 6.30
CA GLU F 406 -4.84 16.66 5.54
C GLU F 406 -4.71 15.48 6.50
N LYS F 407 -5.67 14.55 6.43
CA LYS F 407 -5.67 13.39 7.32
C LYS F 407 -5.98 12.12 6.53
C1 NAG G . 21.63 16.23 25.46
C2 NAG G . 21.43 16.68 26.91
C3 NAG G . 20.39 17.79 26.86
C4 NAG G . 20.85 18.90 25.91
C5 NAG G . 21.09 18.30 24.52
C6 NAG G . 21.52 19.29 23.43
C7 NAG G . 21.23 15.58 29.07
C8 NAG G . 20.03 15.78 29.96
N2 NAG G . 21.00 15.59 27.76
O3 NAG G . 20.09 18.29 28.16
O4 NAG G . 19.83 19.88 25.85
O5 NAG G . 22.09 17.30 24.65
O6 NAG G . 21.09 18.75 22.17
O7 NAG G . 22.35 15.41 29.53
C1 NAG G . 20.43 21.12 26.25
C2 NAG G . 19.67 22.28 25.60
C3 NAG G . 20.34 23.58 26.00
C4 NAG G . 20.50 23.68 27.52
C5 NAG G . 21.19 22.44 28.09
C6 NAG G . 21.31 22.47 29.61
C7 NAG G . 18.57 21.72 23.47
C8 NAG G . 18.68 21.82 21.97
N2 NAG G . 19.65 22.13 24.15
O3 NAG G . 19.54 24.68 25.52
O4 NAG G . 21.24 24.87 27.85
O5 NAG G . 20.48 21.27 27.67
O6 NAG G . 20.09 22.04 30.24
O7 NAG G . 17.56 21.31 24.00
C1 NAG H . 7.18 -2.17 36.49
C2 NAG H . 6.62 -0.92 35.79
C3 NAG H . 5.75 -0.06 36.69
C4 NAG H . 4.79 -0.85 37.58
C5 NAG H . 5.43 -2.09 38.20
C6 NAG H . 4.35 -3.01 38.76
C7 NAG H . 8.02 -0.08 33.98
C8 NAG H . 9.34 0.58 33.67
N2 NAG H . 7.72 -0.14 35.27
O3 NAG H . 4.94 0.76 35.85
O4 NAG H . 4.30 0.01 38.62
O5 NAG H . 6.16 -2.86 37.23
O6 NAG H . 3.27 -3.12 37.83
O7 NAG H . 7.30 -0.54 33.09
C1 NAG H . 2.89 0.29 38.42
C2 NAG H . 2.41 1.04 39.66
C3 NAG H . 1.05 1.71 39.49
C4 NAG H . 0.77 2.31 38.11
C5 NAG H . 1.39 1.53 36.94
C6 NAG H . 1.51 2.43 35.72
C7 NAG H . 3.39 0.12 41.69
C8 NAG H . 3.50 -1.12 42.52
N2 NAG H . 2.40 0.15 40.82
O3 NAG H . 0.97 2.77 40.46
O4 NAG H . -0.65 2.38 37.93
O5 NAG H . 2.71 1.06 37.24
O6 NAG H . 2.47 3.47 35.96
O7 NAG H . 4.19 1.05 41.79
C1 NAG I . 1.57 11.59 21.70
C2 NAG I . 2.10 13.02 21.48
C3 NAG I . 1.08 14.10 21.06
C4 NAG I . -0.27 13.57 20.55
C5 NAG I . -0.67 12.21 21.13
C6 NAG I . -1.95 11.70 20.49
C7 NAG I . 2.52 13.08 23.92
C8 NAG I . 3.71 12.72 24.79
N2 NAG I . 2.82 13.47 22.68
O3 NAG I . 1.69 14.89 20.04
O4 NAG I . -1.28 14.54 20.84
O5 NAG I . 0.41 11.30 20.92
O6 NAG I . -1.93 10.27 20.30
O7 NAG I . 1.38 13.00 24.36
S SO4 J . 11.71 -14.38 14.49
O1 SO4 J . 12.50 -15.22 15.36
O2 SO4 J . 11.80 -14.86 13.14
O3 SO4 J . 10.35 -14.40 14.93
O4 SO4 J . 12.22 -13.04 14.56
S SO4 K . 14.18 -15.30 19.86
O1 SO4 K . 15.38 -15.45 19.08
O2 SO4 K . 13.78 -16.58 20.39
O3 SO4 K . 13.14 -14.76 19.05
O4 SO4 K . 14.44 -14.39 20.96
C1 NAG L . -27.60 0.05 14.23
C2 NAG L . -28.67 1.13 14.07
C3 NAG L . -29.07 1.32 12.61
C4 NAG L . -27.84 1.40 11.68
C5 NAG L . -26.84 0.26 11.93
C6 NAG L . -25.55 0.37 11.12
C7 NAG L . -30.31 1.61 15.84
C8 NAG L . -31.81 1.81 15.83
N2 NAG L . -29.84 0.81 14.88
O3 NAG L . -29.89 2.49 12.52
O4 NAG L . -28.25 1.37 10.31
O5 NAG L . -26.48 0.20 13.32
O6 NAG L . -25.31 1.71 10.68
O7 NAG L . -29.61 2.15 16.68
C1 NAG M . -18.87 -4.77 29.03
C2 NAG M . -17.63 -4.24 28.29
C3 NAG M . -17.34 -2.79 28.72
C4 NAG M . -18.58 -1.91 28.53
C5 NAG M . -19.83 -2.52 29.19
C6 NAG M . -21.11 -1.73 28.86
C7 NAG M . -15.54 -5.17 29.33
C8 NAG M . -14.18 -4.69 28.89
N2 NAG M . -16.50 -5.17 28.40
O3 NAG M . -16.21 -2.23 28.01
O4 NAG M . -18.35 -0.59 29.07
O5 NAG M . -20.00 -3.90 28.81
O6 NAG M . -21.49 -1.87 27.49
O7 NAG M . -15.75 -5.55 30.47
C1 NAG N . -36.43 -17.35 6.56
C2 NAG N . -36.57 -16.05 5.76
C3 NAG N . -37.01 -16.23 4.30
C4 NAG N . -36.66 -17.58 3.66
C5 NAG N . -36.56 -18.74 4.65
C6 NAG N . -35.99 -20.02 4.05
C7 NAG N . -37.10 -14.19 7.25
C8 NAG N . -37.93 -14.00 8.48
N2 NAG N . -37.50 -15.17 6.43
O3 NAG N . -36.41 -15.20 3.50
O4 NAG N . -37.68 -17.86 2.67
O5 NAG N . -35.77 -18.34 5.78
O6 NAG N . -35.47 -19.82 2.72
O7 NAG N . -36.13 -13.49 7.00
O1 PG4 O . -14.94 -25.79 22.02
C1 PG4 O . -15.42 -25.82 20.68
C2 PG4 O . -16.81 -26.40 20.58
O2 PG4 O . -17.37 -26.16 19.29
C3 PG4 O . -17.74 -24.81 19.08
C4 PG4 O . -17.21 -24.36 17.76
O3 PG4 O . -18.23 -23.71 17.01
C5 PG4 O . -18.36 -24.25 15.70
C6 PG4 O . -18.38 -23.17 14.67
O4 PG4 O . -19.63 -22.48 14.67
C7 PG4 O . -19.53 -21.19 14.09
C8 PG4 O . -20.79 -20.43 14.30
O5 PG4 O . -21.08 -19.58 13.20
S SO4 P . -34.50 -24.10 35.75
O1 SO4 P . -33.18 -24.19 35.19
O2 SO4 P . -35.21 -25.33 35.53
O3 SO4 P . -34.40 -23.86 37.17
O4 SO4 P . -35.21 -23.02 35.13
C1 SLB Q . -25.88 -15.49 -11.99
C2 SLB Q . -24.75 -14.77 -12.75
C3 SLB Q . -24.69 -15.29 -14.20
C4 SLB Q . -23.52 -14.71 -14.88
C5 SLB Q . -22.25 -15.09 -14.18
C6 SLB Q . -22.24 -14.54 -12.75
C7 SLB Q . -20.99 -14.98 -12.03
C8 SLB Q . -20.96 -14.48 -10.57
C9 SLB Q . -19.53 -14.24 -10.09
C10 SLB Q . -20.62 -15.16 -16.19
C11 SLB Q . -19.37 -14.66 -16.90
N5 SLB Q . -21.03 -14.61 -14.90
O1A SLB Q . -26.67 -16.29 -12.56
O1B SLB Q . -26.04 -15.29 -10.76
O2 SLB Q . -25.02 -13.43 -12.79
O4 SLB Q . -23.45 -15.19 -16.25
O6 SLB Q . -23.44 -14.98 -12.01
O7 SLB Q . -20.88 -16.39 -12.02
O8 SLB Q . -21.69 -13.28 -10.48
O9 SLB Q . -18.69 -15.31 -10.42
O10 SLB Q . -21.25 -16.01 -16.72
S SO4 R . -4.28 -0.12 -9.35
O1 SO4 R . -5.35 -0.77 -10.04
O2 SO4 R . -3.10 -0.10 -10.18
O3 SO4 R . -3.99 -0.82 -8.13
O4 SO4 R . -4.67 1.23 -9.03
S SO4 S . -22.13 -11.09 0.80
O1 SO4 S . -21.03 -12.02 0.83
O2 SO4 S . -22.25 -10.54 -0.52
O3 SO4 S . -23.34 -11.77 1.15
O4 SO4 S . -21.87 -10.04 1.75
C1 SLB T . -2.01 29.04 15.50
C2 SLB T . -1.83 30.21 14.51
C3 SLB T . -3.09 31.04 14.50
C4 SLB T . -2.96 32.18 13.56
C5 SLB T . -2.55 31.72 12.16
C6 SLB T . -1.29 30.84 12.19
C7 SLB T . -0.74 30.42 10.83
C8 SLB T . -1.81 29.96 9.79
C9 SLB T . -1.79 30.82 8.51
C10 SLB T . -3.17 33.98 10.92
C11 SLB T . -2.71 34.97 9.84
N5 SLB T . -2.31 32.83 11.18
O1A SLB T . -2.64 28.01 15.16
O1B SLB T . -1.51 29.12 16.65
O2 SLB T . -0.80 30.98 14.97
O4 SLB T . -4.26 32.82 13.51
O6 SLB T . -1.48 29.70 13.12
O7 SLB T . 0.01 31.51 10.32
O8 SLB T . -1.64 28.61 9.46
O9 SLB T . -2.60 30.32 7.48
O10 SLB T . -4.18 34.16 11.49
S SO4 U . 18.55 41.61 4.89
O1 SO4 U . 19.80 41.76 5.60
O2 SO4 U . 18.56 40.34 4.21
O3 SO4 U . 17.46 41.64 5.83
O4 SO4 U . 18.40 42.66 3.93
S SO4 V . 9.56 22.34 14.22
O1 SO4 V . 9.73 21.26 15.14
O2 SO4 V . 10.47 22.19 13.13
O3 SO4 V . 8.22 22.34 13.71
O4 SO4 V . 9.81 23.59 14.87
#